data_7Z8B
#
_entry.id   7Z8B
#
_cell.length_a   1.00
_cell.length_b   1.00
_cell.length_c   1.00
_cell.angle_alpha   90.00
_cell.angle_beta   90.00
_cell.angle_gamma   90.00
#
_symmetry.space_group_name_H-M   'P 1'
#
loop_
_entity.id
_entity.type
_entity.pdbx_description
1 polymer Cullin-7
2 polymer 'F-box/WD repeat-containing protein 8'
3 polymer 'E3 ubiquitin-protein ligase RBX1'
4 polymer 'S-phase kinase-associated protein 1'
5 non-polymer 'ZINC ION'
#
loop_
_entity_poly.entity_id
_entity_poly.type
_entity_poly.pdbx_seq_one_letter_code
_entity_poly.pdbx_strand_id
1 'polypeptide(L)'
;GPMVGELRYREFRVPLGPGLHAYPDELIRQRVGHDGHPEYQIRWLILRRGDEGDGGSGQVDCKAEHILLWMSKDEIYANC
HKMLGEDGQVIGPSQESAGEVGALDKSVLEEMETDVKSLIQRALRQLEECVGTIPPAPLLHTVHVLSAYASIEPLTGVFK
DPRVLDLLMHMLSSPDYQIRWSAGRMIQALSSHDAGTRTQILLSLSQQEAIEKHLDFDSRCALLALFAQATLSEHPMSFE
GIQLPQVPGRVLFSLVKRYLHVTSLLDQLNDSAAEPGAQNTSAPEELSGERGQLELEFSMAMGTLISELVQAMRWDQASD
RPRSSARSPGSIFQPQLADVSPGLPAAQAQPSFRRSRRFRPRSEFASGNTYALYVRDTLQPGMRVRMLDDYEEISAGDEG
EFRQSNNGVPPVQVFWESTGRTYWVHWHMLEILGFEEDIEDMVEADEYQGAVASRVLGRALPAWRWRPMTELYAVPYVLP
EDEDTEECEHLTLAEWWELLFFIKKLDGPDHQEVLQILQENLDGEILDDEILAELAVPIELAQDLLLTLPQRLNDSALRD
LINCHVYKKYGPEALAGNQAYPSLLEAQEDVLLLDAQAQAKDSEDAAKVEAKEPPSQSPNTPLQRLVEGYGPAGKILLDL
EQALSSEGTQENKVKPLLLQLQRQPQPFLALMQSLDTPETNRTLHLTVLRILKQLVDFPEALLLPWHEAVDACMACLRSP
NTDREVLQELIFFLHRLTSVSRDYAVVLNQLGARDAISKALEKHLGKLELAQELRDMVFKCEKHAHLYRKLITNILGGCI
QMVLGQIEDHRRTHRPINIPFFDVFLRYLCQGSSVEVKEDKCWEKVEVSSNPHRASKLTDHNPKTYWESNGSAGSHYITL
HMRRGILIRQLTLLVASEDSSYMPARVVVCGGDSTSSLHTELNSVNVMPSASRVILLENLTRFWPIIQIRIKRCQQGGID
TRIRGLEILGPKPTFWPVFREQLCRHTRLFYMVRAQAWSQDMAEDRRSLLHLSSRLNGALRQEQNFADRFLPDDEAAQAL
GKTCWEALVSPVVQNITSPDEDGISPLGWLLDQYLECQEAVFNPQSRGPAFFSRVRRLTHLLVHVEPCEAPPPVVATPRP
KGRNRSHDWSSLATRGLPSSIMRNLTRCWRAVVEKQVNNFLTSSWRDDDFVPRYCEHFNILQNSSSELFGPRAAFLLALQ
NGCAGALLKLPFLKAAHVSEQFARHIDQQIQGSRIGGAQEMERLAQLQQCLQAVLIFSGLEIATTFEHYYQHYMADRLLG
VVSSWLEGAVLEQIGPCFPNRLPQQMLQSLSTSKELQRQFHVYQLQQLDQELLKLEDTEKKIQVGLGASGKEHKSEKEEE
AGAAAVVDVAEGEEEEEENEDLYYEGAMPEVSVLVLSRHSWPVASICHTLNPRTCLPSYLRGTLNRYSNFYNKSQSHPAL
ERGSQRRLQWTWLGWAELQFGNQTLHVSTVQMWLLLYLNDLKAVSVESLLAFSGLSADMLNQAIGPLTSSRGPLDLHEQK
DIPGGVLKIRDGSKEPRSRWDIVRLIPPQTYLQAEGEDGQNLEKRRNLLNCLIVRILKAHGDEGLHIDQLVCLVLEAWQK
GPCPPRGLVSSLGKGSACSSTDVLSCILHLLGKGTLRRHDDRPQVLSYAVPVTVMEPHTESLNPGSSGPNPPLTFHTLQI
RSRGVPYASCTATQSFSTFR
;
C
2 'polypeptide(L)'
;GPMDDYSLDEFRRRWQEELAQAQAPKKRRRPEAAERRARRPEVGSGRGEQASGDPALAQRLLEGAGRPPAARATRAEGQD
VASRSRSPLAREGAGGGEQLVDQLIRDLNEMNDVPFFDIQLPYELAINIFQYLDRKELGRCAQVSKTWKVIAEDEVLWYR
LCQQEGHLPDSSISDYSCWKLIFQECRAKEHMLRTNWKNRKGAVSELEHVPDTVLCDVHSHDGVVIAGYTSGDVRVWDTR
TWDYVAPFLESEDEEDEPGMQPNVSFVRINSSLAVAAYEDGFLNIWDLRTGKYPVHRFEHDARIQALALSQDDATVATAS
AFDVVMLSPNEEGYWQIAAEFEVPKLVQYLEIVPETRRYPVAVAAAGDLMYLLKAEDSARTLLYAHGPPVTCLDVSANQV
AFGVQGLGWVYEGSKILVYSLEAGRRLLKLGNVLRDFTCVNLSDSPPNLMVSGNMDGRVRIHDLRSGNIALSLSAHQLRV
SAVQMDDWKIVSGGEEGLVSVWDYRMNQKLWEVYSGHPVQHISFSSHSLITANVPYQTVMRNADLDSFTTHRRHRGLIRA
YEFAVDQLAFQSPLPVCRSSCDAMATHYYDLALAFPYNHV
;
F
3 'polypeptide(L)'
;MAAAMDVDTPSGTNSGAGKKRFEVKKWNAVALWAWDIVVDNCAICRNHIMDLCIECQANQASATSEECTVAWGVCNHAFH
FHCISRWLKTRQVCPLDNREWEFQKYGH
;
R
4 'polypeptide(L)'
;MPSIKLQSSDGEIFEVDVEIAKQSVTIKTMLEDLGMDDEGDDDPVPLPNVNAAILKKVIQWCTHHKDDPPPPEDDENKEK
RTDDIPVWDQEFLKVDQGTLFELILAANYLDIKGLLDVTCKTVANMIKGKTPEEIRKTFNIKNDFTEEEEAQVRKENQWC
EEK
;
S
#
# COMPACT_ATOMS: atom_id res chain seq x y z
N LEU A 7 32.33 -11.32 26.52
CA LEU A 7 33.68 -10.86 26.86
C LEU A 7 34.74 -11.69 26.16
N ARG A 8 34.80 -12.98 26.51
CA ARG A 8 35.83 -13.85 25.93
C ARG A 8 35.70 -13.94 24.43
N TYR A 9 34.48 -14.05 23.92
CA TYR A 9 34.22 -14.10 22.48
C TYR A 9 33.38 -12.88 22.12
N ARG A 10 34.05 -11.77 21.82
CA ARG A 10 33.36 -10.53 21.48
C ARG A 10 33.08 -10.41 19.99
N GLU A 11 33.83 -11.09 19.14
CA GLU A 11 33.66 -10.99 17.70
C GLU A 11 32.65 -11.97 17.14
N PHE A 12 31.89 -12.64 18.00
CA PHE A 12 30.89 -13.61 17.56
C PHE A 12 29.49 -13.22 18.01
N ARG A 13 29.27 -11.95 18.32
CA ARG A 13 27.97 -11.53 18.82
C ARG A 13 26.96 -11.44 17.71
N VAL A 14 25.70 -11.70 18.05
CA VAL A 14 24.59 -11.74 17.11
C VAL A 14 23.63 -10.62 17.48
N PRO A 15 23.32 -9.69 16.57
CA PRO A 15 22.38 -8.62 16.91
C PRO A 15 20.95 -9.14 16.99
N LEU A 16 20.31 -8.94 18.13
CA LEU A 16 18.94 -9.35 18.35
C LEU A 16 17.95 -8.19 18.22
N GLY A 17 18.42 -7.02 17.80
CA GLY A 17 17.57 -5.86 17.68
C GLY A 17 18.37 -4.58 17.78
N PRO A 18 17.70 -3.47 18.08
CA PRO A 18 18.38 -2.18 18.21
C PRO A 18 19.12 -2.09 19.54
N GLY A 19 20.44 -2.16 19.48
CA GLY A 19 21.25 -2.11 20.69
C GLY A 19 21.03 -3.29 21.60
N LEU A 20 20.99 -4.50 21.04
CA LEU A 20 20.78 -5.70 21.82
C LEU A 20 21.50 -6.85 21.13
N HIS A 21 22.54 -7.38 21.75
CA HIS A 21 23.38 -8.38 21.12
C HIS A 21 23.49 -9.60 22.03
N ALA A 22 23.92 -10.71 21.43
CA ALA A 22 24.07 -11.98 22.13
C ALA A 22 25.49 -12.49 21.95
N TYR A 23 26.12 -12.84 23.06
CA TYR A 23 27.49 -13.32 23.07
C TYR A 23 27.55 -14.77 23.53
N PRO A 24 28.27 -15.64 22.84
CA PRO A 24 28.49 -16.98 23.40
C PRO A 24 29.37 -16.91 24.63
N ASP A 25 29.00 -17.66 25.66
CA ASP A 25 29.65 -17.55 26.95
C ASP A 25 30.43 -18.79 27.35
N GLU A 26 29.80 -19.96 27.36
CA GLU A 26 30.43 -21.10 28.02
C GLU A 26 29.67 -22.37 27.70
N LEU A 27 30.39 -23.49 27.68
CA LEU A 27 29.78 -24.80 27.56
C LEU A 27 29.34 -25.29 28.94
N ILE A 28 28.22 -26.01 28.97
CA ILE A 28 27.66 -26.43 30.25
C ILE A 28 27.54 -27.94 30.32
N ARG A 29 26.78 -28.53 29.41
CA ARG A 29 26.45 -29.94 29.44
C ARG A 29 26.92 -30.62 28.16
N GLN A 30 26.55 -31.89 28.02
CA GLN A 30 26.84 -32.66 26.82
C GLN A 30 25.99 -33.92 26.87
N ARG A 31 25.59 -34.41 25.70
CA ARG A 31 24.79 -35.61 25.59
C ARG A 31 24.88 -36.11 24.16
N VAL A 32 24.18 -37.21 23.88
CA VAL A 32 24.02 -37.71 22.53
C VAL A 32 22.63 -37.35 22.03
N GLY A 33 22.56 -36.80 20.83
CA GLY A 33 21.31 -36.33 20.29
C GLY A 33 20.42 -37.48 19.87
N HIS A 34 19.32 -37.12 19.21
CA HIS A 34 18.44 -38.11 18.62
C HIS A 34 19.03 -38.76 17.38
N ASP A 35 20.10 -38.19 16.82
CA ASP A 35 20.76 -38.73 15.65
C ASP A 35 22.06 -39.46 15.99
N GLY A 36 22.25 -39.80 17.27
CA GLY A 36 23.44 -40.51 17.68
C GLY A 36 24.68 -39.66 17.85
N HIS A 37 24.65 -38.40 17.47
CA HIS A 37 25.82 -37.55 17.52
C HIS A 37 25.85 -36.75 18.82
N PRO A 38 27.00 -36.21 19.19
CA PRO A 38 27.06 -35.39 20.41
C PRO A 38 26.46 -34.01 20.20
N GLU A 39 25.76 -33.54 21.23
CA GLU A 39 25.28 -32.18 21.31
C GLU A 39 25.92 -31.49 22.50
N TYR A 40 25.91 -30.16 22.49
CA TYR A 40 26.55 -29.37 23.53
C TYR A 40 25.63 -28.23 23.91
N GLN A 41 25.30 -28.12 25.18
CA GLN A 41 24.56 -26.97 25.67
C GLN A 41 25.50 -25.79 25.80
N ILE A 42 25.10 -24.65 25.25
CA ILE A 42 25.91 -23.45 25.23
C ILE A 42 25.08 -22.30 25.78
N ARG A 43 25.66 -21.52 26.68
CA ARG A 43 24.99 -20.37 27.26
C ARG A 43 25.36 -19.12 26.50
N TRP A 44 24.36 -18.32 26.15
CA TRP A 44 24.53 -17.03 25.53
C TRP A 44 24.06 -15.95 26.50
N LEU A 45 24.65 -14.76 26.37
CA LEU A 45 24.36 -13.64 27.25
C LEU A 45 23.83 -12.47 26.43
N ILE A 46 22.78 -11.84 26.93
CA ILE A 46 22.09 -10.77 26.21
C ILE A 46 22.40 -9.45 26.90
N LEU A 47 23.10 -8.57 26.18
CA LEU A 47 23.59 -7.32 26.75
C LEU A 47 23.18 -6.15 25.85
N ARG A 48 22.81 -5.04 26.48
CA ARG A 48 22.48 -3.81 25.76
C ARG A 48 23.72 -2.92 25.62
N ALA A 64 21.21 -8.20 31.89
CA ALA A 64 21.97 -9.36 31.45
C ALA A 64 21.19 -10.65 31.69
N GLU A 65 20.64 -11.21 30.63
CA GLU A 65 19.92 -12.46 30.69
C GLU A 65 20.70 -13.56 29.96
N HIS A 66 20.35 -14.81 30.27
CA HIS A 66 21.01 -15.97 29.69
C HIS A 66 20.03 -16.74 28.82
N ILE A 67 20.57 -17.42 27.81
CA ILE A 67 19.78 -18.32 26.96
C ILE A 67 20.59 -19.58 26.74
N LEU A 68 19.98 -20.74 26.97
CA LEU A 68 20.64 -22.02 26.79
C LEU A 68 20.24 -22.62 25.45
N LEU A 69 21.23 -23.06 24.67
CA LEU A 69 21.01 -23.54 23.32
C LEU A 69 21.77 -24.82 23.09
N TRP A 70 21.08 -25.87 22.67
CA TRP A 70 21.74 -27.12 22.27
C TRP A 70 22.26 -26.98 20.85
N MET A 71 23.56 -27.17 20.66
CA MET A 71 24.19 -27.02 19.35
C MET A 71 25.03 -28.25 19.04
N SER A 72 25.03 -28.65 17.77
CA SER A 72 25.91 -29.72 17.33
C SER A 72 27.29 -29.16 17.02
N LYS A 73 28.18 -30.02 16.53
CA LYS A 73 29.55 -29.58 16.25
C LYS A 73 29.59 -28.65 15.04
N ASP A 74 28.78 -28.95 14.02
CA ASP A 74 28.78 -28.11 12.83
C ASP A 74 28.27 -26.71 13.13
N GLU A 75 27.23 -26.60 13.93
CA GLU A 75 26.72 -25.28 14.28
C GLU A 75 27.71 -24.49 15.11
N ILE A 76 28.47 -25.17 15.97
CA ILE A 76 29.51 -24.49 16.74
C ILE A 76 30.61 -24.01 15.80
N TYR A 77 31.04 -24.86 14.88
CA TYR A 77 32.05 -24.43 13.90
C TYR A 77 31.56 -23.24 13.09
N ALA A 78 30.29 -23.22 12.74
CA ALA A 78 29.76 -22.19 11.86
C ALA A 78 29.40 -20.91 12.59
N ASN A 79 29.19 -20.96 13.90
CA ASN A 79 28.77 -19.77 14.65
C ASN A 79 29.84 -19.21 15.56
N CYS A 80 30.56 -20.05 16.30
CA CYS A 80 31.69 -19.60 17.10
C CYS A 80 32.72 -20.72 17.14
N HIS A 81 33.71 -20.65 16.25
CA HIS A 81 34.66 -21.75 16.11
C HIS A 81 35.79 -21.69 17.13
N LYS A 82 35.95 -20.59 17.85
CA LYS A 82 37.00 -20.51 18.86
C LYS A 82 36.77 -21.44 20.04
N MET A 83 35.60 -22.06 20.13
CA MET A 83 35.32 -23.03 21.18
C MET A 83 35.75 -24.43 20.80
N LEU A 84 36.63 -24.58 19.81
CA LEU A 84 37.09 -25.89 19.37
C LEU A 84 38.57 -26.12 19.66
N GLY A 85 39.45 -25.24 19.20
CA GLY A 85 40.87 -25.45 19.41
C GLY A 85 41.46 -26.35 18.35
N GLU A 86 41.74 -27.60 18.71
CA GLU A 86 42.21 -28.61 17.78
C GLU A 86 41.13 -29.59 17.36
N ASP A 87 40.22 -29.94 18.27
CA ASP A 87 39.15 -30.89 18.01
C ASP A 87 37.95 -30.47 18.86
N GLY A 88 36.98 -31.37 18.98
CA GLY A 88 35.84 -31.11 19.84
C GLY A 88 36.24 -30.77 21.25
N GLN A 89 35.69 -29.68 21.80
CA GLN A 89 36.06 -29.22 23.13
C GLN A 89 35.67 -30.22 24.21
N VAL A 116 34.71 -45.05 58.74
CA VAL A 116 33.99 -44.88 57.49
C VAL A 116 32.56 -45.38 57.64
N LYS A 117 32.39 -46.49 58.35
CA LYS A 117 31.07 -47.06 58.61
C LYS A 117 30.56 -46.70 60.00
N SER A 118 31.40 -46.81 61.02
CA SER A 118 30.93 -46.56 62.38
C SER A 118 30.64 -45.09 62.62
N LEU A 119 31.27 -44.20 61.85
CA LEU A 119 30.91 -42.78 61.92
C LEU A 119 29.44 -42.56 61.57
N ILE A 120 28.93 -43.32 60.60
CA ILE A 120 27.51 -43.30 60.31
C ILE A 120 26.72 -44.17 61.28
N GLN A 121 27.38 -45.13 61.92
CA GLN A 121 26.71 -46.00 62.89
C GLN A 121 26.73 -45.44 64.31
N ARG A 122 27.68 -44.56 64.63
CA ARG A 122 27.75 -44.00 65.97
C ARG A 122 26.61 -43.03 66.25
N ALA A 123 26.02 -42.44 65.21
CA ALA A 123 24.93 -41.49 65.41
C ALA A 123 23.64 -42.15 65.88
N LEU A 124 23.56 -43.48 65.82
CA LEU A 124 22.37 -44.20 66.25
C LEU A 124 22.27 -44.24 67.77
N THR A 142 26.59 -36.15 69.48
CA THR A 142 27.20 -37.10 68.56
C THR A 142 26.92 -36.72 67.11
N VAL A 143 26.88 -35.40 66.85
CA VAL A 143 26.64 -34.91 65.50
C VAL A 143 27.89 -34.32 64.86
N HIS A 144 28.87 -33.86 65.65
CA HIS A 144 30.12 -33.38 65.08
C HIS A 144 30.87 -34.51 64.35
N VAL A 145 30.75 -35.73 64.85
CA VAL A 145 31.35 -36.88 64.16
C VAL A 145 30.73 -37.03 62.77
N LEU A 146 29.40 -36.96 62.70
CA LEU A 146 28.73 -37.07 61.40
C LEU A 146 29.07 -35.91 60.48
N SER A 147 29.25 -34.71 61.04
CA SER A 147 29.62 -33.57 60.21
C SER A 147 31.02 -33.74 59.63
N ALA A 148 31.98 -34.16 60.47
CA ALA A 148 33.33 -34.41 59.99
C ALA A 148 33.35 -35.58 59.00
N TYR A 149 32.40 -36.50 59.14
CA TYR A 149 32.26 -37.58 58.16
C TYR A 149 31.79 -37.03 56.81
N ALA A 150 30.68 -36.30 56.81
CA ALA A 150 30.17 -35.69 55.59
C ALA A 150 31.14 -34.69 55.00
N SER A 151 32.16 -34.27 55.75
CA SER A 151 33.22 -33.45 55.18
C SER A 151 34.00 -34.19 54.10
N ILE A 152 34.02 -35.53 54.16
CA ILE A 152 34.75 -36.29 53.14
C ILE A 152 34.06 -36.18 51.79
N GLU A 153 34.81 -36.53 50.73
CA GLU A 153 34.27 -36.40 49.38
C GLU A 153 33.15 -37.41 49.10
N PRO A 154 33.41 -38.71 49.16
CA PRO A 154 32.36 -39.69 48.83
C PRO A 154 31.56 -40.21 50.00
N LEU A 155 31.81 -39.70 51.21
CA LEU A 155 31.19 -40.26 52.41
C LEU A 155 29.66 -40.16 52.34
N THR A 156 29.13 -38.94 52.25
CA THR A 156 27.69 -38.77 52.21
C THR A 156 27.09 -39.32 50.93
N GLY A 157 27.84 -39.29 49.83
CA GLY A 157 27.35 -39.87 48.59
C GLY A 157 27.06 -41.35 48.73
N VAL A 158 28.01 -42.10 49.31
CA VAL A 158 27.78 -43.52 49.54
C VAL A 158 26.76 -43.74 50.65
N PHE A 159 26.75 -42.86 51.65
CA PHE A 159 25.83 -43.00 52.78
C PHE A 159 24.41 -42.56 52.46
N LYS A 160 24.16 -42.06 51.25
CA LYS A 160 22.80 -41.68 50.86
C LYS A 160 21.78 -42.77 51.16
N ASP A 161 22.16 -44.03 50.98
CA ASP A 161 21.22 -45.13 51.21
C ASP A 161 21.01 -45.41 52.70
N PRO A 162 22.07 -45.64 53.51
CA PRO A 162 21.84 -46.08 54.89
C PRO A 162 21.27 -45.02 55.82
N ARG A 163 19.98 -44.74 55.67
CA ARG A 163 19.19 -43.95 56.63
C ARG A 163 19.76 -42.56 56.89
N VAL A 164 20.64 -42.07 56.01
CA VAL A 164 21.11 -40.70 56.14
C VAL A 164 19.95 -39.73 55.99
N LEU A 165 18.89 -40.13 55.29
CA LEU A 165 17.69 -39.32 55.22
C LEU A 165 17.13 -39.05 56.61
N ASP A 166 16.82 -40.11 57.35
CA ASP A 166 16.31 -39.95 58.71
C ASP A 166 17.33 -39.30 59.63
N LEU A 167 18.62 -39.54 59.37
CA LEU A 167 19.66 -38.94 60.21
C LEU A 167 19.65 -37.43 60.08
N LEU A 168 19.72 -36.91 58.84
CA LEU A 168 19.67 -35.47 58.64
C LEU A 168 18.30 -34.90 58.97
N MET A 169 17.25 -35.71 58.93
CA MET A 169 15.93 -35.27 59.37
C MET A 169 15.94 -34.97 60.87
N HIS A 170 16.32 -35.96 61.67
CA HIS A 170 16.40 -35.76 63.11
C HIS A 170 17.44 -34.71 63.48
N MET A 171 18.44 -34.50 62.62
CA MET A 171 19.43 -33.46 62.89
C MET A 171 18.85 -32.08 62.62
N LEU A 172 18.02 -31.95 61.59
CA LEU A 172 17.35 -30.67 61.33
C LEU A 172 16.38 -30.31 62.46
N SER A 173 15.85 -31.32 63.15
CA SER A 173 14.95 -31.10 64.27
C SER A 173 15.72 -30.91 65.57
N TYR A 177 23.40 -23.38 65.15
CA TYR A 177 23.90 -23.50 63.79
C TYR A 177 24.69 -24.80 63.61
N GLN A 178 24.27 -25.84 64.34
CA GLN A 178 24.94 -27.13 64.22
C GLN A 178 24.54 -27.84 62.92
N ILE A 179 23.28 -27.71 62.52
CA ILE A 179 22.82 -28.27 61.25
C ILE A 179 23.46 -27.59 60.05
N ARG A 180 24.12 -26.45 60.24
CA ARG A 180 24.76 -25.75 59.13
C ARG A 180 25.77 -26.65 58.43
N TRP A 181 26.72 -27.20 59.19
CA TRP A 181 27.72 -28.08 58.60
C TRP A 181 27.07 -29.34 58.02
N SER A 182 26.14 -29.95 58.76
CA SER A 182 25.54 -31.20 58.33
C SER A 182 24.79 -31.03 57.01
N ALA A 183 24.21 -29.86 56.77
CA ALA A 183 23.47 -29.61 55.54
C ALA A 183 24.31 -28.96 54.45
N GLY A 184 25.47 -28.41 54.80
CA GLY A 184 26.30 -27.78 53.79
C GLY A 184 27.37 -28.70 53.24
N ARG A 185 27.77 -29.71 54.02
CA ARG A 185 28.84 -30.61 53.60
C ARG A 185 28.48 -31.34 52.31
N MET A 186 27.39 -32.11 52.34
CA MET A 186 27.01 -32.89 51.18
C MET A 186 26.51 -32.00 50.04
N ILE A 187 25.74 -30.96 50.36
CA ILE A 187 25.23 -30.07 49.33
C ILE A 187 26.37 -29.36 48.61
N GLN A 188 27.49 -29.13 49.30
CA GLN A 188 28.68 -28.59 48.66
C GLN A 188 29.59 -29.67 48.11
N ALA A 189 29.61 -30.84 48.74
CA ALA A 189 30.45 -31.95 48.30
C ALA A 189 29.93 -33.28 48.85
N THR A 199 20.91 -32.49 43.75
CA THR A 199 19.57 -32.32 43.23
C THR A 199 18.68 -33.49 43.64
N GLN A 200 19.25 -34.70 43.67
CA GLN A 200 18.48 -35.85 44.13
C GLN A 200 18.45 -35.93 45.65
N ILE A 201 19.44 -35.35 46.33
CA ILE A 201 19.42 -35.28 47.79
C ILE A 201 18.26 -34.42 48.26
N LEU A 202 18.15 -33.21 47.69
CA LEU A 202 17.06 -32.32 48.07
C LEU A 202 15.71 -32.90 47.69
N LEU A 203 15.64 -33.68 46.60
CA LEU A 203 14.40 -34.34 46.27
C LEU A 203 14.04 -35.40 47.30
N SER A 204 15.03 -36.19 47.72
CA SER A 204 14.80 -37.16 48.80
C SER A 204 14.30 -36.46 50.05
N LEU A 205 14.87 -35.30 50.36
CA LEU A 205 14.44 -34.55 51.54
C LEU A 205 13.00 -34.08 51.40
N SER A 206 12.66 -33.45 50.27
CA SER A 206 11.40 -32.74 50.11
C SER A 206 10.18 -33.64 50.14
N GLN A 207 10.33 -34.96 50.00
CA GLN A 207 9.21 -35.88 50.05
C GLN A 207 9.17 -36.71 51.31
N GLN A 208 9.93 -36.32 52.34
CA GLN A 208 9.88 -37.01 53.61
C GLN A 208 8.49 -36.89 54.22
N GLU A 209 7.95 -38.02 54.67
CA GLU A 209 6.58 -38.04 55.18
C GLU A 209 6.43 -37.15 56.41
N ALA A 210 7.47 -37.07 57.25
CA ALA A 210 7.44 -36.24 58.44
C ALA A 210 8.05 -34.86 58.21
N ILE A 211 8.01 -34.36 56.98
CA ILE A 211 8.62 -33.06 56.69
C ILE A 211 7.87 -31.94 57.40
N GLU A 212 6.54 -32.01 57.41
CA GLU A 212 5.73 -30.99 58.05
C GLU A 212 4.87 -31.50 59.19
N LYS A 213 4.78 -32.82 59.38
CA LYS A 213 3.98 -33.36 60.47
C LYS A 213 4.73 -33.32 61.80
N HIS A 214 5.99 -33.73 61.81
CA HIS A 214 6.77 -33.87 63.03
C HIS A 214 7.72 -32.72 63.28
N LEU A 215 7.69 -31.68 62.46
CA LEU A 215 8.65 -30.58 62.57
C LEU A 215 7.97 -29.33 63.13
N ASP A 216 8.81 -28.40 63.58
CA ASP A 216 8.36 -27.13 64.14
C ASP A 216 8.27 -26.09 63.04
N PHE A 217 8.09 -24.83 63.44
CA PHE A 217 7.99 -23.73 62.48
C PHE A 217 9.35 -23.14 62.14
N ASP A 218 10.32 -23.20 63.05
CA ASP A 218 11.63 -22.61 62.79
C ASP A 218 12.45 -23.49 61.85
N SER A 219 12.52 -24.79 62.13
CA SER A 219 13.22 -25.70 61.24
C SER A 219 12.53 -25.78 59.87
N ARG A 220 11.21 -25.56 59.85
CA ARG A 220 10.50 -25.50 58.59
C ARG A 220 11.02 -24.36 57.73
N CYS A 221 11.13 -23.16 58.31
CA CYS A 221 11.67 -22.03 57.57
C CYS A 221 13.14 -22.23 57.24
N ALA A 222 13.87 -23.00 58.05
CA ALA A 222 15.25 -23.33 57.70
C ALA A 222 15.30 -24.19 56.44
N LEU A 223 14.47 -25.22 56.38
CA LEU A 223 14.37 -26.04 55.18
C LEU A 223 13.97 -25.21 53.97
N LEU A 224 13.01 -24.31 54.15
CA LEU A 224 12.58 -23.48 53.03
C LEU A 224 13.69 -22.55 52.56
N ALA A 225 14.50 -22.04 53.49
CA ALA A 225 15.65 -21.23 53.09
C ALA A 225 16.67 -22.06 52.33
N LEU A 226 16.89 -23.29 52.76
CA LEU A 226 17.76 -24.20 52.02
C LEU A 226 17.27 -24.38 50.59
N PHE A 227 15.98 -24.67 50.44
CA PHE A 227 15.42 -24.87 49.11
C PHE A 227 15.52 -23.62 48.26
N ALA A 228 15.17 -22.46 48.82
CA ALA A 228 15.29 -21.21 48.10
C ALA A 228 16.74 -20.93 47.68
N GLN A 229 17.70 -21.45 48.44
CA GLN A 229 19.09 -21.35 48.02
C GLN A 229 19.40 -22.32 46.89
N ALA A 230 18.78 -23.50 46.91
CA ALA A 230 19.09 -24.51 45.91
C ALA A 230 18.56 -24.14 44.54
N THR A 231 17.37 -23.56 44.48
CA THR A 231 16.68 -23.30 43.21
C THR A 231 16.89 -21.88 42.70
N LEU A 232 18.02 -21.27 43.02
CA LEU A 232 18.29 -19.92 42.55
C LEU A 232 18.84 -19.95 41.12
N SER A 233 18.66 -18.83 40.42
CA SER A 233 19.13 -18.69 39.05
C SER A 233 20.18 -17.58 38.99
N GLU A 234 21.23 -17.82 38.21
CA GLU A 234 22.28 -16.82 38.05
C GLU A 234 21.79 -15.56 37.38
N HIS A 235 20.66 -15.63 36.66
CA HIS A 235 20.13 -14.47 35.96
C HIS A 235 18.62 -14.60 35.88
N PRO A 236 17.91 -14.14 36.89
CA PRO A 236 16.44 -14.21 36.88
C PRO A 236 15.86 -13.15 35.95
N MET A 237 14.54 -13.08 35.94
CA MET A 237 13.81 -12.13 35.11
C MET A 237 12.93 -11.25 36.00
N SER A 238 12.61 -10.06 35.50
CA SER A 238 11.77 -9.14 36.26
C SER A 238 10.38 -9.73 36.45
N PHE A 239 9.90 -9.70 37.68
CA PHE A 239 8.57 -10.19 38.00
C PHE A 239 7.63 -9.12 38.51
N GLU A 240 8.04 -7.85 38.52
CA GLU A 240 7.23 -6.78 39.09
C GLU A 240 6.24 -6.27 38.04
N GLY A 241 5.44 -7.19 37.51
CA GLY A 241 4.34 -6.83 36.64
C GLY A 241 3.11 -7.67 36.90
N ILE A 242 3.19 -8.56 37.89
CA ILE A 242 2.10 -9.49 38.20
C ILE A 242 1.90 -9.51 39.71
N GLN A 243 0.70 -9.96 40.10
CA GLN A 243 0.31 -10.04 41.50
C GLN A 243 0.73 -11.40 42.03
N LEU A 244 1.86 -11.45 42.71
CA LEU A 244 2.30 -12.69 43.32
C LEU A 244 1.38 -13.05 44.48
N PRO A 245 1.00 -14.31 44.62
CA PRO A 245 0.02 -14.69 45.63
C PRO A 245 0.65 -14.82 47.01
N GLN A 246 -0.23 -15.02 48.00
CA GLN A 246 0.17 -15.28 49.37
C GLN A 246 -0.32 -16.66 49.76
N VAL A 247 0.60 -17.53 50.16
CA VAL A 247 0.28 -18.94 50.42
C VAL A 247 1.00 -19.40 51.68
N PRO A 248 0.47 -20.42 52.34
CA PRO A 248 1.12 -20.98 53.51
C PRO A 248 2.29 -21.89 53.12
N GLY A 249 2.93 -22.48 54.13
CA GLY A 249 4.14 -23.23 53.90
C GLY A 249 3.92 -24.51 53.12
N ARG A 250 2.82 -25.21 53.40
CA ARG A 250 2.58 -26.51 52.76
C ARG A 250 2.49 -26.38 51.25
N VAL A 251 1.93 -25.26 50.76
CA VAL A 251 1.85 -25.04 49.32
C VAL A 251 3.25 -24.94 48.73
N LEU A 252 4.14 -24.21 49.40
CA LEU A 252 5.51 -24.09 48.92
C LEU A 252 6.23 -25.43 48.98
N PHE A 253 5.96 -26.23 50.01
CA PHE A 253 6.59 -27.54 50.10
C PHE A 253 6.17 -28.43 48.93
N SER A 254 4.87 -28.45 48.63
CA SER A 254 4.40 -29.27 47.51
C SER A 254 4.96 -28.77 46.19
N LEU A 255 5.02 -27.44 46.01
CA LEU A 255 5.56 -26.89 44.77
C LEU A 255 7.02 -27.27 44.60
N VAL A 256 7.81 -27.14 45.66
CA VAL A 256 9.22 -27.50 45.60
C VAL A 256 9.38 -28.97 45.28
N LYS A 257 8.53 -29.82 45.88
CA LYS A 257 8.60 -31.25 45.59
C LYS A 257 8.37 -31.52 44.11
N ARG A 258 7.29 -30.96 43.55
CA ARG A 258 7.01 -31.19 42.14
C ARG A 258 8.14 -30.67 41.25
N TYR A 259 8.66 -29.49 41.56
CA TYR A 259 9.70 -28.89 40.74
C TYR A 259 10.96 -29.74 40.75
N LEU A 260 11.40 -30.19 41.92
CA LEU A 260 12.60 -30.99 42.00
C LEU A 260 12.40 -32.36 41.35
N HIS A 261 11.20 -32.93 41.47
CA HIS A 261 10.93 -34.19 40.79
C HIS A 261 11.05 -34.03 39.28
N VAL A 262 10.50 -32.94 38.74
CA VAL A 262 10.57 -32.72 37.30
C VAL A 262 12.02 -32.52 36.87
N THR A 263 12.79 -31.76 37.66
CA THR A 263 14.19 -31.54 37.30
C THR A 263 14.98 -32.84 37.31
N SER A 264 14.73 -33.71 38.30
CA SER A 264 15.41 -34.99 38.34
C SER A 264 15.05 -35.85 37.13
N LEU A 265 13.76 -35.90 36.78
CA LEU A 265 13.37 -36.70 35.62
C LEU A 265 14.00 -36.16 34.35
N LEU A 266 14.10 -34.84 34.24
CA LEU A 266 14.70 -34.25 33.04
C LEU A 266 16.17 -34.62 32.93
N ASP A 267 16.94 -34.44 34.01
CA ASP A 267 18.36 -34.76 33.89
C ASP A 267 18.58 -36.26 33.70
N GLN A 268 17.69 -37.10 34.24
CA GLN A 268 17.73 -38.52 33.91
C GLN A 268 17.51 -38.73 32.42
N LEU A 269 16.58 -37.99 31.82
CA LEU A 269 16.35 -38.11 30.39
C LEU A 269 17.57 -37.71 29.58
N ASN A 270 18.32 -36.72 30.06
CA ASN A 270 19.46 -36.24 29.29
C ASN A 270 20.58 -37.29 29.25
N ASP A 271 20.89 -37.90 30.38
CA ASP A 271 22.01 -38.84 30.43
C ASP A 271 21.67 -40.21 29.88
N SER A 272 20.47 -40.42 29.36
CA SER A 272 20.10 -41.72 28.79
C SER A 272 20.11 -41.66 27.27
N GLY A 289 11.54 -49.19 25.35
CA GLY A 289 11.14 -49.95 26.54
C GLY A 289 11.20 -49.12 27.80
N GLU A 290 12.42 -48.86 28.29
CA GLU A 290 12.57 -48.08 29.50
C GLU A 290 12.46 -46.58 29.23
N ARG A 291 12.95 -46.12 28.07
CA ARG A 291 12.87 -44.70 27.77
C ARG A 291 11.45 -44.24 27.53
N GLY A 292 10.59 -45.11 26.99
CA GLY A 292 9.17 -44.78 26.92
C GLY A 292 8.58 -44.52 28.29
N GLN A 293 8.95 -45.35 29.26
CA GLN A 293 8.48 -45.16 30.62
C GLN A 293 9.03 -43.87 31.20
N LEU A 294 10.30 -43.57 30.93
CA LEU A 294 10.89 -42.32 31.42
C LEU A 294 10.15 -41.11 30.85
N GLU A 295 9.83 -41.14 29.56
CA GLU A 295 9.14 -40.02 28.94
C GLU A 295 7.71 -39.89 29.47
N LEU A 296 7.03 -41.01 29.71
CA LEU A 296 5.70 -40.95 30.29
C LEU A 296 5.75 -40.34 31.69
N GLU A 297 6.68 -40.81 32.52
CA GLU A 297 6.82 -40.25 33.86
C GLU A 297 7.13 -38.76 33.81
N PHE A 298 7.99 -38.36 32.88
CA PHE A 298 8.31 -36.93 32.76
C PHE A 298 7.09 -36.11 32.39
N SER A 299 6.31 -36.60 31.41
CA SER A 299 5.13 -35.85 31.00
C SER A 299 4.13 -35.72 32.13
N MET A 300 3.87 -36.81 32.85
CA MET A 300 2.93 -36.74 33.96
C MET A 300 3.43 -35.82 35.06
N ALA A 301 4.73 -35.87 35.34
CA ALA A 301 5.31 -35.01 36.38
C ALA A 301 5.15 -33.55 36.02
N MET A 302 5.49 -33.18 34.78
CA MET A 302 5.37 -31.78 34.40
C MET A 302 3.91 -31.34 34.32
N GLY A 303 3.00 -32.24 33.93
CA GLY A 303 1.59 -31.91 33.99
C GLY A 303 1.14 -31.57 35.39
N THR A 304 1.54 -32.41 36.36
CA THR A 304 1.17 -32.15 37.76
C THR A 304 1.78 -30.85 38.25
N LEU A 305 3.02 -30.56 37.84
CA LEU A 305 3.65 -29.31 38.25
C LEU A 305 2.88 -28.11 37.70
N ILE A 306 2.52 -28.15 36.42
CA ILE A 306 1.79 -27.04 35.82
C ILE A 306 0.45 -26.86 36.52
N SER A 307 -0.25 -27.96 36.81
CA SER A 307 -1.55 -27.85 37.45
C SER A 307 -1.44 -27.23 38.83
N GLU A 308 -0.50 -27.71 39.65
CA GLU A 308 -0.34 -27.17 40.99
C GLU A 308 0.06 -25.71 40.95
N LEU A 309 0.98 -25.35 40.05
CA LEU A 309 1.42 -23.96 39.97
C LEU A 309 0.29 -23.03 39.57
N VAL A 310 -0.49 -23.42 38.55
CA VAL A 310 -1.54 -22.53 38.08
C VAL A 310 -2.63 -22.39 39.14
N GLN A 311 -2.95 -23.48 39.85
CA GLN A 311 -3.94 -23.36 40.92
C GLN A 311 -3.42 -22.51 42.06
N ALA A 312 -2.13 -22.64 42.40
CA ALA A 312 -1.57 -21.84 43.48
C ALA A 312 -1.57 -20.36 43.14
N MET A 313 -1.29 -20.01 41.90
CA MET A 313 -1.33 -18.60 41.53
C MET A 313 -2.73 -18.12 41.19
N ARG A 314 -3.74 -19.00 41.25
CA ARG A 314 -5.14 -18.62 41.08
C ARG A 314 -5.37 -17.92 39.75
N TRP A 315 -4.77 -18.45 38.68
CA TRP A 315 -4.95 -17.89 37.36
C TRP A 315 -6.25 -18.30 36.70
N ASP A 316 -7.00 -19.23 37.29
CA ASP A 316 -8.25 -19.70 36.69
C ASP A 316 -9.46 -19.11 37.38
N ALA A 463 -12.95 -16.72 7.96
CA ALA A 463 -11.56 -16.31 7.83
C ALA A 463 -11.44 -15.01 7.05
N TRP A 464 -12.57 -14.53 6.54
CA TRP A 464 -12.61 -13.28 5.81
C TRP A 464 -12.66 -12.11 6.79
N ARG A 465 -11.91 -11.06 6.48
CA ARG A 465 -11.93 -9.83 7.28
C ARG A 465 -11.12 -8.78 6.55
N TRP A 466 -11.51 -7.52 6.74
CA TRP A 466 -10.70 -6.42 6.27
C TRP A 466 -9.40 -6.40 7.05
N ARG A 467 -8.37 -5.83 6.45
CA ARG A 467 -7.11 -5.68 7.17
C ARG A 467 -6.34 -4.51 6.57
N PRO A 468 -5.42 -3.91 7.33
CA PRO A 468 -4.75 -2.70 6.84
C PRO A 468 -4.07 -2.94 5.50
N MET A 469 -4.01 -1.89 4.69
CA MET A 469 -3.46 -2.02 3.34
C MET A 469 -1.94 -2.18 3.35
N THR A 470 -1.28 -1.84 4.45
CA THR A 470 0.16 -2.01 4.53
C THR A 470 0.56 -3.45 4.87
N GLU A 471 -0.37 -4.26 5.35
CA GLU A 471 -0.12 -5.66 5.66
C GLU A 471 -0.56 -6.58 4.54
N LEU A 472 -0.52 -6.10 3.30
CA LEU A 472 -1.07 -6.87 2.18
C LEU A 472 -0.31 -8.18 1.98
N TYR A 473 1.01 -8.12 1.90
CA TYR A 473 1.83 -9.28 1.64
C TYR A 473 2.92 -9.42 2.68
N ALA A 474 2.57 -9.22 3.95
CA ALA A 474 3.56 -9.19 5.01
C ALA A 474 3.71 -10.51 5.75
N VAL A 475 2.77 -11.44 5.60
CA VAL A 475 2.78 -12.70 6.33
C VAL A 475 3.26 -13.80 5.38
N PRO A 476 4.27 -14.58 5.75
CA PRO A 476 4.73 -15.67 4.88
C PRO A 476 3.62 -16.67 4.59
N TYR A 477 3.67 -17.23 3.39
CA TYR A 477 2.68 -18.20 2.93
C TYR A 477 3.28 -19.59 2.97
N VAL A 478 2.53 -20.55 3.49
CA VAL A 478 2.97 -21.93 3.60
C VAL A 478 2.09 -22.78 2.71
N LEU A 479 2.72 -23.57 1.83
CA LEU A 479 1.97 -24.39 0.90
C LEU A 479 1.10 -25.39 1.66
N PRO A 480 -0.17 -25.54 1.31
CA PRO A 480 -1.06 -26.43 2.07
C PRO A 480 -0.67 -27.89 1.86
N GLU A 481 -1.31 -28.74 2.66
CA GLU A 481 -1.08 -30.18 2.61
C GLU A 481 -2.32 -30.95 3.05
N GLU A 489 -9.72 -41.40 13.40
CA GLU A 489 -10.79 -41.98 14.20
C GLU A 489 -10.26 -42.53 15.52
N HIS A 490 -9.05 -42.11 15.88
CA HIS A 490 -8.38 -42.58 17.08
C HIS A 490 -7.74 -41.40 17.79
N LEU A 491 -7.59 -41.53 19.10
CA LEU A 491 -7.04 -40.46 19.92
C LEU A 491 -5.52 -40.45 19.84
N THR A 492 -4.95 -39.28 19.59
CA THR A 492 -3.50 -39.13 19.56
C THR A 492 -2.92 -39.34 20.96
N LEU A 493 -1.65 -39.73 20.99
CA LEU A 493 -1.01 -40.05 22.26
C LEU A 493 -1.09 -38.88 23.24
N ALA A 494 -0.95 -37.65 22.74
CA ALA A 494 -1.08 -36.47 23.60
C ALA A 494 -2.46 -36.40 24.21
N GLU A 495 -3.50 -36.52 23.38
CA GLU A 495 -4.87 -36.39 23.86
C GLU A 495 -5.24 -37.56 24.78
N TRP A 496 -4.71 -38.75 24.52
CA TRP A 496 -5.00 -39.87 25.39
C TRP A 496 -4.26 -39.74 26.73
N TRP A 497 -3.09 -39.10 26.73
CA TRP A 497 -2.38 -38.88 27.98
C TRP A 497 -3.04 -37.79 28.81
N GLU A 498 -3.61 -36.78 28.15
CA GLU A 498 -4.37 -35.76 28.88
C GLU A 498 -5.52 -36.36 29.67
N LEU A 499 -6.04 -37.50 29.23
CA LEU A 499 -7.13 -38.19 29.90
C LEU A 499 -6.64 -39.24 30.89
N LEU A 500 -5.55 -39.92 30.55
CA LEU A 500 -4.92 -40.82 31.51
C LEU A 500 -4.47 -40.07 32.74
N PHE A 501 -4.11 -38.80 32.60
CA PHE A 501 -3.71 -38.00 33.75
C PHE A 501 -4.83 -37.91 34.78
N PHE A 502 -6.07 -37.75 34.32
CA PHE A 502 -7.20 -37.70 35.23
C PHE A 502 -7.65 -39.09 35.68
N ILE A 503 -7.48 -40.09 34.81
CA ILE A 503 -7.83 -41.45 35.21
C ILE A 503 -6.92 -41.93 36.34
N LYS A 504 -5.67 -41.47 36.37
CA LYS A 504 -4.71 -41.91 37.37
C LYS A 504 -4.89 -41.24 38.73
N LYS A 505 -5.98 -40.53 38.97
CA LYS A 505 -6.20 -39.90 40.27
C LYS A 505 -7.60 -40.19 40.80
N LEU A 506 -8.15 -41.35 40.47
CA LEU A 506 -9.45 -41.77 40.97
C LEU A 506 -9.28 -42.65 42.21
N ASP A 507 -10.35 -42.73 42.99
CA ASP A 507 -10.37 -43.61 44.15
C ASP A 507 -10.52 -45.06 43.71
N GLY A 508 -10.08 -45.97 44.58
CA GLY A 508 -10.12 -47.39 44.34
C GLY A 508 -11.39 -47.89 43.67
N PRO A 509 -12.55 -47.57 44.25
CA PRO A 509 -13.81 -47.95 43.58
C PRO A 509 -13.97 -47.31 42.21
N ASP A 510 -13.83 -45.99 42.12
CA ASP A 510 -14.00 -45.32 40.83
C ASP A 510 -12.91 -45.74 39.85
N HIS A 511 -11.68 -45.89 40.32
CA HIS A 511 -10.60 -46.38 39.45
C HIS A 511 -10.93 -47.76 38.90
N GLN A 512 -11.42 -48.66 39.75
CA GLN A 512 -11.78 -50.00 39.32
C GLN A 512 -12.91 -49.96 38.30
N GLU A 513 -13.92 -49.14 38.56
CA GLU A 513 -15.07 -49.05 37.65
C GLU A 513 -14.65 -48.50 36.30
N VAL A 514 -13.78 -47.49 36.29
CA VAL A 514 -13.35 -46.90 35.03
C VAL A 514 -12.44 -47.86 34.27
N LEU A 515 -11.58 -48.59 34.98
CA LEU A 515 -10.77 -49.59 34.30
C LEU A 515 -11.62 -50.73 33.76
N GLN A 516 -12.73 -51.04 34.43
CA GLN A 516 -13.67 -52.03 33.90
C GLN A 516 -14.34 -51.54 32.63
N ILE A 517 -14.81 -50.28 32.64
CA ILE A 517 -15.40 -49.70 31.43
C ILE A 517 -14.37 -49.69 30.30
N LEU A 518 -13.10 -49.47 30.62
CA LEU A 518 -12.06 -49.54 29.60
C LEU A 518 -11.92 -50.95 29.05
N GLN A 519 -11.79 -51.93 29.95
CA GLN A 519 -11.65 -53.33 29.56
C GLN A 519 -12.86 -53.82 28.77
N GLU A 520 -14.01 -53.17 28.94
CA GLU A 520 -15.22 -53.57 28.19
C GLU A 520 -14.98 -53.49 26.70
N ASN A 521 -14.69 -52.29 26.19
CA ASN A 521 -14.43 -52.13 24.77
C ASN A 521 -13.07 -52.70 24.39
N LEU A 522 -12.01 -52.17 25.00
CA LEU A 522 -10.67 -52.68 24.76
C LEU A 522 -10.47 -54.00 25.49
N ASP A 523 -10.70 -55.11 24.79
CA ASP A 523 -10.59 -56.42 25.39
C ASP A 523 -9.14 -56.74 25.74
N GLY A 524 -8.98 -57.65 26.70
CA GLY A 524 -7.67 -58.10 27.14
C GLY A 524 -7.44 -57.82 28.61
N GLU A 525 -6.18 -57.53 28.93
CA GLU A 525 -5.77 -57.14 30.28
C GLU A 525 -5.30 -55.70 30.27
N ILE A 526 -5.06 -55.16 31.47
CA ILE A 526 -4.66 -53.77 31.65
C ILE A 526 -3.41 -53.78 32.52
N LEU A 527 -2.26 -53.59 31.89
CA LEU A 527 -0.98 -53.52 32.58
C LEU A 527 -0.45 -52.09 32.54
N ASP A 528 0.36 -51.75 33.55
CA ASP A 528 0.95 -50.41 33.61
C ASP A 528 1.70 -50.08 32.33
N ASP A 529 2.58 -50.98 31.89
CA ASP A 529 3.29 -50.79 30.63
C ASP A 529 2.38 -50.91 29.42
N GLU A 530 1.12 -51.31 29.61
CA GLU A 530 0.17 -51.45 28.51
C GLU A 530 -0.84 -50.31 28.45
N ILE A 531 -1.40 -49.91 29.60
CA ILE A 531 -2.39 -48.83 29.63
C ILE A 531 -1.83 -47.55 29.04
N LEU A 532 -0.53 -47.31 29.21
CA LEU A 532 0.07 -46.09 28.70
C LEU A 532 0.67 -46.23 27.32
N ALA A 533 1.10 -47.43 26.93
CA ALA A 533 1.94 -47.59 25.75
C ALA A 533 1.25 -47.12 24.48
N GLU A 534 0.19 -47.81 24.07
CA GLU A 534 -0.68 -47.28 23.02
C GLU A 534 -2.11 -47.09 23.51
N LEU A 535 -2.73 -48.15 24.04
CA LEU A 535 -4.11 -48.13 24.52
C LEU A 535 -5.00 -47.30 23.61
N ALA A 536 -4.95 -47.61 22.31
CA ALA A 536 -5.64 -46.79 21.32
C ALA A 536 -7.14 -46.81 21.58
N VAL A 537 -7.68 -45.67 21.99
CA VAL A 537 -9.11 -45.57 22.31
C VAL A 537 -9.86 -44.98 21.13
N PRO A 538 -11.07 -45.44 20.86
CA PRO A 538 -11.92 -44.78 19.87
C PRO A 538 -12.59 -43.55 20.47
N ILE A 539 -12.99 -42.64 19.58
CA ILE A 539 -13.51 -41.35 20.01
C ILE A 539 -14.81 -41.52 20.80
N GLU A 540 -15.62 -42.53 20.47
CA GLU A 540 -16.87 -42.72 21.19
C GLU A 540 -16.62 -43.19 22.63
N LEU A 541 -15.68 -44.12 22.81
CA LEU A 541 -15.31 -44.54 24.15
C LEU A 541 -14.79 -43.37 24.97
N ALA A 542 -13.94 -42.54 24.37
CA ALA A 542 -13.43 -41.36 25.06
C ALA A 542 -14.54 -40.40 25.41
N GLN A 543 -15.54 -40.27 24.53
CA GLN A 543 -16.62 -39.33 24.77
C GLN A 543 -17.50 -39.79 25.93
N ASP A 544 -17.82 -41.08 25.99
CA ASP A 544 -18.63 -41.53 27.12
C ASP A 544 -17.81 -41.51 28.42
N LEU A 545 -16.52 -41.84 28.34
CA LEU A 545 -15.65 -41.70 29.50
C LEU A 545 -15.64 -40.27 30.02
N LEU A 546 -15.59 -39.29 29.11
CA LEU A 546 -15.68 -37.91 29.52
C LEU A 546 -17.05 -37.59 30.12
N LEU A 547 -18.11 -38.19 29.58
CA LEU A 547 -19.45 -37.93 30.08
C LEU A 547 -19.65 -38.49 31.48
N THR A 548 -18.88 -39.50 31.89
CA THR A 548 -19.02 -40.05 33.24
C THR A 548 -17.96 -39.56 34.21
N LEU A 549 -16.96 -38.81 33.76
CA LEU A 549 -15.83 -38.44 34.61
C LEU A 549 -16.07 -37.32 35.60
N PRO A 550 -16.66 -36.16 35.21
CA PRO A 550 -16.61 -34.98 36.09
C PRO A 550 -17.36 -35.15 37.40
N GLN A 551 -17.98 -36.30 37.62
CA GLN A 551 -18.70 -36.53 38.86
C GLN A 551 -17.77 -37.03 39.95
N ARG A 552 -16.90 -37.99 39.63
CA ARG A 552 -16.00 -38.58 40.63
C ARG A 552 -14.67 -37.85 40.71
N LEU A 553 -14.72 -36.54 40.94
CA LEU A 553 -13.53 -35.73 41.03
C LEU A 553 -13.67 -34.72 42.16
N ASN A 554 -12.53 -34.20 42.60
CA ASN A 554 -12.49 -33.15 43.61
C ASN A 554 -12.76 -31.80 42.95
N ASP A 555 -12.57 -30.73 43.71
CA ASP A 555 -12.77 -29.40 43.14
C ASP A 555 -11.61 -28.99 42.24
N SER A 556 -10.38 -29.25 42.67
CA SER A 556 -9.21 -28.90 41.87
C SER A 556 -9.16 -29.75 40.60
N ALA A 557 -9.46 -31.05 40.71
CA ALA A 557 -9.48 -31.90 39.54
C ALA A 557 -10.49 -31.41 38.51
N LEU A 558 -11.65 -30.94 38.97
CA LEU A 558 -12.65 -30.45 38.03
C LEU A 558 -12.24 -29.10 37.45
N ARG A 559 -11.62 -28.24 38.26
CA ARG A 559 -11.12 -26.98 37.74
C ARG A 559 -10.09 -27.22 36.63
N ASP A 560 -9.30 -28.28 36.76
CA ASP A 560 -8.35 -28.62 35.71
C ASP A 560 -9.08 -29.21 34.50
N LEU A 561 -9.99 -30.16 34.73
CA LEU A 561 -10.65 -30.85 33.63
C LEU A 561 -11.48 -29.90 32.77
N ILE A 562 -12.03 -28.84 33.36
CA ILE A 562 -12.87 -27.93 32.59
C ILE A 562 -12.06 -27.24 31.50
N ASN A 563 -10.97 -26.58 31.89
CA ASN A 563 -10.14 -25.88 30.91
C ASN A 563 -9.34 -26.82 30.02
N CYS A 564 -9.41 -28.12 30.27
CA CYS A 564 -8.62 -29.10 29.52
C CYS A 564 -8.92 -29.01 28.02
N HIS A 565 -8.00 -29.55 27.23
CA HIS A 565 -8.15 -29.50 25.77
C HIS A 565 -9.01 -30.64 25.26
N VAL A 566 -8.79 -31.86 25.75
CA VAL A 566 -9.61 -32.99 25.32
C VAL A 566 -11.03 -32.87 25.83
N TYR A 567 -11.27 -32.01 26.81
CA TYR A 567 -12.63 -31.74 27.27
C TYR A 567 -13.28 -30.65 26.45
N LYS A 568 -12.52 -29.62 26.07
CA LYS A 568 -13.04 -28.61 25.15
C LYS A 568 -13.20 -29.14 23.74
N LYS A 569 -12.94 -30.41 23.52
CA LYS A 569 -13.13 -31.07 22.24
C LYS A 569 -14.23 -32.12 22.28
N TYR A 570 -14.31 -32.91 23.35
CA TYR A 570 -15.28 -33.99 23.48
C TYR A 570 -16.19 -33.77 24.68
N GLY A 571 -16.57 -32.52 24.92
CA GLY A 571 -17.44 -32.19 26.04
C GLY A 571 -18.91 -32.49 25.77
N THR A 621 -33.25 -15.24 60.12
CA THR A 621 -31.89 -15.46 60.61
C THR A 621 -30.88 -15.24 59.48
N PRO A 622 -29.72 -14.66 59.82
CA PRO A 622 -28.73 -14.37 58.76
C PRO A 622 -28.16 -15.59 58.08
N LEU A 623 -28.03 -16.71 58.80
CA LEU A 623 -27.42 -17.91 58.22
C LEU A 623 -28.28 -18.46 57.08
N GLN A 624 -29.55 -18.73 57.36
CA GLN A 624 -30.45 -19.21 56.31
C GLN A 624 -30.61 -18.18 55.21
N ARG A 625 -30.67 -16.89 55.58
CA ARG A 625 -30.83 -15.83 54.59
C ARG A 625 -29.62 -15.71 53.67
N LEU A 626 -28.44 -16.16 54.11
CA LEU A 626 -27.26 -16.16 53.27
C LEU A 626 -27.15 -17.45 52.45
N VAL A 627 -27.49 -18.59 53.05
CA VAL A 627 -27.44 -19.85 52.34
C VAL A 627 -28.54 -19.94 51.28
N GLU A 628 -29.59 -19.11 51.40
CA GLU A 628 -30.67 -19.11 50.42
C GLU A 628 -30.16 -18.94 49.00
N GLY A 629 -29.08 -18.20 48.82
CA GLY A 629 -28.51 -18.01 47.51
C GLY A 629 -27.66 -19.15 47.00
N GLY A 634 -24.53 -26.00 49.95
CA GLY A 634 -25.11 -24.94 50.77
C GLY A 634 -25.75 -25.46 52.04
N LYS A 635 -26.60 -26.48 51.91
CA LYS A 635 -27.28 -27.04 53.07
C LYS A 635 -26.29 -27.55 54.10
N ILE A 636 -25.15 -28.10 53.66
CA ILE A 636 -24.15 -28.58 54.59
C ILE A 636 -23.60 -27.44 55.43
N LEU A 637 -23.58 -26.22 54.87
CA LEU A 637 -23.14 -25.07 55.66
C LEU A 637 -24.09 -24.80 56.81
N LEU A 638 -25.40 -24.90 56.56
CA LEU A 638 -26.37 -24.72 57.64
C LEU A 638 -26.26 -25.85 58.66
N ASP A 639 -26.08 -27.09 58.18
CA ASP A 639 -25.92 -28.21 59.11
C ASP A 639 -24.69 -28.02 59.99
N LEU A 640 -23.60 -27.50 59.43
CA LEU A 640 -22.41 -27.22 60.22
C LEU A 640 -22.66 -26.10 61.21
N GLU A 641 -23.30 -25.02 60.76
CA GLU A 641 -23.60 -23.90 61.65
C GLU A 641 -24.49 -24.32 62.81
N GLN A 642 -25.36 -25.32 62.59
CA GLN A 642 -26.26 -25.76 63.64
C GLN A 642 -25.58 -26.74 64.58
N ALA A 643 -24.95 -27.79 64.04
CA ALA A 643 -24.46 -28.89 64.84
C ALA A 643 -22.95 -28.81 65.09
N LEU A 644 -22.41 -27.60 65.22
CA LEU A 644 -20.99 -27.44 65.51
C LEU A 644 -20.71 -27.43 67.01
N ASN A 652 -20.22 -35.95 68.44
CA ASN A 652 -19.89 -34.91 67.47
C ASN A 652 -19.68 -35.49 66.08
N LYS A 653 -20.50 -35.06 65.13
CA LYS A 653 -20.39 -35.48 63.73
C LYS A 653 -19.81 -34.38 62.87
N VAL A 654 -18.86 -33.61 63.42
CA VAL A 654 -18.27 -32.49 62.70
C VAL A 654 -17.19 -32.97 61.75
N LYS A 655 -16.42 -33.99 62.15
CA LYS A 655 -15.34 -34.50 61.30
C LYS A 655 -15.80 -34.91 59.91
N PRO A 656 -16.90 -35.67 59.73
CA PRO A 656 -17.35 -35.95 58.36
C PRO A 656 -17.71 -34.70 57.57
N LEU A 657 -18.34 -33.72 58.23
CA LEU A 657 -18.67 -32.48 57.54
C LEU A 657 -17.42 -31.75 57.09
N LEU A 658 -16.39 -31.71 57.93
CA LEU A 658 -15.14 -31.06 57.54
C LEU A 658 -14.46 -31.81 56.42
N LEU A 659 -14.52 -33.14 56.44
CA LEU A 659 -13.92 -33.94 55.37
C LEU A 659 -14.60 -33.68 54.04
N GLN A 660 -15.94 -33.73 54.03
CA GLN A 660 -16.67 -33.41 52.82
C GLN A 660 -16.57 -31.94 52.45
N LEU A 661 -16.13 -31.08 53.37
CA LEU A 661 -15.93 -29.68 53.07
C LEU A 661 -14.60 -29.43 52.36
N GLN A 662 -13.53 -30.08 52.83
CA GLN A 662 -12.24 -29.86 52.20
C GLN A 662 -12.13 -30.49 50.83
N ARG A 663 -13.12 -31.27 50.40
CA ARG A 663 -13.14 -31.76 49.03
C ARG A 663 -13.75 -30.73 48.09
N GLN A 664 -14.75 -29.98 48.54
CA GLN A 664 -15.43 -28.96 47.74
C GLN A 664 -15.71 -27.75 48.61
N PRO A 665 -14.66 -27.00 48.97
CA PRO A 665 -14.82 -25.88 49.91
C PRO A 665 -15.27 -24.57 49.26
N GLN A 666 -16.30 -24.66 48.42
CA GLN A 666 -16.91 -23.45 47.88
C GLN A 666 -17.85 -22.78 48.88
N PRO A 667 -18.69 -23.53 49.61
CA PRO A 667 -19.48 -22.89 50.66
C PRO A 667 -18.64 -22.23 51.73
N PHE A 668 -17.54 -22.86 52.14
CA PHE A 668 -16.64 -22.27 53.13
C PHE A 668 -16.10 -20.94 52.65
N LEU A 669 -15.68 -20.88 51.38
CA LEU A 669 -15.14 -19.63 50.83
C LEU A 669 -16.23 -18.57 50.73
N ALA A 670 -17.44 -18.97 50.33
CA ALA A 670 -18.54 -18.01 50.29
C ALA A 670 -18.83 -17.44 51.67
N LEU A 671 -18.85 -18.31 52.69
CA LEU A 671 -19.08 -17.87 54.05
C LEU A 671 -18.03 -16.86 54.50
N MET A 672 -16.75 -17.17 54.27
CA MET A 672 -15.72 -16.25 54.72
C MET A 672 -15.70 -14.97 53.90
N GLN A 673 -16.10 -15.04 52.63
CA GLN A 673 -16.16 -13.83 51.79
C GLN A 673 -17.34 -12.96 52.16
N SER A 674 -18.38 -13.54 52.77
CA SER A 674 -19.55 -12.77 53.20
C SER A 674 -19.17 -11.55 54.03
N LEU A 675 -18.03 -11.58 54.71
CA LEU A 675 -17.63 -10.46 55.56
C LEU A 675 -17.38 -9.19 54.77
N ASP A 676 -17.16 -9.29 53.47
CA ASP A 676 -16.93 -8.11 52.64
C ASP A 676 -17.06 -8.45 51.16
N ASN A 681 -25.37 -4.55 57.76
CA ASN A 681 -24.56 -5.67 57.33
C ASN A 681 -24.01 -6.44 58.52
N ARG A 682 -24.10 -5.83 59.70
CA ARG A 682 -23.60 -6.38 60.95
C ARG A 682 -24.32 -7.65 61.38
N THR A 683 -25.34 -8.10 60.64
CA THR A 683 -26.17 -9.21 61.09
C THR A 683 -25.37 -10.49 61.23
N LEU A 684 -24.79 -10.97 60.12
CA LEU A 684 -24.17 -12.29 60.08
C LEU A 684 -22.72 -12.31 60.53
N HIS A 685 -22.10 -11.15 60.71
CA HIS A 685 -20.68 -11.11 61.05
C HIS A 685 -20.42 -11.76 62.40
N LEU A 686 -21.16 -11.33 63.43
CA LEU A 686 -21.02 -11.93 64.75
C LEU A 686 -21.54 -13.36 64.80
N THR A 687 -22.30 -13.79 63.80
CA THR A 687 -22.77 -15.17 63.76
C THR A 687 -21.73 -16.11 63.17
N VAL A 688 -20.95 -15.62 62.20
CA VAL A 688 -19.95 -16.47 61.55
C VAL A 688 -18.56 -16.34 62.17
N LEU A 689 -18.25 -15.23 62.84
CA LEU A 689 -16.95 -15.11 63.48
C LEU A 689 -16.79 -16.12 64.60
N ARG A 690 -17.86 -16.37 65.35
CA ARG A 690 -17.80 -17.40 66.39
C ARG A 690 -17.55 -18.77 65.79
N ILE A 691 -18.21 -19.07 64.66
CA ILE A 691 -18.00 -20.36 63.99
C ILE A 691 -16.55 -20.49 63.53
N LEU A 692 -16.01 -19.43 62.93
CA LEU A 692 -14.61 -19.48 62.50
C LEU A 692 -13.68 -19.69 63.68
N LYS A 693 -13.91 -18.95 64.77
CA LYS A 693 -13.01 -19.04 65.92
C LYS A 693 -13.11 -20.38 66.62
N GLN A 694 -14.25 -21.06 66.54
CA GLN A 694 -14.35 -22.40 67.08
C GLN A 694 -13.96 -23.47 66.08
N LEU A 695 -13.78 -23.11 64.81
CA LEU A 695 -13.24 -24.04 63.83
C LEU A 695 -11.72 -24.05 63.86
N VAL A 696 -11.10 -22.90 64.12
CA VAL A 696 -9.64 -22.83 64.27
C VAL A 696 -9.15 -23.85 65.29
N ASP A 697 -9.95 -24.11 66.33
CA ASP A 697 -9.57 -25.03 67.39
C ASP A 697 -9.68 -26.49 66.98
N PHE A 698 -9.91 -26.78 65.70
CA PHE A 698 -10.06 -28.18 65.32
C PHE A 698 -8.77 -28.72 64.72
N PRO A 699 -8.53 -30.03 64.83
CA PRO A 699 -7.25 -30.59 64.36
C PRO A 699 -6.99 -30.40 62.88
N GLU A 700 -7.91 -30.83 62.02
CA GLU A 700 -7.66 -30.86 60.59
C GLU A 700 -8.48 -29.82 59.83
N ALA A 701 -9.02 -28.82 60.53
CA ALA A 701 -9.68 -27.72 59.84
C ALA A 701 -8.68 -26.78 59.17
N LEU A 702 -7.40 -26.88 59.51
CA LEU A 702 -6.39 -26.04 58.89
C LEU A 702 -6.22 -26.35 57.40
N LEU A 703 -6.61 -27.55 56.98
CA LEU A 703 -6.46 -27.94 55.58
C LEU A 703 -7.31 -27.06 54.66
N LEU A 704 -8.43 -26.55 55.16
CA LEU A 704 -9.28 -25.69 54.35
C LEU A 704 -8.50 -24.48 53.83
N PRO A 705 -8.88 -23.94 52.69
CA PRO A 705 -8.13 -22.81 52.12
C PRO A 705 -8.36 -21.50 52.86
N TRP A 706 -7.78 -21.34 54.05
CA TRP A 706 -7.88 -20.07 54.75
C TRP A 706 -7.22 -18.95 53.97
N HIS A 707 -6.04 -19.21 53.42
CA HIS A 707 -5.29 -18.19 52.70
C HIS A 707 -6.06 -17.63 51.50
N GLU A 708 -7.04 -18.36 50.99
CA GLU A 708 -7.79 -17.95 49.82
C GLU A 708 -9.01 -17.10 50.17
N ALA A 709 -9.29 -16.89 51.45
CA ALA A 709 -10.47 -16.11 51.82
C ALA A 709 -10.19 -15.12 52.95
N VAL A 710 -8.95 -14.68 53.13
CA VAL A 710 -8.65 -13.64 54.09
C VAL A 710 -8.50 -12.27 53.42
N ASP A 711 -8.90 -12.15 52.16
CA ASP A 711 -9.07 -10.84 51.56
C ASP A 711 -10.29 -10.12 52.12
N ALA A 712 -11.25 -10.88 52.64
CA ALA A 712 -12.39 -10.27 53.32
C ALA A 712 -11.97 -9.68 54.67
N CYS A 713 -11.21 -10.46 55.45
CA CYS A 713 -10.77 -9.98 56.76
C CYS A 713 -9.96 -8.70 56.65
N MET A 714 -9.19 -8.54 55.59
CA MET A 714 -8.43 -7.31 55.40
C MET A 714 -9.25 -6.20 54.76
N ALA A 715 -10.58 -6.34 54.76
CA ALA A 715 -11.47 -5.25 54.38
C ALA A 715 -12.28 -4.71 55.54
N CYS A 716 -12.48 -5.51 56.60
CA CYS A 716 -13.11 -4.99 57.81
C CYS A 716 -12.15 -4.14 58.62
N LEU A 717 -10.86 -4.49 58.61
CA LEU A 717 -9.83 -3.70 59.27
C LEU A 717 -9.47 -2.44 58.50
N ARG A 718 -10.21 -2.14 57.42
CA ARG A 718 -10.04 -0.91 56.67
C ARG A 718 -11.36 -0.18 56.47
N SER A 719 -12.43 -0.61 57.14
CA SER A 719 -13.77 -0.08 57.04
C SER A 719 -14.02 1.00 58.09
N PRO A 720 -15.01 1.86 57.87
CA PRO A 720 -15.25 2.95 58.83
C PRO A 720 -15.65 2.47 60.21
N ASN A 721 -16.34 1.34 60.32
CA ASN A 721 -16.75 0.80 61.61
C ASN A 721 -15.53 0.52 62.48
N THR A 722 -15.39 1.26 63.58
CA THR A 722 -14.21 1.19 64.42
C THR A 722 -14.59 0.93 65.87
N ASP A 723 -13.68 0.28 66.61
CA ASP A 723 -13.83 0.00 68.04
C ASP A 723 -15.15 -0.70 68.35
N ARG A 724 -15.70 -1.42 67.37
CA ARG A 724 -16.98 -2.07 67.51
C ARG A 724 -16.79 -3.43 68.17
N GLU A 725 -17.87 -4.21 68.26
CA GLU A 725 -17.76 -5.60 68.70
C GLU A 725 -17.22 -6.49 67.59
N VAL A 726 -17.61 -6.21 66.34
CA VAL A 726 -17.12 -7.02 65.23
C VAL A 726 -15.60 -6.92 65.12
N LEU A 727 -15.03 -5.75 65.44
CA LEU A 727 -13.59 -5.61 65.38
C LEU A 727 -12.92 -6.37 66.51
N GLN A 728 -13.53 -6.38 67.69
CA GLN A 728 -12.97 -7.15 68.80
C GLN A 728 -12.97 -8.64 68.49
N GLU A 729 -14.07 -9.15 67.93
CA GLU A 729 -14.12 -10.57 67.63
C GLU A 729 -13.25 -10.92 66.42
N LEU A 730 -13.11 -10.00 65.48
CA LEU A 730 -12.16 -10.19 64.38
C LEU A 730 -10.74 -10.31 64.91
N ILE A 731 -10.37 -9.41 65.83
CA ILE A 731 -9.03 -9.47 66.40
C ILE A 731 -8.82 -10.77 67.16
N PHE A 732 -9.84 -11.19 67.94
CA PHE A 732 -9.70 -12.43 68.69
C PHE A 732 -9.54 -13.64 67.78
N PHE A 733 -10.34 -13.69 66.70
CA PHE A 733 -10.26 -14.82 65.78
C PHE A 733 -8.94 -14.84 65.02
N LEU A 734 -8.51 -13.67 64.53
CA LEU A 734 -7.20 -13.58 63.88
C LEU A 734 -6.10 -14.00 64.84
N HIS A 735 -6.21 -13.62 66.12
CA HIS A 735 -5.21 -14.01 67.10
C HIS A 735 -5.17 -15.53 67.26
N ARG A 736 -6.34 -16.15 67.39
CA ARG A 736 -6.39 -17.60 67.52
C ARG A 736 -5.75 -18.27 66.30
N LEU A 737 -6.11 -17.81 65.11
CA LEU A 737 -5.63 -18.43 63.89
C LEU A 737 -4.12 -18.24 63.71
N THR A 738 -3.61 -17.06 64.03
CA THR A 738 -2.18 -16.83 63.88
C THR A 738 -1.38 -17.46 65.00
N SER A 739 -2.00 -17.76 66.15
CA SER A 739 -1.28 -18.42 67.23
C SER A 739 -1.23 -19.93 67.04
N VAL A 740 -2.24 -20.51 66.39
CA VAL A 740 -2.18 -21.97 66.20
C VAL A 740 -1.11 -22.33 65.17
N SER A 741 -0.80 -21.43 64.23
CA SER A 741 0.26 -21.68 63.26
C SER A 741 0.74 -20.35 62.71
N ARG A 742 2.04 -20.06 62.85
CA ARG A 742 2.60 -18.78 62.43
C ARG A 742 2.62 -18.59 60.92
N ASP A 743 2.34 -19.64 60.14
CA ASP A 743 2.24 -19.47 58.69
C ASP A 743 1.22 -18.40 58.34
N TYR A 744 0.13 -18.34 59.10
CA TYR A 744 -0.87 -17.31 58.85
C TYR A 744 -0.40 -15.95 59.35
N ALA A 745 0.49 -15.91 60.35
CA ALA A 745 1.17 -14.67 60.65
C ALA A 745 1.97 -14.18 59.45
N VAL A 746 2.61 -15.11 58.74
CA VAL A 746 3.39 -14.73 57.56
C VAL A 746 2.47 -14.20 56.46
N VAL A 747 1.36 -14.90 56.20
CA VAL A 747 0.48 -14.45 55.13
C VAL A 747 -0.13 -13.09 55.50
N LEU A 748 -0.42 -12.87 56.78
CA LEU A 748 -0.93 -11.57 57.19
C LEU A 748 0.11 -10.48 56.98
N ASN A 749 1.35 -10.74 57.42
CA ASN A 749 2.42 -9.76 57.20
C ASN A 749 2.58 -9.45 55.73
N GLN A 750 2.39 -10.45 54.86
CA GLN A 750 2.45 -10.19 53.43
C GLN A 750 1.26 -9.36 52.97
N LEU A 751 0.10 -9.54 53.62
CA LEU A 751 -1.07 -8.74 53.26
C LEU A 751 -0.91 -7.29 53.69
N GLY A 752 -0.10 -7.02 54.70
CA GLY A 752 0.09 -5.66 55.17
C GLY A 752 -0.72 -5.34 56.42
N ALA A 753 -0.75 -6.28 57.35
CA ALA A 753 -1.61 -6.14 58.52
C ALA A 753 -1.03 -5.21 59.58
N ARG A 754 0.30 -5.06 59.62
CA ARG A 754 0.92 -4.28 60.69
C ARG A 754 0.45 -2.82 60.66
N ASP A 755 0.74 -2.11 59.56
CA ASP A 755 0.35 -0.72 59.48
C ASP A 755 -1.17 -0.56 59.40
N ALA A 756 -1.85 -1.56 58.85
CA ALA A 756 -3.32 -1.51 58.79
C ALA A 756 -3.90 -1.47 60.19
N ILE A 757 -3.57 -2.45 61.03
CA ILE A 757 -4.11 -2.46 62.38
C ILE A 757 -3.56 -1.29 63.20
N SER A 758 -2.34 -0.82 62.88
CA SER A 758 -1.82 0.35 63.56
C SER A 758 -2.71 1.56 63.32
N LYS A 759 -2.86 1.96 62.06
CA LYS A 759 -3.68 3.12 61.71
C LYS A 759 -5.17 2.89 61.96
N ALA A 760 -5.59 1.65 62.21
CA ALA A 760 -7.02 1.39 62.44
C ALA A 760 -7.39 1.28 63.91
N LEU A 761 -6.48 0.88 64.78
CA LEU A 761 -6.85 0.80 66.18
C LEU A 761 -5.91 1.56 67.10
N GLU A 762 -4.60 1.59 66.80
CA GLU A 762 -3.67 2.28 67.68
C GLU A 762 -3.94 3.78 67.75
N LYS A 763 -4.73 4.31 66.81
CA LYS A 763 -5.16 5.70 66.87
C LYS A 763 -6.50 5.87 67.58
N HIS A 764 -7.31 4.81 67.67
CA HIS A 764 -8.66 4.91 68.20
C HIS A 764 -8.75 4.44 69.66
N LEU A 765 -8.33 3.19 69.92
CA LEU A 765 -8.56 2.58 71.22
C LEU A 765 -7.31 1.79 71.61
N GLY A 766 -7.29 1.30 72.84
CA GLY A 766 -6.18 0.55 73.37
C GLY A 766 -6.20 -0.94 73.13
N LYS A 767 -5.97 -1.39 71.88
CA LYS A 767 -5.72 -2.80 71.58
C LYS A 767 -6.91 -3.67 72.03
N LEU A 768 -8.04 -3.46 71.35
CA LEU A 768 -9.35 -3.89 71.83
C LEU A 768 -9.33 -5.23 72.55
N GLU A 769 -8.80 -6.27 71.92
CA GLU A 769 -8.54 -7.50 72.66
C GLU A 769 -7.06 -7.85 72.74
N LEU A 770 -6.37 -8.02 71.61
CA LEU A 770 -4.96 -8.39 71.63
C LEU A 770 -4.15 -7.71 70.52
N ALA A 771 -4.54 -6.52 70.07
CA ALA A 771 -3.99 -5.96 68.85
C ALA A 771 -2.48 -5.80 68.91
N GLN A 772 -1.93 -5.50 70.09
CA GLN A 772 -0.49 -5.34 70.22
C GLN A 772 0.23 -6.64 69.88
N GLU A 773 -0.31 -7.78 70.32
CA GLU A 773 0.33 -9.06 70.02
C GLU A 773 0.23 -9.39 68.54
N LEU A 774 -0.87 -9.02 67.89
CA LEU A 774 -0.98 -9.22 66.45
C LEU A 774 0.08 -8.42 65.71
N ARG A 775 0.23 -7.13 66.08
CA ARG A 775 1.26 -6.32 65.45
C ARG A 775 2.65 -6.90 65.68
N ASP A 776 2.89 -7.43 66.89
CA ASP A 776 4.17 -8.04 67.19
C ASP A 776 4.44 -9.26 66.29
N MET A 777 3.47 -10.15 66.19
CA MET A 777 3.66 -11.36 65.38
C MET A 777 3.86 -11.00 63.91
N VAL A 778 3.12 -10.01 63.42
CA VAL A 778 3.27 -9.59 62.03
C VAL A 778 4.66 -9.05 61.78
N PHE A 779 5.13 -8.17 62.68
CA PHE A 779 6.48 -7.65 62.52
C PHE A 779 7.55 -8.72 62.71
N LYS A 780 7.21 -9.82 63.39
CA LYS A 780 8.15 -10.94 63.49
C LYS A 780 8.25 -11.69 62.17
N CYS A 781 7.11 -11.98 61.54
CA CYS A 781 7.13 -12.73 60.28
C CYS A 781 7.43 -11.86 59.06
N GLU A 782 7.64 -10.56 59.28
CA GLU A 782 8.21 -9.68 58.27
C GLU A 782 9.39 -10.31 57.53
N LYS A 783 10.25 -11.01 58.24
CA LYS A 783 11.45 -11.59 57.62
C LYS A 783 11.08 -12.74 56.69
N HIS A 784 10.24 -13.65 57.16
CA HIS A 784 9.87 -14.81 56.35
C HIS A 784 9.05 -14.43 55.13
N ALA A 785 8.40 -13.27 55.14
CA ALA A 785 7.63 -12.85 53.98
C ALA A 785 8.50 -12.82 52.71
N HIS A 786 9.68 -12.22 52.80
CA HIS A 786 10.53 -12.10 51.62
C HIS A 786 11.07 -13.45 51.19
N LEU A 787 11.33 -14.35 52.14
CA LEU A 787 11.74 -15.70 51.79
C LEU A 787 10.66 -16.40 50.99
N TYR A 788 9.40 -16.27 51.43
CA TYR A 788 8.30 -16.89 50.69
C TYR A 788 8.20 -16.34 49.27
N ARG A 789 8.34 -15.02 49.14
CA ARG A 789 8.26 -14.40 47.82
C ARG A 789 9.38 -14.90 46.92
N LYS A 790 10.60 -14.94 47.45
CA LYS A 790 11.74 -15.40 46.65
C LYS A 790 11.56 -16.84 46.20
N LEU A 791 11.08 -17.70 47.10
CA LEU A 791 10.88 -19.10 46.73
C LEU A 791 9.89 -19.23 45.58
N ILE A 792 8.73 -18.56 45.72
CA ILE A 792 7.71 -18.72 44.68
C ILE A 792 8.19 -18.16 43.35
N THR A 793 8.93 -17.04 43.38
CA THR A 793 9.37 -16.48 42.11
C THR A 793 10.46 -17.34 41.47
N ASN A 794 11.31 -17.99 42.27
CA ASN A 794 12.29 -18.90 41.71
C ASN A 794 11.62 -20.08 41.03
N ILE A 795 10.58 -20.64 41.64
CA ILE A 795 9.89 -21.77 41.03
C ILE A 795 9.22 -21.34 39.74
N LEU A 796 8.63 -20.14 39.72
CA LEU A 796 7.97 -19.66 38.50
C LEU A 796 8.99 -19.50 37.37
N GLY A 797 10.14 -18.90 37.66
CA GLY A 797 11.14 -18.74 36.62
C GLY A 797 11.67 -20.06 36.10
N GLY A 798 11.87 -21.02 37.01
CA GLY A 798 12.31 -22.34 36.58
C GLY A 798 11.31 -23.00 35.64
N CYS A 799 10.02 -22.91 35.96
CA CYS A 799 9.02 -23.54 35.09
C CYS A 799 8.96 -22.85 33.74
N ILE A 800 9.14 -21.53 33.71
CA ILE A 800 9.14 -20.84 32.41
C ILE A 800 10.32 -21.29 31.57
N GLN A 801 11.50 -21.41 32.19
CA GLN A 801 12.66 -21.88 31.43
C GLN A 801 12.44 -23.29 30.91
N MET A 802 11.77 -24.13 31.70
CA MET A 802 11.55 -25.50 31.25
C MET A 802 10.58 -25.57 30.07
N VAL A 803 9.53 -24.75 30.07
CA VAL A 803 8.63 -24.77 28.91
C VAL A 803 9.34 -24.25 27.67
N LEU A 804 10.16 -23.19 27.82
CA LEU A 804 10.94 -22.73 26.68
C LEU A 804 11.86 -23.84 26.16
N GLY A 805 12.43 -24.63 27.08
CA GLY A 805 13.27 -25.73 26.66
C GLY A 805 12.52 -26.80 25.88
N GLN A 806 11.30 -27.11 26.32
CA GLN A 806 10.51 -28.09 25.58
C GLN A 806 10.16 -27.58 24.20
N ILE A 807 9.88 -26.28 24.07
CA ILE A 807 9.61 -25.72 22.75
C ILE A 807 10.83 -25.86 21.85
N GLU A 808 12.01 -25.51 22.37
CA GLU A 808 13.22 -25.63 21.57
C GLU A 808 13.50 -27.07 21.18
N ASP A 809 13.22 -28.01 22.08
CA ASP A 809 13.43 -29.42 21.76
C ASP A 809 12.46 -29.89 20.69
N HIS A 810 11.24 -29.39 20.71
CA HIS A 810 10.30 -29.73 19.64
C HIS A 810 10.72 -29.13 18.31
N ARG A 811 11.42 -27.98 18.34
CA ARG A 811 11.91 -27.41 17.09
C ARG A 811 13.08 -28.19 16.53
N ARG A 812 14.08 -28.50 17.38
CA ARG A 812 15.27 -29.20 16.91
C ARG A 812 14.92 -30.58 16.38
N THR A 813 14.30 -31.40 17.22
CA THR A 813 13.74 -32.67 16.79
C THR A 813 12.40 -32.37 16.13
N HIS A 814 11.61 -33.41 15.86
CA HIS A 814 10.24 -33.20 15.42
C HIS A 814 9.26 -34.05 16.23
N ARG A 815 9.69 -34.52 17.39
CA ARG A 815 8.79 -35.23 18.28
C ARG A 815 7.70 -34.29 18.77
N PRO A 816 6.46 -34.75 18.85
CA PRO A 816 5.38 -33.87 19.31
C PRO A 816 5.50 -33.59 20.80
N ILE A 817 4.67 -32.66 21.25
CA ILE A 817 4.64 -32.22 22.65
C ILE A 817 3.47 -32.91 23.33
N ASN A 818 3.77 -33.74 24.33
CA ASN A 818 2.78 -34.56 25.00
C ASN A 818 2.45 -34.10 26.41
N ILE A 819 2.93 -32.93 26.81
CA ILE A 819 2.72 -32.46 28.18
C ILE A 819 1.29 -31.98 28.33
N PRO A 820 0.54 -32.47 29.32
CA PRO A 820 -0.92 -32.28 29.35
C PRO A 820 -1.44 -30.87 29.18
N PHE A 821 -1.02 -29.92 30.02
CA PHE A 821 -1.64 -28.60 30.04
C PHE A 821 -0.75 -27.53 29.43
N PHE A 822 0.03 -27.90 28.41
CA PHE A 822 0.97 -26.97 27.79
C PHE A 822 0.23 -25.78 27.21
N ASP A 823 -0.87 -26.02 26.50
CA ASP A 823 -1.59 -24.93 25.85
C ASP A 823 -2.21 -23.99 26.88
N VAL A 824 -2.78 -24.54 27.95
CA VAL A 824 -3.37 -23.70 29.00
C VAL A 824 -2.31 -22.85 29.67
N PHE A 825 -1.16 -23.45 29.99
CA PHE A 825 -0.09 -22.71 30.63
C PHE A 825 0.43 -21.60 29.72
N LEU A 826 0.57 -21.90 28.42
CA LEU A 826 1.02 -20.88 27.48
C LEU A 826 0.02 -19.75 27.37
N ARG A 827 -1.28 -20.08 27.39
CA ARG A 827 -2.30 -19.04 27.33
C ARG A 827 -2.24 -18.13 28.54
N TYR A 828 -2.11 -18.72 29.73
CA TYR A 828 -2.02 -17.89 30.94
C TYR A 828 -0.77 -17.04 30.93
N LEU A 829 0.35 -17.57 30.43
CA LEU A 829 1.59 -16.82 30.41
C LEU A 829 1.55 -15.68 29.40
N CYS A 830 0.86 -15.86 28.28
CA CYS A 830 0.81 -14.83 27.25
C CYS A 830 -0.18 -13.73 27.55
N GLN A 831 -1.05 -13.91 28.54
CA GLN A 831 -2.10 -12.94 28.87
C GLN A 831 -2.03 -12.58 30.35
N GLY A 832 -0.83 -12.31 30.83
CA GLY A 832 -0.63 -11.87 32.20
C GLY A 832 -0.78 -12.99 33.22
N LYS A 841 -18.83 -3.90 32.23
CA LYS A 841 -19.23 -2.62 31.68
C LYS A 841 -18.58 -1.48 32.44
N CYS A 842 -18.54 -0.30 31.83
CA CYS A 842 -17.99 0.90 32.46
C CYS A 842 -19.07 1.87 32.91
N TRP A 843 -20.33 1.47 32.84
CA TRP A 843 -21.45 2.35 33.17
C TRP A 843 -22.47 1.57 33.99
N GLU A 844 -23.14 2.28 34.90
CA GLU A 844 -24.17 1.66 35.72
C GLU A 844 -25.49 1.55 34.96
N LYS A 845 -25.95 2.67 34.37
CA LYS A 845 -27.23 2.70 33.70
C LYS A 845 -27.17 3.61 32.49
N VAL A 846 -28.06 3.33 31.53
CA VAL A 846 -28.25 4.18 30.36
C VAL A 846 -29.71 4.63 30.36
N GLU A 847 -29.93 5.94 30.27
CA GLU A 847 -31.27 6.50 30.34
C GLU A 847 -31.52 7.39 29.13
N VAL A 848 -32.62 7.16 28.43
CA VAL A 848 -32.98 7.92 27.25
C VAL A 848 -34.29 8.65 27.52
N SER A 849 -34.55 9.67 26.68
CA SER A 849 -35.67 10.56 26.93
C SER A 849 -37.00 9.96 26.44
N SER A 850 -37.09 9.68 25.15
CA SER A 850 -38.40 9.45 24.55
C SER A 850 -38.91 8.02 24.77
N ASN A 851 -38.18 7.03 24.27
CA ASN A 851 -38.68 5.66 24.29
C ASN A 851 -37.86 4.81 25.24
N PRO A 852 -38.37 4.49 26.42
CA PRO A 852 -37.55 3.80 27.42
C PRO A 852 -37.37 2.32 27.13
N HIS A 853 -38.39 1.67 26.56
CA HIS A 853 -38.36 0.23 26.39
C HIS A 853 -37.53 -0.24 25.21
N ARG A 854 -36.78 0.66 24.57
CA ARG A 854 -35.87 0.29 23.49
C ARG A 854 -34.43 0.66 23.77
N ALA A 855 -34.14 1.29 24.91
CA ALA A 855 -32.79 1.72 25.20
C ALA A 855 -31.82 0.56 25.35
N SER A 856 -32.32 -0.66 25.52
CA SER A 856 -31.44 -1.82 25.60
C SER A 856 -30.75 -2.10 24.28
N LYS A 857 -31.29 -1.59 23.16
CA LYS A 857 -30.72 -1.83 21.85
C LYS A 857 -29.54 -0.91 21.54
N LEU A 858 -29.29 0.09 22.38
CA LEU A 858 -28.12 0.94 22.18
C LEU A 858 -26.83 0.20 22.54
N THR A 859 -26.90 -0.69 23.53
CA THR A 859 -25.77 -1.52 23.94
C THR A 859 -25.98 -2.98 23.60
N ASP A 860 -26.93 -3.27 22.70
CA ASP A 860 -27.25 -4.65 22.35
C ASP A 860 -26.08 -5.39 21.74
N HIS A 861 -25.18 -4.67 21.06
CA HIS A 861 -24.07 -5.21 20.26
C HIS A 861 -24.54 -5.79 18.95
N ASN A 862 -25.76 -5.45 18.52
CA ASN A 862 -26.28 -5.82 17.22
C ASN A 862 -26.59 -4.55 16.44
N PRO A 863 -26.04 -4.36 15.25
CA PRO A 863 -26.35 -3.15 14.48
C PRO A 863 -27.65 -3.23 13.69
N LYS A 864 -28.29 -4.40 13.64
CA LYS A 864 -29.57 -4.54 13.00
C LYS A 864 -30.73 -4.07 13.86
N THR A 865 -30.46 -3.63 15.09
CA THR A 865 -31.48 -3.16 16.02
C THR A 865 -31.07 -1.79 16.55
N TYR A 866 -32.04 -0.89 16.61
CA TYR A 866 -31.78 0.51 16.91
C TYR A 866 -32.77 1.03 17.94
N TRP A 867 -32.49 2.22 18.45
CA TRP A 867 -33.39 2.97 19.29
C TRP A 867 -33.93 4.15 18.50
N GLU A 868 -35.25 4.26 18.41
CA GLU A 868 -35.90 5.34 17.68
C GLU A 868 -36.55 6.30 18.67
N SER A 869 -36.43 7.59 18.40
CA SER A 869 -36.94 8.59 19.30
C SER A 869 -38.40 8.91 19.00
N ASN A 870 -39.04 9.60 19.95
CA ASN A 870 -40.42 10.05 19.79
C ASN A 870 -40.56 11.34 20.59
N GLY A 871 -40.46 12.48 19.90
CA GLY A 871 -40.49 13.75 20.60
C GLY A 871 -40.39 14.91 19.63
N SER A 872 -40.04 16.07 20.17
CA SER A 872 -39.90 17.27 19.38
C SER A 872 -38.47 17.42 18.89
N ALA A 873 -38.28 18.33 17.94
CA ALA A 873 -36.97 18.52 17.33
C ALA A 873 -36.02 19.16 18.33
N GLY A 874 -34.96 18.44 18.67
CA GLY A 874 -33.95 18.93 19.60
C GLY A 874 -34.07 18.42 21.02
N SER A 875 -35.15 17.72 21.34
CA SER A 875 -35.41 17.29 22.71
C SER A 875 -34.89 15.89 22.99
N HIS A 876 -34.27 15.23 22.03
CA HIS A 876 -33.76 13.88 22.25
C HIS A 876 -32.39 13.94 22.91
N TYR A 877 -32.17 13.02 23.85
CA TYR A 877 -30.87 12.93 24.51
C TYR A 877 -30.72 11.55 25.12
N ILE A 878 -29.47 11.22 25.44
CA ILE A 878 -29.11 9.98 26.11
C ILE A 878 -28.28 10.32 27.33
N THR A 879 -28.59 9.69 28.47
CA THR A 879 -27.90 9.95 29.72
C THR A 879 -27.09 8.73 30.13
N LEU A 880 -25.81 8.93 30.42
CA LEU A 880 -24.92 7.87 30.86
C LEU A 880 -24.51 8.14 32.31
N HIS A 881 -24.83 7.19 33.18
CA HIS A 881 -24.37 7.20 34.56
C HIS A 881 -23.12 6.35 34.63
N MET A 882 -21.97 6.98 34.84
CA MET A 882 -20.72 6.24 34.87
C MET A 882 -20.55 5.53 36.21
N ARG A 883 -19.54 4.67 36.28
CA ARG A 883 -19.13 4.07 37.53
C ARG A 883 -18.00 4.87 38.14
N ARG A 884 -17.77 4.66 39.42
CA ARG A 884 -16.81 5.48 40.15
C ARG A 884 -15.39 5.24 39.65
N GLY A 885 -14.62 6.33 39.54
CA GLY A 885 -13.22 6.26 39.18
C GLY A 885 -12.94 6.01 37.72
N ILE A 886 -13.89 5.45 36.97
CA ILE A 886 -13.63 5.07 35.58
C ILE A 886 -13.51 6.32 34.72
N LEU A 887 -12.34 6.50 34.11
CA LEU A 887 -12.16 7.56 33.14
C LEU A 887 -12.67 7.12 31.77
N ILE A 888 -12.76 8.07 30.85
CA ILE A 888 -13.29 7.83 29.51
C ILE A 888 -12.12 7.83 28.55
N ARG A 889 -11.80 6.66 28.00
CA ARG A 889 -10.80 6.57 26.95
C ARG A 889 -11.38 6.85 25.58
N GLN A 890 -12.57 6.29 25.28
CA GLN A 890 -13.20 6.58 24.00
C GLN A 890 -14.71 6.45 24.12
N LEU A 891 -15.42 7.34 23.43
CA LEU A 891 -16.87 7.27 23.31
C LEU A 891 -17.23 7.43 21.84
N THR A 892 -17.89 6.43 21.28
CA THR A 892 -18.30 6.48 19.88
C THR A 892 -19.79 6.21 19.74
N LEU A 893 -20.35 6.82 18.71
CA LEU A 893 -21.75 6.65 18.32
C LEU A 893 -21.79 5.94 16.98
N LEU A 894 -22.67 4.96 16.86
CA LEU A 894 -22.78 4.14 15.65
C LEU A 894 -24.13 4.44 15.00
N VAL A 895 -24.07 5.06 13.83
CA VAL A 895 -25.23 5.44 13.05
C VAL A 895 -25.13 4.77 11.68
N ALA A 896 -26.23 4.81 10.93
CA ALA A 896 -26.33 4.14 9.64
C ALA A 896 -26.95 5.08 8.63
N SER A 897 -26.25 5.29 7.51
CA SER A 897 -26.72 6.22 6.49
C SER A 897 -27.97 5.72 5.76
N GLU A 898 -28.40 4.48 6.01
CA GLU A 898 -29.68 4.02 5.48
C GLU A 898 -30.81 4.93 5.94
N ASP A 899 -30.84 5.26 7.22
CA ASP A 899 -31.80 6.22 7.76
C ASP A 899 -31.49 7.59 7.19
N SER A 900 -32.34 8.08 6.29
CA SER A 900 -32.03 9.31 5.59
C SER A 900 -32.27 10.54 6.46
N SER A 901 -33.50 10.72 6.91
CA SER A 901 -33.82 11.87 7.75
C SER A 901 -33.74 11.56 9.24
N TYR A 902 -33.58 10.29 9.60
CA TYR A 902 -33.42 9.90 11.00
C TYR A 902 -31.97 9.94 11.45
N MET A 903 -31.06 10.26 10.57
CA MET A 903 -29.65 10.34 10.92
C MET A 903 -29.36 11.64 11.67
N PRO A 904 -28.54 11.59 12.72
CA PRO A 904 -28.15 12.81 13.40
C PRO A 904 -27.38 13.75 12.49
N ALA A 905 -27.42 15.04 12.81
CA ALA A 905 -26.70 16.04 12.06
C ALA A 905 -25.88 16.99 12.91
N ARG A 906 -26.18 17.14 14.19
CA ARG A 906 -25.35 17.93 15.08
C ARG A 906 -25.52 17.40 16.49
N VAL A 907 -24.43 16.92 17.08
CA VAL A 907 -24.45 16.30 18.40
C VAL A 907 -23.67 17.17 19.37
N VAL A 908 -24.18 17.31 20.59
CA VAL A 908 -23.48 18.03 21.65
C VAL A 908 -23.42 17.13 22.87
N VAL A 909 -22.21 16.92 23.40
CA VAL A 909 -22.00 16.05 24.55
C VAL A 909 -21.48 16.90 25.70
N CYS A 910 -22.16 16.79 26.84
CA CYS A 910 -21.91 17.59 28.03
C CYS A 910 -21.71 16.67 29.23
N GLY A 911 -21.00 17.18 30.23
CA GLY A 911 -20.69 16.41 31.41
C GLY A 911 -20.97 17.19 32.68
N GLY A 912 -21.46 16.49 33.70
CA GLY A 912 -21.78 17.14 34.95
C GLY A 912 -21.81 16.16 36.11
N ASP A 913 -22.01 16.73 37.30
CA ASP A 913 -21.99 15.95 38.53
C ASP A 913 -23.32 15.25 38.79
N SER A 914 -24.41 15.79 38.27
CA SER A 914 -25.72 15.19 38.48
C SER A 914 -26.62 15.59 37.32
N THR A 915 -27.75 14.88 37.20
CA THR A 915 -28.67 15.12 36.10
C THR A 915 -29.21 16.55 36.09
N SER A 916 -29.17 17.25 37.24
CA SER A 916 -29.73 18.58 37.31
C SER A 916 -28.76 19.67 36.86
N SER A 917 -27.46 19.50 37.10
CA SER A 917 -26.53 20.58 36.77
C SER A 917 -26.14 20.56 35.29
N LEU A 918 -25.46 19.50 34.87
CA LEU A 918 -25.06 19.28 33.47
C LEU A 918 -24.61 20.58 32.80
N HIS A 919 -23.60 21.22 33.41
CA HIS A 919 -23.26 22.58 33.07
C HIS A 919 -22.19 22.69 31.97
N THR A 920 -21.08 21.99 32.14
CA THR A 920 -19.94 22.13 31.24
C THR A 920 -20.09 21.15 30.08
N GLU A 921 -20.30 21.66 28.88
CA GLU A 921 -20.34 20.81 27.70
C GLU A 921 -18.91 20.47 27.27
N LEU A 922 -18.73 19.25 26.78
CA LEU A 922 -17.41 18.75 26.45
C LEU A 922 -17.09 18.80 24.97
N ASN A 923 -18.07 18.56 24.10
CA ASN A 923 -17.76 18.52 22.68
C ASN A 923 -19.01 18.79 21.86
N SER A 924 -18.79 19.20 20.61
CA SER A 924 -19.87 19.41 19.65
C SER A 924 -19.38 18.96 18.29
N VAL A 925 -20.11 18.05 17.66
CA VAL A 925 -19.69 17.41 16.42
C VAL A 925 -20.76 17.59 15.36
N ASN A 926 -20.32 17.71 14.10
CA ASN A 926 -21.18 17.69 12.93
C ASN A 926 -21.07 16.33 12.26
N VAL A 927 -22.22 15.68 12.07
CA VAL A 927 -22.27 14.36 11.44
C VAL A 927 -22.57 14.54 9.96
N MET A 928 -21.82 13.85 9.11
CA MET A 928 -21.96 13.96 7.67
C MET A 928 -22.88 12.87 7.13
N PRO A 929 -23.42 13.04 5.93
CA PRO A 929 -24.38 12.04 5.42
C PRO A 929 -23.77 10.68 5.18
N SER A 930 -22.45 10.56 5.10
CA SER A 930 -21.77 9.27 4.93
C SER A 930 -20.87 9.06 6.15
N ALA A 931 -21.42 8.49 7.20
CA ALA A 931 -20.66 8.25 8.43
C ALA A 931 -21.26 7.07 9.16
N SER A 932 -20.40 6.21 9.70
CA SER A 932 -20.83 5.07 10.49
C SER A 932 -20.34 5.13 11.93
N ARG A 933 -19.05 5.39 12.14
CA ARG A 933 -18.46 5.46 13.47
C ARG A 933 -18.08 6.91 13.74
N VAL A 934 -18.78 7.56 14.67
CA VAL A 934 -18.52 8.96 15.01
C VAL A 934 -17.92 9.00 16.40
N ILE A 935 -16.72 9.57 16.51
CA ILE A 935 -16.03 9.67 17.79
C ILE A 935 -16.43 10.98 18.46
N LEU A 936 -16.98 10.89 19.67
CA LEU A 936 -17.44 12.06 20.40
C LEU A 936 -16.45 12.55 21.43
N LEU A 937 -15.79 11.64 22.15
CA LEU A 937 -14.87 12.01 23.21
C LEU A 937 -13.61 11.15 23.12
N GLU A 938 -12.46 11.81 23.21
CA GLU A 938 -11.17 11.11 23.22
C GLU A 938 -10.79 10.82 24.67
N ASN A 939 -9.55 10.38 24.88
CA ASN A 939 -9.09 10.03 26.21
C ASN A 939 -9.07 11.25 27.12
N LEU A 940 -9.95 11.26 28.12
CA LEU A 940 -10.10 12.39 29.01
C LEU A 940 -9.12 12.27 30.19
N THR A 941 -9.16 13.28 31.07
CA THR A 941 -8.41 13.26 32.31
C THR A 941 -9.31 13.26 33.54
N ARG A 942 -10.26 14.19 33.62
CA ARG A 942 -11.15 14.25 34.76
C ARG A 942 -12.16 13.11 34.70
N PHE A 943 -12.77 12.83 35.85
CA PHE A 943 -13.86 11.88 35.95
C PHE A 943 -15.18 12.65 35.99
N TRP A 944 -16.15 12.19 35.21
CA TRP A 944 -17.45 12.84 35.13
C TRP A 944 -18.54 11.87 35.57
N PRO A 945 -19.34 12.22 36.57
CA PRO A 945 -20.38 11.31 37.05
C PRO A 945 -21.47 11.04 36.01
N ILE A 946 -21.96 12.10 35.38
CA ILE A 946 -23.06 12.01 34.44
C ILE A 946 -22.62 12.62 33.12
N ILE A 947 -22.93 11.93 32.01
CA ILE A 947 -22.57 12.41 30.68
C ILE A 947 -23.81 12.33 29.80
N GLN A 948 -24.17 13.45 29.18
CA GLN A 948 -25.40 13.51 28.40
C GLN A 948 -25.08 13.88 26.96
N ILE A 949 -25.73 13.18 26.03
CA ILE A 949 -25.54 13.35 24.60
C ILE A 949 -26.86 13.89 24.05
N ARG A 950 -26.84 15.13 23.57
CA ARG A 950 -28.01 15.77 23.00
C ARG A 950 -27.89 15.79 21.49
N ILE A 951 -28.97 15.41 20.80
CA ILE A 951 -29.04 15.43 19.35
C ILE A 951 -29.81 16.67 18.96
N LYS A 952 -29.09 17.66 18.43
CA LYS A 952 -29.70 18.98 18.22
C LYS A 952 -30.64 18.98 17.04
N ARG A 953 -30.22 18.41 15.91
CA ARG A 953 -31.08 18.36 14.73
C ARG A 953 -30.65 17.20 13.86
N CYS A 954 -31.61 16.65 13.13
CA CYS A 954 -31.37 15.51 12.26
C CYS A 954 -31.05 15.99 10.85
N GLN A 955 -30.94 15.06 9.90
CA GLN A 955 -30.61 15.39 8.53
C GLN A 955 -31.87 15.78 7.76
N GLN A 956 -31.73 16.79 6.90
CA GLN A 956 -32.84 17.28 6.07
C GLN A 956 -34.01 17.75 6.93
N GLY A 957 -33.69 18.35 8.07
CA GLY A 957 -34.73 18.91 8.92
C GLY A 957 -35.67 17.89 9.51
N GLY A 958 -35.22 16.66 9.68
CA GLY A 958 -36.06 15.65 10.30
C GLY A 958 -36.45 16.01 11.72
N ILE A 959 -37.45 15.28 12.23
CA ILE A 959 -37.96 15.54 13.56
C ILE A 959 -37.58 14.45 14.55
N ASP A 960 -37.39 13.22 14.11
CA ASP A 960 -37.00 12.13 14.99
C ASP A 960 -35.66 11.57 14.56
N THR A 961 -34.99 10.89 15.48
CA THR A 961 -33.63 10.43 15.27
C THR A 961 -33.57 8.92 15.48
N ARG A 962 -32.50 8.32 14.96
CA ARG A 962 -32.28 6.89 15.07
C ARG A 962 -30.82 6.64 15.36
N ILE A 963 -30.54 5.83 16.37
CA ILE A 963 -29.18 5.52 16.79
C ILE A 963 -29.02 4.01 16.78
N ARG A 964 -27.91 3.55 16.19
CA ARG A 964 -27.67 2.11 16.07
C ARG A 964 -26.82 1.55 17.19
N GLY A 965 -26.00 2.35 17.86
CA GLY A 965 -25.29 1.84 19.00
C GLY A 965 -24.44 2.90 19.66
N LEU A 966 -24.01 2.58 20.88
CA LEU A 966 -23.02 3.35 21.61
C LEU A 966 -21.81 2.46 21.90
N GLU A 967 -20.69 3.10 22.24
CA GLU A 967 -19.49 2.34 22.56
C GLU A 967 -18.64 3.16 23.52
N ILE A 968 -18.50 2.67 24.75
CA ILE A 968 -17.71 3.33 25.78
C ILE A 968 -16.52 2.44 26.12
N LEU A 969 -15.33 3.03 26.14
CA LEU A 969 -14.10 2.31 26.43
C LEU A 969 -13.34 3.04 27.52
N GLY A 970 -13.06 2.32 28.61
CA GLY A 970 -12.25 2.82 29.69
C GLY A 970 -10.77 2.60 29.45
N PRO A 971 -9.97 2.60 30.52
CA PRO A 971 -8.52 2.54 30.35
C PRO A 971 -8.06 1.15 29.92
N LYS A 972 -6.89 1.13 29.29
CA LYS A 972 -6.32 -0.12 28.79
C LYS A 972 -5.90 -1.03 29.95
N PRO A 973 -6.10 -2.33 29.83
CA PRO A 973 -5.59 -3.25 30.83
C PRO A 973 -4.09 -3.46 30.70
N THR A 974 -3.50 -4.08 31.72
CA THR A 974 -2.08 -4.41 31.75
C THR A 974 -1.92 -5.93 31.69
N PHE A 975 -0.84 -6.38 31.05
CA PHE A 975 -0.69 -7.81 30.78
C PHE A 975 0.71 -8.37 31.01
N TRP A 976 1.60 -7.66 31.71
CA TRP A 976 2.91 -8.19 32.06
C TRP A 976 3.70 -8.64 30.83
N PRO A 977 4.17 -7.72 30.00
CA PRO A 977 4.79 -8.09 28.73
C PRO A 977 6.24 -8.55 28.89
N VAL A 978 6.42 -9.74 29.46
CA VAL A 978 7.73 -10.31 29.70
C VAL A 978 7.91 -11.64 28.98
N PHE A 979 6.95 -12.55 29.14
CA PHE A 979 7.07 -13.86 28.50
C PHE A 979 7.05 -13.75 26.99
N ARG A 980 6.30 -12.79 26.45
CA ARG A 980 6.27 -12.59 25.00
C ARG A 980 7.66 -12.23 24.48
N GLU A 981 8.34 -11.33 25.16
CA GLU A 981 9.68 -10.95 24.74
C GLU A 981 10.63 -12.13 24.82
N GLN A 982 10.50 -12.97 25.85
CA GLN A 982 11.32 -14.16 25.96
C GLN A 982 11.09 -15.10 24.77
N LEU A 983 9.82 -15.34 24.45
CA LEU A 983 9.50 -16.23 23.33
C LEU A 983 10.10 -15.71 22.03
N CYS A 984 9.91 -14.42 21.75
CA CYS A 984 10.44 -13.87 20.51
C CYS A 984 11.96 -13.91 20.48
N ARG A 985 12.62 -13.58 21.61
CA ARG A 985 14.07 -13.63 21.65
C ARG A 985 14.59 -15.02 21.37
N HIS A 986 14.01 -16.03 22.04
CA HIS A 986 14.49 -17.39 21.87
C HIS A 986 14.27 -17.87 20.44
N THR A 987 13.11 -17.56 19.85
CA THR A 987 12.86 -17.95 18.47
C THR A 987 13.88 -17.31 17.53
N ARG A 988 14.10 -16.01 17.70
CA ARG A 988 15.01 -15.28 16.82
C ARG A 988 16.42 -15.85 16.91
N LEU A 989 16.92 -16.07 18.12
CA LEU A 989 18.28 -16.57 18.25
C LEU A 989 18.41 -17.99 17.70
N PHE A 990 17.45 -18.86 18.01
CA PHE A 990 17.48 -20.22 17.48
C PHE A 990 17.58 -20.21 15.97
N TYR A 991 16.75 -19.41 15.31
CA TYR A 991 16.75 -19.46 13.86
C TYR A 991 17.94 -18.73 13.25
N MET A 992 18.46 -17.69 13.91
CA MET A 992 19.68 -17.06 13.41
C MET A 992 20.90 -17.94 13.56
N VAL A 993 20.85 -18.92 14.46
CA VAL A 993 21.95 -19.89 14.52
C VAL A 993 21.75 -20.99 13.48
N ARG A 994 20.51 -21.47 13.33
CA ARG A 994 20.22 -22.49 12.33
C ARG A 994 20.56 -22.02 10.92
N ALA A 995 20.32 -20.74 10.63
CA ALA A 995 20.60 -20.21 9.30
C ALA A 995 22.09 -20.20 9.00
N GLN A 996 22.91 -19.79 9.98
CA GLN A 996 24.35 -19.83 9.78
C GLN A 996 24.85 -21.25 9.64
N ALA A 997 24.20 -22.20 10.32
CA ALA A 997 24.56 -23.60 10.12
C ALA A 997 24.28 -24.03 8.68
N TRP A 998 23.14 -23.60 8.12
CA TRP A 998 22.77 -24.02 6.76
C TRP A 998 23.66 -23.37 5.71
N SER A 999 24.03 -22.11 5.91
CA SER A 999 24.80 -21.40 4.89
C SER A 999 26.16 -22.05 4.65
N GLN A 1000 26.72 -22.73 5.65
CA GLN A 1000 27.99 -23.42 5.45
C GLN A 1000 27.83 -24.57 4.47
N ASP A 1001 26.79 -25.40 4.66
CA ASP A 1001 26.50 -26.46 3.71
C ASP A 1001 26.24 -25.88 2.32
N MET A 1002 25.54 -24.75 2.25
CA MET A 1002 25.29 -24.14 0.94
C MET A 1002 26.57 -23.62 0.31
N ALA A 1003 27.55 -23.23 1.11
CA ALA A 1003 28.78 -22.65 0.58
C ALA A 1003 29.83 -23.69 0.23
N GLU A 1004 29.85 -24.84 0.90
CA GLU A 1004 30.89 -25.83 0.60
C GLU A 1004 30.59 -26.58 -0.69
N ASP A 1005 29.32 -26.94 -0.93
CA ASP A 1005 28.91 -27.56 -2.18
C ASP A 1005 27.74 -26.77 -2.74
N ARG A 1006 27.97 -26.07 -3.86
CA ARG A 1006 26.97 -25.14 -4.38
C ARG A 1006 25.77 -25.87 -4.98
N ARG A 1007 25.97 -27.08 -5.49
CA ARG A 1007 24.87 -27.83 -6.07
C ARG A 1007 23.73 -28.04 -5.08
N SER A 1008 24.04 -28.07 -3.78
CA SER A 1008 23.03 -28.24 -2.74
C SER A 1008 22.01 -27.11 -2.70
N LEU A 1009 22.25 -26.01 -3.41
CA LEU A 1009 21.29 -24.91 -3.43
C LEU A 1009 19.92 -25.36 -3.92
N LEU A 1010 19.87 -26.43 -4.71
CA LEU A 1010 18.62 -26.92 -5.25
C LEU A 1010 17.75 -27.62 -4.22
N HIS A 1011 18.18 -27.69 -2.96
CA HIS A 1011 17.38 -28.29 -1.90
C HIS A 1011 16.97 -27.29 -0.84
N LEU A 1012 17.35 -26.01 -0.99
CA LEU A 1012 17.07 -25.03 0.05
C LEU A 1012 15.59 -24.75 0.21
N SER A 1013 14.83 -24.81 -0.89
CA SER A 1013 13.42 -24.45 -0.83
C SER A 1013 12.63 -25.42 0.02
N SER A 1014 12.92 -26.72 -0.09
CA SER A 1014 12.22 -27.71 0.73
C SER A 1014 12.53 -27.50 2.20
N ARG A 1015 13.76 -27.12 2.53
CA ARG A 1015 14.13 -26.89 3.92
C ARG A 1015 13.40 -25.67 4.49
N LEU A 1016 13.43 -24.55 3.75
CA LEU A 1016 12.73 -23.36 4.21
C LEU A 1016 11.23 -23.63 4.38
N ASN A 1017 10.64 -24.36 3.44
CA ASN A 1017 9.21 -24.64 3.52
C ASN A 1017 8.90 -25.57 4.68
N GLY A 1018 9.76 -26.56 4.94
CA GLY A 1018 9.55 -27.41 6.09
C GLY A 1018 9.62 -26.66 7.40
N ALA A 1019 10.59 -25.75 7.53
CA ALA A 1019 10.69 -24.95 8.73
C ALA A 1019 9.44 -24.09 8.93
N LEU A 1020 8.99 -23.42 7.87
CA LEU A 1020 7.81 -22.58 8.00
C LEU A 1020 6.56 -23.40 8.31
N ARG A 1021 6.43 -24.57 7.69
CA ARG A 1021 5.27 -25.41 7.95
C ARG A 1021 5.25 -25.91 9.39
N GLN A 1022 6.40 -26.32 9.91
CA GLN A 1022 6.45 -26.78 11.30
C GLN A 1022 6.12 -25.65 12.26
N GLU A 1023 6.64 -24.45 11.99
CA GLU A 1023 6.31 -23.31 12.85
C GLU A 1023 4.81 -23.02 12.83
N GLN A 1024 4.20 -23.07 11.64
CA GLN A 1024 2.76 -22.82 11.56
C GLN A 1024 1.98 -23.90 12.27
N ASN A 1025 2.39 -25.17 12.16
CA ASN A 1025 1.70 -26.24 12.85
C ASN A 1025 1.80 -26.10 14.36
N PHE A 1026 2.94 -25.62 14.87
CA PHE A 1026 3.05 -25.37 16.30
C PHE A 1026 2.15 -24.23 16.74
N ALA A 1027 2.18 -23.12 16.00
CA ALA A 1027 1.41 -21.95 16.40
C ALA A 1027 -0.08 -22.23 16.34
N ASP A 1028 -0.55 -22.96 15.33
CA ASP A 1028 -1.97 -23.25 15.20
C ASP A 1028 -2.47 -24.26 16.21
N ARG A 1029 -1.63 -24.71 17.12
CA ARG A 1029 -2.01 -25.70 18.12
C ARG A 1029 -1.74 -25.25 19.54
N PHE A 1030 -0.71 -24.44 19.79
CA PHE A 1030 -0.38 -24.02 21.14
C PHE A 1030 -0.46 -22.52 21.37
N LEU A 1031 -0.57 -21.74 20.34
CA LEU A 1031 -0.63 -20.32 20.72
C LEU A 1031 -2.08 -19.88 20.91
N PRO A 1032 -2.31 -18.85 21.73
CA PRO A 1032 -3.72 -18.48 22.03
C PRO A 1032 -4.51 -18.00 20.84
N ASP A 1033 -4.00 -17.04 20.08
CA ASP A 1033 -4.77 -16.40 19.02
C ASP A 1033 -3.90 -16.28 17.77
N ASP A 1034 -4.43 -15.59 16.76
CA ASP A 1034 -3.72 -15.39 15.51
C ASP A 1034 -2.76 -14.20 15.55
N GLU A 1035 -3.05 -13.21 16.39
CA GLU A 1035 -2.14 -12.07 16.50
C GLU A 1035 -0.77 -12.50 16.99
N ALA A 1036 -0.69 -13.63 17.70
CA ALA A 1036 0.59 -14.18 18.14
C ALA A 1036 1.20 -15.09 17.10
N ALA A 1037 0.38 -15.91 16.44
CA ALA A 1037 0.89 -16.81 15.41
C ALA A 1037 1.52 -16.02 14.27
N GLN A 1038 0.92 -14.89 13.90
CA GLN A 1038 1.48 -14.09 12.82
C GLN A 1038 2.79 -13.45 13.23
N ALA A 1039 2.89 -12.98 14.48
CA ALA A 1039 4.13 -12.40 14.95
C ALA A 1039 5.25 -13.44 14.97
N LEU A 1040 4.93 -14.66 15.41
CA LEU A 1040 5.94 -15.71 15.41
C LEU A 1040 6.34 -16.10 14.00
N GLY A 1041 5.39 -16.14 13.07
CA GLY A 1041 5.74 -16.43 11.69
C GLY A 1041 6.65 -15.37 11.08
N LYS A 1042 6.35 -14.09 11.34
CA LYS A 1042 7.20 -13.03 10.85
C LYS A 1042 8.60 -13.12 11.45
N THR A 1043 8.68 -13.39 12.75
CA THR A 1043 9.99 -13.50 13.39
C THR A 1043 10.79 -14.64 12.80
N CYS A 1044 10.15 -15.81 12.66
CA CYS A 1044 10.83 -16.97 12.10
C CYS A 1044 11.33 -16.68 10.69
N TRP A 1045 10.49 -16.09 9.85
CA TRP A 1045 10.91 -15.78 8.48
C TRP A 1045 12.09 -14.82 8.48
N GLU A 1046 11.95 -13.70 9.19
CA GLU A 1046 12.99 -12.68 9.16
C GLU A 1046 14.30 -13.18 9.74
N ALA A 1047 14.24 -14.13 10.67
CA ALA A 1047 15.47 -14.64 11.29
C ALA A 1047 16.10 -15.77 10.50
N LEU A 1048 15.31 -16.58 9.80
CA LEU A 1048 15.84 -17.71 9.06
C LEU A 1048 16.27 -17.34 7.65
N VAL A 1049 15.60 -16.40 6.99
CA VAL A 1049 15.86 -16.16 5.58
C VAL A 1049 16.90 -15.08 5.38
N SER A 1050 16.91 -14.03 6.21
CA SER A 1050 17.82 -12.91 5.99
C SER A 1050 19.29 -13.31 6.02
N PRO A 1051 19.76 -14.12 6.98
CA PRO A 1051 21.19 -14.50 6.93
C PRO A 1051 21.51 -15.47 5.81
N VAL A 1052 20.58 -16.37 5.45
CA VAL A 1052 20.82 -17.28 4.34
C VAL A 1052 21.02 -16.49 3.05
N VAL A 1053 20.15 -15.50 2.82
CA VAL A 1053 20.27 -14.68 1.62
C VAL A 1053 21.57 -13.88 1.67
N GLN A 1054 21.85 -13.24 2.81
CA GLN A 1054 23.08 -12.47 2.95
C GLN A 1054 24.31 -13.32 2.67
N ASN A 1055 24.26 -14.61 3.01
CA ASN A 1055 25.42 -15.48 2.79
C ASN A 1055 25.52 -15.92 1.34
N ILE A 1056 24.43 -16.47 0.78
CA ILE A 1056 24.50 -16.98 -0.58
C ILE A 1056 24.54 -15.87 -1.62
N THR A 1057 24.42 -14.62 -1.22
CA THR A 1057 24.51 -13.51 -2.15
C THR A 1057 25.91 -12.89 -2.23
N SER A 1058 26.67 -12.94 -1.15
CA SER A 1058 27.95 -12.26 -1.07
C SER A 1058 29.01 -13.02 -1.86
N PRO A 1059 29.86 -12.31 -2.61
CA PRO A 1059 30.82 -12.99 -3.49
C PRO A 1059 31.94 -13.69 -2.74
N ASP A 1060 32.86 -14.28 -3.48
CA ASP A 1060 33.99 -14.99 -2.88
C ASP A 1060 35.30 -14.45 -3.45
N GLU A 1061 36.41 -15.12 -3.14
CA GLU A 1061 37.72 -14.65 -3.57
C GLU A 1061 37.78 -14.40 -5.07
N ASP A 1062 37.14 -15.26 -5.87
CA ASP A 1062 37.15 -15.07 -7.30
C ASP A 1062 36.16 -14.00 -7.76
N GLY A 1063 35.03 -13.86 -7.07
CA GLY A 1063 34.09 -12.81 -7.40
C GLY A 1063 32.71 -13.30 -7.78
N ILE A 1064 32.41 -14.57 -7.50
CA ILE A 1064 31.12 -15.16 -7.82
C ILE A 1064 30.51 -15.73 -6.56
N SER A 1065 29.21 -15.58 -6.42
CA SER A 1065 28.47 -16.08 -5.28
C SER A 1065 27.75 -17.37 -5.65
N PRO A 1066 27.28 -18.13 -4.67
CA PRO A 1066 26.49 -19.34 -5.00
C PRO A 1066 25.26 -19.05 -5.82
N LEU A 1067 24.44 -18.08 -5.40
CA LEU A 1067 23.24 -17.75 -6.15
C LEU A 1067 23.58 -17.16 -7.51
N GLY A 1068 24.64 -16.35 -7.58
CA GLY A 1068 25.09 -15.84 -8.87
C GLY A 1068 25.49 -16.96 -9.82
N TRP A 1069 26.22 -17.95 -9.31
CA TRP A 1069 26.56 -19.11 -10.12
C TRP A 1069 25.32 -19.85 -10.58
N LEU A 1070 24.34 -20.03 -9.68
CA LEU A 1070 23.13 -20.77 -10.05
C LEU A 1070 22.35 -20.03 -11.13
N LEU A 1071 22.21 -18.71 -11.00
CA LEU A 1071 21.48 -17.95 -12.00
C LEU A 1071 22.24 -17.89 -13.32
N ASP A 1072 23.57 -17.87 -13.27
CA ASP A 1072 24.35 -17.95 -14.51
C ASP A 1072 24.12 -19.27 -15.21
N GLN A 1073 24.03 -20.36 -14.44
CA GLN A 1073 23.71 -21.65 -15.04
C GLN A 1073 22.31 -21.65 -15.65
N TYR A 1074 21.34 -21.12 -14.90
CA TYR A 1074 19.98 -21.03 -15.42
C TYR A 1074 19.94 -20.28 -16.75
N LEU A 1075 20.65 -19.16 -16.84
CA LEU A 1075 20.64 -18.39 -18.07
C LEU A 1075 21.35 -19.13 -19.21
N GLU A 1076 22.60 -19.52 -18.98
CA GLU A 1076 23.41 -20.04 -20.08
C GLU A 1076 23.03 -21.46 -20.51
N CYS A 1077 22.31 -22.21 -19.67
CA CYS A 1077 21.92 -23.56 -20.05
C CYS A 1077 20.59 -23.61 -20.79
N GLN A 1078 20.00 -22.45 -21.09
CA GLN A 1078 18.74 -22.44 -21.83
C GLN A 1078 18.96 -22.56 -23.34
N GLU A 1079 20.19 -22.35 -23.81
CA GLU A 1079 20.48 -22.51 -25.23
C GLU A 1079 20.15 -23.91 -25.70
N ALA A 1080 20.84 -24.91 -25.13
CA ALA A 1080 20.62 -26.31 -25.46
C ALA A 1080 20.77 -26.59 -26.95
N SER A 1086 21.49 -32.18 -21.48
CA SER A 1086 21.90 -30.99 -20.74
C SER A 1086 21.37 -31.02 -19.30
N ARG A 1087 20.92 -29.87 -18.82
CA ARG A 1087 20.44 -29.77 -17.44
C ARG A 1087 19.09 -30.47 -17.26
N GLY A 1088 18.13 -30.18 -18.13
CA GLY A 1088 16.81 -30.74 -18.00
C GLY A 1088 15.80 -29.76 -17.45
N PRO A 1089 14.51 -30.04 -17.64
CA PRO A 1089 13.48 -29.08 -17.22
C PRO A 1089 13.32 -28.97 -15.72
N ALA A 1090 13.49 -30.07 -14.98
CA ALA A 1090 13.33 -30.02 -13.53
C ALA A 1090 14.32 -29.05 -12.91
N PHE A 1091 15.52 -28.94 -13.48
CA PHE A 1091 16.47 -27.93 -13.01
C PHE A 1091 15.86 -26.54 -13.04
N PHE A 1092 15.29 -26.15 -14.18
CA PHE A 1092 14.72 -24.82 -14.32
C PHE A 1092 13.53 -24.63 -13.39
N SER A 1093 12.68 -25.66 -13.28
CA SER A 1093 11.54 -25.56 -12.38
C SER A 1093 11.98 -25.33 -10.94
N ARG A 1094 13.03 -26.03 -10.51
CA ARG A 1094 13.49 -25.88 -9.13
C ARG A 1094 14.12 -24.51 -8.89
N VAL A 1095 14.91 -24.02 -9.85
CA VAL A 1095 15.47 -22.68 -9.72
C VAL A 1095 14.35 -21.65 -9.60
N ARG A 1096 13.31 -21.79 -10.42
CA ARG A 1096 12.21 -20.84 -10.36
C ARG A 1096 11.48 -20.92 -9.02
N ARG A 1097 11.29 -22.13 -8.51
CA ARG A 1097 10.63 -22.29 -7.21
C ARG A 1097 11.41 -21.59 -6.11
N LEU A 1098 12.73 -21.78 -6.09
CA LEU A 1098 13.55 -21.12 -5.08
C LEU A 1098 13.44 -19.60 -5.18
N THR A 1099 13.68 -19.05 -6.37
CA THR A 1099 13.70 -17.60 -6.49
C THR A 1099 12.32 -16.99 -6.26
N HIS A 1100 11.25 -17.73 -6.53
CA HIS A 1100 9.92 -17.21 -6.22
C HIS A 1100 9.62 -17.27 -4.73
N LEU A 1101 10.13 -18.30 -4.06
CA LEU A 1101 9.96 -18.38 -2.61
C LEU A 1101 10.69 -17.24 -1.90
N LEU A 1102 11.85 -16.83 -2.43
CA LEU A 1102 12.66 -15.86 -1.69
C LEU A 1102 12.08 -14.45 -1.71
N VAL A 1103 11.19 -14.11 -2.65
CA VAL A 1103 10.74 -12.74 -2.82
C VAL A 1103 9.26 -12.56 -2.53
N HIS A 1104 8.62 -13.53 -1.90
CA HIS A 1104 7.16 -13.50 -1.79
C HIS A 1104 6.65 -12.75 -0.57
N VAL A 1105 7.54 -12.23 0.29
CA VAL A 1105 7.14 -11.51 1.48
C VAL A 1105 7.64 -10.07 1.38
N GLU A 1106 6.74 -9.12 1.55
CA GLU A 1106 7.09 -7.70 1.57
C GLU A 1106 6.77 -7.12 2.93
N PRO A 1107 7.76 -6.72 3.71
CA PRO A 1107 7.49 -6.25 5.07
C PRO A 1107 6.98 -4.83 5.10
N CYS A 1108 6.35 -4.47 6.21
CA CYS A 1108 5.88 -3.11 6.42
C CYS A 1108 7.05 -2.19 6.69
N GLU A 1109 7.09 -1.06 5.98
CA GLU A 1109 8.19 -0.10 6.10
C GLU A 1109 8.20 0.54 7.48
N TRP A 1129 1.97 -7.30 20.64
CA TRP A 1129 2.52 -8.33 19.77
C TRP A 1129 3.16 -7.72 18.53
N SER A 1130 2.39 -6.91 17.83
CA SER A 1130 2.85 -6.32 16.57
C SER A 1130 4.17 -5.60 16.71
N SER A 1131 4.40 -4.95 17.85
CA SER A 1131 5.67 -4.27 18.05
C SER A 1131 6.81 -5.24 18.30
N LEU A 1132 6.52 -6.45 18.78
CA LEU A 1132 7.57 -7.41 19.08
C LEU A 1132 8.10 -8.06 17.81
N ALA A 1133 7.22 -8.40 16.87
CA ALA A 1133 7.65 -9.06 15.64
C ALA A 1133 8.50 -8.12 14.78
N THR A 1134 8.21 -6.82 14.80
CA THR A 1134 8.94 -5.84 14.01
C THR A 1134 10.17 -5.32 14.72
N ARG A 1135 10.66 -6.03 15.73
CA ARG A 1135 11.83 -5.60 16.48
C ARG A 1135 13.09 -5.87 15.67
N GLY A 1136 13.78 -4.81 15.30
CA GLY A 1136 15.04 -4.92 14.60
C GLY A 1136 15.19 -3.84 13.55
N LEU A 1137 16.12 -4.07 12.65
CA LEU A 1137 16.44 -3.13 11.58
C LEU A 1137 15.52 -3.38 10.39
N PRO A 1138 15.55 -2.48 9.39
CA PRO A 1138 14.82 -2.77 8.14
C PRO A 1138 15.45 -3.96 7.43
N SER A 1139 14.63 -4.64 6.64
CA SER A 1139 15.07 -5.86 5.98
C SER A 1139 16.04 -5.54 4.85
N SER A 1140 16.87 -6.52 4.51
CA SER A 1140 17.89 -6.35 3.49
C SER A 1140 17.85 -7.46 2.45
N ILE A 1141 16.74 -8.19 2.35
CA ILE A 1141 16.65 -9.29 1.40
C ILE A 1141 16.58 -8.76 -0.03
N MET A 1142 15.64 -7.85 -0.28
CA MET A 1142 15.45 -7.34 -1.63
C MET A 1142 16.71 -6.64 -2.15
N ARG A 1143 17.41 -5.92 -1.27
CA ARG A 1143 18.61 -5.20 -1.71
C ARG A 1143 19.68 -6.17 -2.19
N ASN A 1144 19.93 -7.22 -1.41
CA ASN A 1144 20.95 -8.20 -1.77
C ASN A 1144 20.56 -8.94 -3.04
N LEU A 1145 19.28 -9.34 -3.14
CA LEU A 1145 18.84 -10.06 -4.32
C LEU A 1145 18.96 -9.20 -5.58
N THR A 1146 18.55 -7.94 -5.50
CA THR A 1146 18.62 -7.06 -6.66
C THR A 1146 20.07 -6.82 -7.08
N ARG A 1147 20.96 -6.62 -6.12
CA ARG A 1147 22.35 -6.37 -6.52
C ARG A 1147 22.99 -7.62 -7.12
N CYS A 1148 22.63 -8.80 -6.61
CA CYS A 1148 23.12 -10.04 -7.21
C CYS A 1148 22.63 -10.19 -8.64
N TRP A 1149 21.34 -9.93 -8.87
CA TRP A 1149 20.79 -10.03 -10.22
C TRP A 1149 21.43 -9.01 -11.15
N ARG A 1150 21.64 -7.79 -10.67
CA ARG A 1150 22.31 -6.78 -11.48
C ARG A 1150 23.71 -7.23 -11.89
N ALA A 1151 24.46 -7.84 -10.96
CA ALA A 1151 25.80 -8.28 -11.29
C ALA A 1151 25.76 -9.40 -12.33
N VAL A 1152 24.81 -10.34 -12.19
CA VAL A 1152 24.68 -11.41 -13.17
C VAL A 1152 24.41 -10.86 -14.55
N VAL A 1153 23.41 -9.97 -14.65
CA VAL A 1153 23.04 -9.39 -15.93
C VAL A 1153 24.22 -8.65 -16.55
N GLU A 1154 24.95 -7.88 -15.73
CA GLU A 1154 26.06 -7.11 -16.26
C GLU A 1154 27.16 -8.02 -16.78
N LYS A 1155 27.44 -9.12 -16.08
CA LYS A 1155 28.45 -10.06 -16.58
C LYS A 1155 28.02 -10.66 -17.92
N GLN A 1156 26.75 -11.03 -18.03
CA GLN A 1156 26.26 -11.60 -19.29
C GLN A 1156 26.43 -10.62 -20.44
N VAL A 1157 25.94 -9.39 -20.26
CA VAL A 1157 26.00 -8.41 -21.33
C VAL A 1157 27.44 -8.06 -21.67
N ASN A 1158 28.33 -8.04 -20.67
CA ASN A 1158 29.72 -7.74 -20.95
C ASN A 1158 30.39 -8.86 -21.74
N ASN A 1159 30.07 -10.11 -21.42
CA ASN A 1159 30.58 -11.21 -22.22
C ASN A 1159 30.11 -11.11 -23.66
N PHE A 1160 28.83 -10.79 -23.85
CA PHE A 1160 28.31 -10.68 -25.21
C PHE A 1160 29.00 -9.56 -25.98
N LEU A 1161 29.11 -8.38 -25.37
CA LEU A 1161 29.69 -7.24 -26.09
C LEU A 1161 31.17 -7.43 -26.34
N THR A 1162 31.89 -8.09 -25.43
CA THR A 1162 33.30 -8.35 -25.67
C THR A 1162 33.49 -9.35 -26.79
N SER A 1163 32.67 -10.41 -26.82
CA SER A 1163 32.83 -11.44 -27.83
C SER A 1163 32.56 -10.89 -29.23
N SER A 1164 31.35 -10.37 -29.45
CA SER A 1164 30.87 -10.02 -30.79
C SER A 1164 30.36 -8.59 -30.82
N TRP A 1165 31.26 -7.63 -31.09
CA TRP A 1165 30.87 -6.25 -31.31
C TRP A 1165 31.23 -5.75 -32.69
N ARG A 1166 31.93 -6.55 -33.50
CA ARG A 1166 32.29 -6.19 -34.86
C ARG A 1166 31.50 -6.94 -35.91
N ASP A 1167 30.62 -7.85 -35.49
CA ASP A 1167 29.92 -8.70 -36.45
C ASP A 1167 28.99 -7.87 -37.34
N ASP A 1168 28.57 -8.50 -38.43
CA ASP A 1168 27.65 -7.86 -39.36
C ASP A 1168 26.22 -7.89 -38.85
N ASP A 1169 25.85 -8.93 -38.10
CA ASP A 1169 24.51 -9.09 -37.56
C ASP A 1169 24.46 -8.77 -36.07
N PHE A 1170 25.24 -7.78 -35.65
CA PHE A 1170 25.38 -7.50 -34.22
C PHE A 1170 24.06 -7.09 -33.59
N VAL A 1171 23.33 -6.18 -34.23
CA VAL A 1171 22.13 -5.60 -33.64
C VAL A 1171 21.02 -6.64 -33.45
N PRO A 1172 20.70 -7.48 -34.45
CA PRO A 1172 19.65 -8.48 -34.20
C PRO A 1172 19.98 -9.45 -33.08
N ARG A 1173 21.22 -9.95 -33.04
CA ARG A 1173 21.59 -10.88 -31.99
C ARG A 1173 21.60 -10.20 -30.62
N TYR A 1174 22.02 -8.94 -30.58
CA TYR A 1174 21.99 -8.19 -29.32
C TYR A 1174 20.57 -8.03 -28.81
N CYS A 1175 19.64 -7.66 -29.71
CA CYS A 1175 18.27 -7.47 -29.27
C CYS A 1175 17.63 -8.79 -28.85
N GLU A 1176 17.98 -9.89 -29.52
CA GLU A 1176 17.47 -11.19 -29.09
C GLU A 1176 18.01 -11.57 -27.72
N HIS A 1177 19.29 -11.31 -27.47
CA HIS A 1177 19.88 -11.55 -26.17
C HIS A 1177 19.17 -10.74 -25.08
N PHE A 1178 18.95 -9.45 -25.35
CA PHE A 1178 18.28 -8.60 -24.38
C PHE A 1178 16.86 -9.07 -24.10
N ASN A 1179 16.16 -9.53 -25.14
CA ASN A 1179 14.82 -10.05 -24.94
C ASN A 1179 14.83 -11.31 -24.08
N ILE A 1180 15.82 -12.18 -24.29
CA ILE A 1180 15.94 -13.37 -23.46
C ILE A 1180 16.20 -12.98 -22.00
N LEU A 1181 17.05 -11.97 -21.80
CA LEU A 1181 17.32 -11.51 -20.43
C LEU A 1181 16.05 -11.00 -19.77
N GLN A 1182 15.26 -10.20 -20.49
CA GLN A 1182 14.03 -9.66 -19.92
C GLN A 1182 13.04 -10.78 -19.58
N ASN A 1183 12.85 -11.71 -20.51
CA ASN A 1183 11.94 -12.82 -20.26
C ASN A 1183 12.37 -13.63 -19.04
N SER A 1184 13.65 -13.95 -18.94
CA SER A 1184 14.12 -14.75 -17.82
C SER A 1184 14.01 -13.99 -16.51
N SER A 1185 14.24 -12.68 -16.53
CA SER A 1185 14.05 -11.89 -15.32
C SER A 1185 12.60 -11.96 -14.86
N SER A 1186 11.67 -11.80 -15.79
CA SER A 1186 10.26 -11.79 -15.41
C SER A 1186 9.78 -13.16 -14.98
N GLU A 1187 10.39 -14.23 -15.49
CA GLU A 1187 9.97 -15.56 -15.05
C GLU A 1187 10.76 -16.07 -13.85
N LEU A 1188 11.81 -15.36 -13.44
CA LEU A 1188 12.51 -15.69 -12.21
C LEU A 1188 11.96 -14.93 -11.01
N PHE A 1189 11.71 -13.64 -11.14
CA PHE A 1189 11.30 -12.83 -10.01
C PHE A 1189 9.93 -12.20 -10.18
N GLY A 1190 9.22 -12.49 -11.26
CA GLY A 1190 7.98 -11.81 -11.55
C GLY A 1190 8.23 -10.41 -12.06
N PRO A 1191 7.19 -9.76 -12.57
CA PRO A 1191 7.32 -8.43 -13.15
C PRO A 1191 7.42 -7.31 -12.12
N ARG A 1192 8.34 -7.47 -11.18
CA ARG A 1192 8.53 -6.48 -10.13
C ARG A 1192 9.48 -5.39 -10.60
N ALA A 1193 9.21 -4.16 -10.15
CA ALA A 1193 9.90 -3.00 -10.72
C ALA A 1193 11.36 -2.98 -10.33
N ALA A 1194 11.70 -3.43 -9.13
CA ALA A 1194 13.07 -3.36 -8.66
C ALA A 1194 13.99 -4.23 -9.50
N PHE A 1195 13.51 -5.40 -9.91
CA PHE A 1195 14.36 -6.29 -10.69
C PHE A 1195 14.50 -5.85 -12.13
N LEU A 1196 13.45 -5.26 -12.71
CA LEU A 1196 13.59 -4.65 -14.02
C LEU A 1196 14.58 -3.48 -13.98
N LEU A 1197 14.53 -2.69 -12.91
CA LEU A 1197 15.51 -1.63 -12.75
C LEU A 1197 16.91 -2.18 -12.61
N ALA A 1198 17.06 -3.29 -11.89
CA ALA A 1198 18.38 -3.91 -11.75
C ALA A 1198 18.89 -4.41 -13.10
N LEU A 1199 18.02 -5.00 -13.90
CA LEU A 1199 18.43 -5.46 -15.24
C LEU A 1199 18.86 -4.29 -16.12
N GLN A 1200 18.08 -3.20 -16.10
CA GLN A 1200 18.43 -2.03 -16.91
C GLN A 1200 19.76 -1.44 -16.45
N ASN A 1201 19.97 -1.37 -15.13
CA ASN A 1201 21.24 -0.85 -14.62
C ASN A 1201 22.39 -1.76 -14.99
N GLY A 1202 22.15 -3.07 -15.03
CA GLY A 1202 23.19 -4.00 -15.45
C GLY A 1202 23.62 -3.78 -16.88
N CYS A 1203 22.65 -3.68 -17.80
CA CYS A 1203 23.00 -3.41 -19.19
C CYS A 1203 23.68 -2.05 -19.34
N ALA A 1204 23.16 -1.02 -18.66
CA ALA A 1204 23.76 0.30 -18.77
C ALA A 1204 25.17 0.34 -18.21
N GLY A 1205 25.46 -0.50 -17.21
CA GLY A 1205 26.81 -0.56 -16.68
C GLY A 1205 27.76 -1.36 -17.54
N ALA A 1206 27.23 -2.37 -18.24
CA ALA A 1206 28.07 -3.12 -19.16
C ALA A 1206 28.35 -2.34 -20.44
N LEU A 1207 27.48 -1.39 -20.80
CA LEU A 1207 27.74 -0.56 -21.96
C LEU A 1207 28.77 0.53 -21.71
N LEU A 1208 29.00 0.89 -20.45
CA LEU A 1208 29.94 1.97 -20.13
C LEU A 1208 31.36 1.49 -19.94
N LYS A 1209 31.62 0.19 -20.10
CA LYS A 1209 32.98 -0.33 -20.04
C LYS A 1209 33.64 -0.37 -21.42
N LEU A 1210 32.96 0.12 -22.45
CA LEU A 1210 33.49 0.13 -23.80
C LEU A 1210 34.28 1.40 -24.05
N PRO A 1211 35.42 1.32 -24.72
CA PRO A 1211 36.13 2.53 -25.15
C PRO A 1211 35.27 3.35 -26.09
N PHE A 1212 35.73 4.57 -26.37
CA PHE A 1212 34.91 5.51 -27.11
C PHE A 1212 34.56 4.99 -28.50
N LEU A 1213 35.55 4.43 -29.20
CA LEU A 1213 35.31 4.04 -30.58
C LEU A 1213 34.38 2.84 -30.68
N LYS A 1214 34.42 1.95 -29.69
CA LYS A 1214 33.50 0.80 -29.72
C LYS A 1214 32.07 1.24 -29.46
N ALA A 1215 31.87 2.16 -28.51
CA ALA A 1215 30.53 2.67 -28.28
C ALA A 1215 30.02 3.45 -29.47
N ALA A 1216 30.90 4.20 -30.13
CA ALA A 1216 30.54 4.88 -31.37
C ALA A 1216 30.08 3.89 -32.43
N HIS A 1217 30.83 2.80 -32.60
CA HIS A 1217 30.45 1.80 -33.59
C HIS A 1217 29.11 1.17 -33.26
N VAL A 1218 28.87 0.88 -31.99
CA VAL A 1218 27.60 0.25 -31.60
C VAL A 1218 26.43 1.21 -31.86
N SER A 1219 26.60 2.49 -31.51
CA SER A 1219 25.56 3.46 -31.77
C SER A 1219 25.27 3.58 -33.26
N GLU A 1220 26.33 3.65 -34.07
CA GLU A 1220 26.14 3.77 -35.51
C GLU A 1220 25.43 2.54 -36.07
N GLN A 1221 25.76 1.36 -35.56
CA GLN A 1221 25.09 0.15 -36.02
C GLN A 1221 23.61 0.19 -35.68
N PHE A 1222 23.27 0.65 -34.48
CA PHE A 1222 21.86 0.74 -34.11
C PHE A 1222 21.12 1.72 -35.01
N ALA A 1223 21.72 2.88 -35.27
CA ALA A 1223 21.07 3.87 -36.13
C ALA A 1223 20.89 3.34 -37.54
N ARG A 1224 21.91 2.69 -38.09
CA ARG A 1224 21.80 2.15 -39.43
C ARG A 1224 20.75 1.05 -39.51
N HIS A 1225 20.64 0.23 -38.47
CA HIS A 1225 19.62 -0.83 -38.47
C HIS A 1225 18.22 -0.22 -38.46
N ILE A 1226 17.99 0.76 -37.59
CA ILE A 1226 16.68 1.41 -37.56
C ILE A 1226 16.37 2.03 -38.92
N ASP A 1227 17.38 2.63 -39.56
CA ASP A 1227 17.17 3.27 -40.85
C ASP A 1227 16.79 2.25 -41.91
N GLN A 1228 17.52 1.14 -41.98
CA GLN A 1228 17.20 0.10 -42.97
C GLN A 1228 15.80 -0.45 -42.73
N GLN A 1229 15.42 -0.63 -41.47
CA GLN A 1229 14.09 -1.17 -41.18
C GLN A 1229 13.00 -0.19 -41.56
N ILE A 1230 13.22 1.11 -41.35
CA ILE A 1230 12.26 2.10 -41.77
C ILE A 1230 12.13 2.11 -43.29
N GLN A 1231 13.25 2.07 -44.00
CA GLN A 1231 13.20 2.20 -45.45
C GLN A 1231 12.65 0.95 -46.12
N GLY A 1232 12.87 -0.23 -45.54
CA GLY A 1232 12.37 -1.44 -46.15
C GLY A 1232 10.87 -1.63 -46.11
N SER A 1233 10.13 -0.64 -45.62
CA SER A 1233 8.68 -0.74 -45.50
C SER A 1233 7.94 -0.09 -46.66
N ARG A 1234 8.61 0.73 -47.46
CA ARG A 1234 7.94 1.34 -48.61
C ARG A 1234 7.48 0.27 -49.59
N ILE A 1235 8.29 -0.77 -49.78
CA ILE A 1235 7.86 -1.96 -50.49
C ILE A 1235 7.40 -2.98 -49.47
N GLY A 1236 6.24 -3.59 -49.72
CA GLY A 1236 5.65 -4.48 -48.74
C GLY A 1236 6.39 -5.78 -48.54
N GLY A 1237 5.72 -6.75 -47.94
CA GLY A 1237 6.30 -8.07 -47.73
C GLY A 1237 5.24 -9.03 -47.22
N ALA A 1238 5.59 -10.30 -47.27
CA ALA A 1238 4.66 -11.34 -46.84
C ALA A 1238 4.41 -11.28 -45.35
N GLN A 1239 5.47 -11.17 -44.56
CA GLN A 1239 5.38 -11.11 -43.10
C GLN A 1239 5.83 -9.72 -42.66
N GLU A 1240 4.89 -8.81 -42.51
CA GLU A 1240 5.19 -7.46 -42.08
C GLU A 1240 4.91 -7.22 -40.61
N MET A 1241 3.85 -7.84 -40.07
CA MET A 1241 3.56 -7.71 -38.66
C MET A 1241 4.71 -8.24 -37.81
N GLU A 1242 5.30 -9.37 -38.21
CA GLU A 1242 6.43 -9.91 -37.47
C GLU A 1242 7.64 -8.99 -37.56
N ARG A 1243 7.88 -8.40 -38.73
CA ARG A 1243 8.99 -7.47 -38.87
C ARG A 1243 8.80 -6.26 -37.97
N LEU A 1244 7.56 -5.77 -37.86
CA LEU A 1244 7.31 -4.62 -36.99
C LEU A 1244 7.43 -5.00 -35.52
N ALA A 1245 7.08 -6.24 -35.16
CA ALA A 1245 7.29 -6.67 -33.78
C ALA A 1245 8.78 -6.76 -33.46
N GLN A 1246 9.58 -7.25 -34.41
CA GLN A 1246 11.03 -7.27 -34.19
C GLN A 1246 11.58 -5.85 -34.06
N LEU A 1247 11.09 -4.92 -34.87
CA LEU A 1247 11.50 -3.53 -34.74
C LEU A 1247 11.12 -2.97 -33.37
N GLN A 1248 9.96 -3.36 -32.86
CA GLN A 1248 9.55 -2.92 -31.53
C GLN A 1248 10.50 -3.44 -30.47
N GLN A 1249 10.90 -4.71 -30.57
CA GLN A 1249 11.89 -5.24 -29.63
C GLN A 1249 13.21 -4.49 -29.72
N CYS A 1250 13.64 -4.16 -30.93
CA CYS A 1250 14.88 -3.40 -31.09
C CYS A 1250 14.76 -2.02 -30.45
N LEU A 1251 13.59 -1.39 -30.55
CA LEU A 1251 13.41 -0.09 -29.90
C LEU A 1251 13.46 -0.22 -28.39
N GLN A 1252 12.85 -1.28 -27.85
CA GLN A 1252 12.93 -1.51 -26.41
C GLN A 1252 14.38 -1.70 -25.98
N ALA A 1253 15.18 -2.35 -26.81
CA ALA A 1253 16.60 -2.54 -26.48
C ALA A 1253 17.36 -1.22 -26.54
N VAL A 1254 17.09 -0.39 -27.55
CA VAL A 1254 17.81 0.86 -27.70
C VAL A 1254 17.39 1.90 -26.68
N LEU A 1255 16.27 1.69 -25.98
CA LEU A 1255 15.87 2.66 -24.97
C LEU A 1255 16.84 2.73 -23.79
N ILE A 1256 17.82 1.84 -23.71
CA ILE A 1256 18.77 1.87 -22.60
C ILE A 1256 19.68 3.08 -22.66
N PHE A 1257 19.88 3.66 -23.83
CA PHE A 1257 20.82 4.77 -23.99
C PHE A 1257 20.37 6.03 -23.28
N SER A 1258 19.13 6.09 -22.82
CA SER A 1258 18.58 7.31 -22.26
C SER A 1258 19.36 7.73 -21.02
N GLY A 1259 19.88 8.95 -21.03
CA GLY A 1259 20.57 9.52 -19.90
C GLY A 1259 22.01 9.12 -19.72
N LEU A 1260 22.56 8.27 -20.58
CA LEU A 1260 23.97 7.92 -20.52
C LEU A 1260 24.76 8.93 -21.35
N GLU A 1261 26.04 8.68 -21.56
CA GLU A 1261 26.86 9.58 -22.35
C GLU A 1261 27.02 9.13 -23.80
N ILE A 1262 26.55 7.93 -24.15
CA ILE A 1262 26.51 7.51 -25.55
C ILE A 1262 25.30 8.06 -26.28
N ALA A 1263 24.37 8.70 -25.55
CA ALA A 1263 23.17 9.22 -26.17
C ALA A 1263 23.50 10.30 -27.20
N THR A 1264 24.53 11.10 -26.94
CA THR A 1264 24.89 12.14 -27.90
C THR A 1264 25.40 11.56 -29.21
N THR A 1265 26.20 10.50 -29.14
CA THR A 1265 26.70 9.87 -30.35
C THR A 1265 25.58 9.17 -31.11
N PHE A 1266 24.70 8.48 -30.37
CA PHE A 1266 23.56 7.86 -31.03
C PHE A 1266 22.71 8.90 -31.75
N GLU A 1267 22.44 10.02 -31.08
CA GLU A 1267 21.66 11.10 -31.70
C GLU A 1267 22.37 11.66 -32.92
N HIS A 1268 23.69 11.81 -32.84
CA HIS A 1268 24.46 12.28 -33.99
C HIS A 1268 24.22 11.40 -35.21
N TYR A 1269 24.42 10.09 -35.06
CA TYR A 1269 24.26 9.21 -36.22
C TYR A 1269 22.81 9.14 -36.67
N TYR A 1270 21.87 9.19 -35.73
CA TYR A 1270 20.46 9.12 -36.10
C TYR A 1270 20.03 10.36 -36.88
N GLN A 1271 20.48 11.54 -36.47
CA GLN A 1271 20.25 12.73 -37.28
C GLN A 1271 20.84 12.57 -38.66
N HIS A 1272 22.09 12.13 -38.73
CA HIS A 1272 22.76 12.04 -40.03
C HIS A 1272 22.01 11.13 -40.98
N TYR A 1273 21.38 10.08 -40.46
CA TYR A 1273 20.63 9.20 -41.36
C TYR A 1273 19.21 9.70 -41.63
N MET A 1274 18.53 10.22 -40.63
CA MET A 1274 17.16 10.71 -40.81
C MET A 1274 17.12 11.87 -41.79
N ALA A 1275 18.13 12.72 -41.78
CA ALA A 1275 18.18 13.82 -42.73
C ALA A 1275 18.15 13.31 -44.17
N ASP A 1276 19.04 12.37 -44.49
CA ASP A 1276 19.05 11.78 -45.83
C ASP A 1276 17.78 10.99 -46.11
N ARG A 1277 17.09 10.51 -45.07
CA ARG A 1277 15.83 9.80 -45.32
C ARG A 1277 14.70 10.77 -45.68
N LEU A 1278 14.69 11.95 -45.07
CA LEU A 1278 13.55 12.85 -45.25
C LEU A 1278 13.58 13.59 -46.58
N LEU A 1279 14.77 13.80 -47.16
CA LEU A 1279 14.90 14.55 -48.39
C LEU A 1279 15.05 13.67 -49.62
N GLY A 1280 14.63 12.41 -49.54
CA GLY A 1280 14.72 11.53 -50.69
C GLY A 1280 13.38 10.98 -51.13
N VAL A 1281 12.43 10.95 -50.20
CA VAL A 1281 11.07 10.51 -50.46
C VAL A 1281 10.13 11.51 -49.80
N VAL A 1282 8.83 11.25 -49.90
CA VAL A 1282 7.86 12.16 -49.29
C VAL A 1282 7.90 12.06 -47.78
N SER A 1283 7.56 10.88 -47.25
CA SER A 1283 7.66 10.58 -45.82
C SER A 1283 7.23 9.13 -45.63
N SER A 1284 7.39 8.64 -44.41
CA SER A 1284 6.77 7.40 -43.98
C SER A 1284 6.03 7.63 -42.68
N TRP A 1285 5.02 6.79 -42.43
CA TRP A 1285 4.33 6.86 -41.15
C TRP A 1285 5.14 6.25 -40.02
N LEU A 1286 6.22 5.54 -40.34
CA LEU A 1286 7.04 4.91 -39.32
C LEU A 1286 7.88 5.92 -38.55
N GLU A 1287 8.15 7.08 -39.13
CA GLU A 1287 8.99 8.07 -38.46
C GLU A 1287 8.39 8.48 -37.12
N GLY A 1288 7.15 8.96 -37.13
CA GLY A 1288 6.52 9.36 -35.89
C GLY A 1288 6.30 8.20 -34.94
N ALA A 1289 6.00 7.02 -35.49
CA ALA A 1289 5.79 5.84 -34.65
C ALA A 1289 7.05 5.47 -33.89
N VAL A 1290 8.22 5.62 -34.52
CA VAL A 1290 9.47 5.31 -33.85
C VAL A 1290 9.86 6.43 -32.89
N LEU A 1291 9.62 7.68 -33.29
CA LEU A 1291 9.99 8.79 -32.43
C LEU A 1291 9.17 8.80 -31.15
N GLU A 1292 7.90 8.40 -31.23
CA GLU A 1292 7.08 8.35 -30.03
C GLU A 1292 7.66 7.41 -28.99
N GLN A 1293 8.35 6.35 -29.45
CA GLN A 1293 8.98 5.43 -28.52
C GLN A 1293 10.32 5.95 -28.02
N ILE A 1294 11.19 6.36 -28.93
CA ILE A 1294 12.59 6.61 -28.56
C ILE A 1294 12.91 8.10 -28.50
N GLY A 1295 11.92 8.96 -28.30
CA GLY A 1295 12.16 10.37 -28.12
C GLY A 1295 13.10 10.75 -27.00
N PRO A 1296 12.87 10.22 -25.80
CA PRO A 1296 13.75 10.55 -24.67
C PRO A 1296 15.22 10.25 -24.89
N CYS A 1297 15.56 9.38 -25.84
CA CYS A 1297 16.96 9.03 -26.05
C CYS A 1297 17.78 10.14 -26.66
N PHE A 1298 17.16 11.25 -27.06
CA PHE A 1298 17.88 12.33 -27.72
C PHE A 1298 17.98 13.53 -26.79
N PRO A 1299 19.19 13.92 -26.37
CA PRO A 1299 19.31 15.03 -25.42
C PRO A 1299 18.86 16.37 -25.99
N ASN A 1300 19.01 16.59 -27.30
CA ASN A 1300 18.61 17.85 -27.91
C ASN A 1300 17.24 17.81 -28.54
N ARG A 1301 16.63 16.63 -28.67
CA ARG A 1301 15.30 16.49 -29.27
C ARG A 1301 15.28 16.99 -30.71
N LEU A 1302 16.35 16.73 -31.46
CA LEU A 1302 16.43 17.24 -32.82
C LEU A 1302 15.53 16.52 -33.81
N PRO A 1303 15.41 15.18 -33.81
CA PRO A 1303 14.53 14.55 -34.80
C PRO A 1303 13.08 15.01 -34.70
N GLN A 1304 12.59 15.24 -33.48
CA GLN A 1304 11.26 15.82 -33.33
C GLN A 1304 11.17 17.17 -34.04
N GLN A 1305 12.22 17.98 -33.94
CA GLN A 1305 12.22 19.27 -34.62
C GLN A 1305 12.25 19.11 -36.13
N MET A 1306 13.01 18.14 -36.62
CA MET A 1306 13.05 17.89 -38.06
C MET A 1306 11.67 17.52 -38.59
N LEU A 1307 10.98 16.61 -37.91
CA LEU A 1307 9.65 16.22 -38.33
C LEU A 1307 8.67 17.40 -38.27
N GLN A 1308 8.76 18.18 -37.19
CA GLN A 1308 7.88 19.33 -37.04
C GLN A 1308 8.12 20.35 -38.16
N SER A 1309 9.38 20.61 -38.50
CA SER A 1309 9.68 21.53 -39.59
C SER A 1309 9.15 20.99 -40.92
N LEU A 1310 9.27 19.68 -41.14
CA LEU A 1310 8.72 19.09 -42.36
C LEU A 1310 7.22 19.36 -42.46
N SER A 1311 6.51 19.25 -41.33
CA SER A 1311 5.09 19.58 -41.33
C SER A 1311 4.86 21.06 -41.58
N THR A 1312 5.65 21.91 -40.93
CA THR A 1312 5.45 23.36 -40.98
C THR A 1312 5.63 23.89 -42.41
N SER A 1313 6.60 23.34 -43.15
CA SER A 1313 6.87 23.84 -44.49
C SER A 1313 5.66 23.71 -45.40
N LYS A 1314 4.85 22.65 -45.22
CA LYS A 1314 3.65 22.50 -46.02
C LYS A 1314 2.67 23.64 -45.76
N GLU A 1315 2.51 24.04 -44.51
CA GLU A 1315 1.64 25.15 -44.19
C GLU A 1315 2.19 26.46 -44.75
N LEU A 1316 3.52 26.62 -44.71
CA LEU A 1316 4.12 27.82 -45.28
C LEU A 1316 3.88 27.89 -46.79
N GLN A 1317 3.98 26.75 -47.47
CA GLN A 1317 3.72 26.73 -48.90
C GLN A 1317 2.25 27.00 -49.20
N ARG A 1318 1.34 26.49 -48.36
CA ARG A 1318 -0.07 26.80 -48.52
C ARG A 1318 -0.31 28.30 -48.42
N GLN A 1319 0.23 28.92 -47.38
CA GLN A 1319 0.08 30.37 -47.21
C GLN A 1319 0.67 31.14 -48.38
N PHE A 1320 1.82 30.67 -48.90
CA PHE A 1320 2.44 31.37 -50.02
C PHE A 1320 1.61 31.25 -51.28
N HIS A 1321 1.09 30.04 -51.56
CA HIS A 1321 0.22 29.86 -52.72
C HIS A 1321 -1.02 30.75 -52.62
N VAL A 1322 -1.62 30.82 -51.43
CA VAL A 1322 -2.81 31.66 -51.25
C VAL A 1322 -2.47 33.13 -51.50
N TYR A 1323 -1.42 33.62 -50.84
CA TYR A 1323 -1.04 35.02 -50.99
C TYR A 1323 -0.60 35.33 -52.41
N GLN A 1324 -0.07 34.35 -53.13
CA GLN A 1324 0.35 34.54 -54.51
C GLN A 1324 -0.85 34.62 -55.45
N LEU A 1325 -1.81 33.72 -55.29
CA LEU A 1325 -3.02 33.77 -56.12
C LEU A 1325 -3.95 34.89 -55.70
N GLN A 1326 -3.71 35.52 -54.55
CA GLN A 1326 -4.50 36.68 -54.15
C GLN A 1326 -3.83 38.01 -54.49
N GLN A 1327 -2.50 38.04 -54.59
CA GLN A 1327 -1.76 39.24 -54.98
C GLN A 1327 -1.27 39.17 -56.42
N LEU A 1328 -2.07 38.57 -57.30
CA LEU A 1328 -1.72 38.44 -58.72
C LEU A 1328 -1.35 39.77 -59.35
N PRO A 1389 5.92 24.08 -64.15
CA PRO A 1389 7.04 23.89 -63.23
C PRO A 1389 6.64 24.13 -61.77
N GLU A 1390 5.98 23.15 -61.17
CA GLU A 1390 5.55 23.26 -59.79
C GLU A 1390 6.73 23.03 -58.85
N VAL A 1391 6.82 23.86 -57.82
CA VAL A 1391 7.93 23.82 -56.88
C VAL A 1391 7.38 23.78 -55.46
N SER A 1392 8.15 23.16 -54.57
CA SER A 1392 7.81 23.07 -53.16
C SER A 1392 9.07 23.37 -52.35
N VAL A 1393 8.97 24.35 -51.45
CA VAL A 1393 10.12 24.87 -50.73
C VAL A 1393 10.06 24.39 -49.28
N LEU A 1394 11.15 23.81 -48.81
CA LEU A 1394 11.30 23.38 -47.42
C LEU A 1394 12.49 24.14 -46.85
N VAL A 1395 12.24 25.02 -45.88
CA VAL A 1395 13.26 25.94 -45.39
C VAL A 1395 13.83 25.39 -44.09
N LEU A 1396 15.14 25.19 -44.06
CA LEU A 1396 15.84 24.66 -42.91
C LEU A 1396 16.43 25.79 -42.08
N SER A 1397 16.91 25.44 -40.89
CA SER A 1397 17.52 26.41 -39.98
C SER A 1397 18.52 25.68 -39.10
N ARG A 1398 19.05 26.37 -38.11
CA ARG A 1398 20.01 25.76 -37.20
C ARG A 1398 19.34 25.05 -36.03
N HIS A 1399 18.27 25.65 -35.50
CA HIS A 1399 17.56 25.09 -34.36
C HIS A 1399 16.45 24.12 -34.78
N SER A 1400 16.43 23.70 -36.05
CA SER A 1400 15.48 22.70 -36.49
C SER A 1400 16.08 21.68 -37.44
N TRP A 1401 17.40 21.69 -37.64
CA TRP A 1401 18.03 20.81 -38.60
C TRP A 1401 19.53 20.82 -38.38
N PRO A 1402 20.22 19.69 -38.60
CA PRO A 1402 21.69 19.65 -38.50
C PRO A 1402 22.40 20.31 -39.68
N VAL A 1403 22.42 21.64 -39.68
CA VAL A 1403 23.09 22.40 -40.75
C VAL A 1403 24.54 22.58 -40.31
N ALA A 1404 25.34 21.57 -40.59
CA ALA A 1404 26.78 21.62 -40.34
C ALA A 1404 27.54 21.18 -41.59
N SER A 1405 26.89 20.37 -42.42
CA SER A 1405 27.49 19.81 -43.62
C SER A 1405 26.93 20.47 -44.87
N ILE A 1406 26.64 21.77 -44.79
CA ILE A 1406 26.11 22.54 -45.91
C ILE A 1406 27.09 23.68 -46.15
N CYS A 1407 28.02 23.48 -47.07
CA CYS A 1407 29.04 24.46 -47.43
C CYS A 1407 28.73 25.16 -48.74
N HIS A 1408 28.33 24.43 -49.77
CA HIS A 1408 28.07 25.03 -51.06
C HIS A 1408 26.69 25.67 -51.08
N THR A 1409 26.39 26.35 -52.19
CA THR A 1409 25.14 27.09 -52.30
C THR A 1409 24.81 27.27 -53.78
N LEU A 1410 23.59 26.93 -54.15
CA LEU A 1410 23.14 27.12 -55.52
C LEU A 1410 22.90 28.59 -55.82
N LEU A 1416 21.26 33.09 -61.40
CA LEU A 1416 21.08 31.66 -61.20
C LEU A 1416 21.09 30.94 -62.55
N PRO A 1417 21.42 29.64 -62.55
CA PRO A 1417 21.67 28.96 -63.83
C PRO A 1417 20.48 28.92 -64.78
N SER A 1418 19.24 28.94 -64.28
CA SER A 1418 18.12 28.75 -65.19
C SER A 1418 17.04 29.80 -65.03
N TYR A 1419 15.92 29.60 -65.73
CA TYR A 1419 14.84 30.58 -65.81
C TYR A 1419 13.87 30.52 -64.62
N LEU A 1420 14.16 29.69 -63.61
CA LEU A 1420 13.26 29.54 -62.47
C LEU A 1420 13.56 30.53 -61.35
N ARG A 1421 14.46 31.48 -61.58
CA ARG A 1421 14.79 32.46 -60.55
C ARG A 1421 13.59 33.27 -60.10
N GLY A 1422 12.57 33.38 -60.94
CA GLY A 1422 11.41 34.20 -60.59
C GLY A 1422 10.67 33.66 -59.37
N THR A 1423 10.37 32.36 -59.37
CA THR A 1423 9.67 31.78 -58.24
C THR A 1423 10.49 31.87 -56.96
N LEU A 1424 11.80 31.64 -57.06
CA LEU A 1424 12.65 31.71 -55.88
C LEU A 1424 12.69 33.12 -55.32
N ASN A 1425 12.76 34.13 -56.20
CA ASN A 1425 12.79 35.51 -55.71
C ASN A 1425 11.43 35.91 -55.13
N ARG A 1426 10.34 35.47 -55.74
CA ARG A 1426 9.03 35.71 -55.18
C ARG A 1426 8.90 35.12 -53.79
N TYR A 1427 9.35 33.88 -53.61
CA TYR A 1427 9.29 33.25 -52.30
C TYR A 1427 10.20 33.93 -51.30
N SER A 1428 11.38 34.38 -51.75
CA SER A 1428 12.28 35.11 -50.86
C SER A 1428 11.61 36.38 -50.35
N ASN A 1429 10.97 37.13 -51.26
CA ASN A 1429 10.27 38.34 -50.86
C ASN A 1429 9.14 38.04 -49.89
N PHE A 1430 8.33 37.03 -50.20
CA PHE A 1430 7.22 36.68 -49.32
C PHE A 1430 7.73 36.29 -47.94
N TYR A 1431 8.81 35.50 -47.89
CA TYR A 1431 9.36 35.06 -46.61
C TYR A 1431 9.88 36.24 -45.80
N ASN A 1432 10.69 37.10 -46.44
CA ASN A 1432 11.20 38.27 -45.74
C ASN A 1432 10.07 39.18 -45.27
N LYS A 1433 8.94 39.19 -45.98
CA LYS A 1433 7.81 40.03 -45.57
C LYS A 1433 7.06 39.42 -44.39
N SER A 1434 6.83 38.11 -44.42
CA SER A 1434 6.00 37.44 -43.43
C SER A 1434 6.80 36.79 -42.32
N GLN A 1435 8.12 36.93 -42.32
CA GLN A 1435 8.96 36.35 -41.28
C GLN A 1435 10.27 37.10 -41.14
N LEU A 1448 17.20 34.64 -46.42
CA LEU A 1448 16.99 33.32 -46.98
C LEU A 1448 18.13 32.97 -47.93
N GLN A 1449 18.27 31.68 -48.24
CA GLN A 1449 19.36 31.20 -49.08
C GLN A 1449 19.05 29.78 -49.50
N TRP A 1450 19.47 29.41 -50.70
CA TRP A 1450 19.15 28.12 -51.29
C TRP A 1450 20.38 27.24 -51.33
N THR A 1451 20.15 25.93 -51.31
CA THR A 1451 21.22 24.94 -51.24
C THR A 1451 21.03 23.91 -52.35
N TRP A 1452 21.95 22.96 -52.40
CA TRP A 1452 22.03 21.98 -53.49
C TRP A 1452 21.27 20.69 -53.19
N LEU A 1453 20.42 20.67 -52.17
CA LEU A 1453 19.69 19.47 -51.80
C LEU A 1453 18.27 19.51 -52.37
N GLY A 1454 17.58 18.40 -52.26
CA GLY A 1454 16.25 18.24 -52.80
C GLY A 1454 16.22 17.22 -53.92
N TRP A 1455 15.05 17.13 -54.56
CA TRP A 1455 14.88 16.17 -55.65
C TRP A 1455 13.75 16.66 -56.56
N ALA A 1456 13.74 16.14 -57.77
CA ALA A 1456 12.80 16.58 -58.79
C ALA A 1456 12.26 15.38 -59.57
N GLU A 1457 11.02 15.52 -60.01
CA GLU A 1457 10.36 14.57 -60.90
C GLU A 1457 10.25 15.21 -62.28
N LEU A 1458 10.81 14.54 -63.27
CA LEU A 1458 10.88 15.04 -64.64
C LEU A 1458 10.21 14.06 -65.58
N GLN A 1459 9.76 14.57 -66.73
CA GLN A 1459 9.18 13.76 -67.78
C GLN A 1459 10.02 13.93 -69.04
N PHE A 1460 10.51 12.82 -69.60
CA PHE A 1460 11.44 12.81 -70.72
C PHE A 1460 10.83 11.90 -71.80
N GLY A 1461 10.03 12.50 -72.67
CA GLY A 1461 9.38 11.74 -73.73
C GLY A 1461 8.40 10.73 -73.14
N ASN A 1462 8.69 9.45 -73.33
CA ASN A 1462 7.86 8.39 -72.78
C ASN A 1462 8.32 7.96 -71.39
N GLN A 1463 9.42 8.50 -70.90
CA GLN A 1463 9.96 8.15 -69.60
C GLN A 1463 9.50 9.15 -68.55
N THR A 1464 9.30 8.66 -67.32
CA THR A 1464 9.16 9.52 -66.16
C THR A 1464 10.42 9.37 -65.30
N LEU A 1465 10.85 10.46 -64.70
CA LEU A 1465 12.16 10.52 -64.06
C LEU A 1465 12.04 10.75 -62.57
N HIS A 1466 13.17 10.57 -61.89
CA HIS A 1466 13.30 10.89 -60.46
C HIS A 1466 14.79 11.19 -60.24
N VAL A 1467 15.14 12.48 -60.16
CA VAL A 1467 16.53 12.90 -60.12
C VAL A 1467 16.76 13.81 -58.92
N SER A 1468 18.03 14.12 -58.69
CA SER A 1468 18.41 15.09 -57.66
C SER A 1468 18.47 16.48 -58.27
N THR A 1469 18.75 17.48 -57.43
CA THR A 1469 18.86 18.85 -57.91
C THR A 1469 20.13 19.04 -58.74
N VAL A 1470 21.25 18.50 -58.26
CA VAL A 1470 22.55 18.66 -58.92
C VAL A 1470 22.56 17.81 -60.19
N GLN A 1471 21.49 17.06 -60.42
CA GLN A 1471 21.25 16.40 -61.69
C GLN A 1471 20.24 17.14 -62.55
N MET A 1472 19.16 17.65 -61.93
CA MET A 1472 18.17 18.40 -62.68
C MET A 1472 18.79 19.60 -63.37
N TRP A 1473 19.65 20.34 -62.66
CA TRP A 1473 20.27 21.52 -63.25
C TRP A 1473 21.19 21.14 -64.41
N LEU A 1474 21.92 20.03 -64.28
CA LEU A 1474 22.79 19.60 -65.36
C LEU A 1474 21.99 19.19 -66.60
N LEU A 1475 20.90 18.46 -66.41
CA LEU A 1475 20.07 18.10 -67.57
C LEU A 1475 19.40 19.32 -68.18
N LEU A 1476 19.04 20.32 -67.37
CA LEU A 1476 18.54 21.57 -67.91
C LEU A 1476 19.59 22.24 -68.79
N TYR A 1477 20.83 22.32 -68.30
CA TYR A 1477 21.88 22.92 -69.12
C TYR A 1477 22.15 22.13 -70.39
N LEU A 1478 22.02 20.79 -70.32
CA LEU A 1478 22.19 20.00 -71.53
C LEU A 1478 21.04 20.19 -72.51
N ASN A 1479 19.85 20.48 -72.00
CA ASN A 1479 18.71 20.76 -72.87
C ASN A 1479 18.74 22.17 -73.43
N ASP A 1480 19.46 23.08 -72.79
CA ASP A 1480 19.59 24.46 -73.24
C ASP A 1480 20.77 24.66 -74.18
N LEU A 1481 21.43 23.59 -74.61
CA LEU A 1481 22.56 23.65 -75.53
C LEU A 1481 22.68 22.29 -76.22
N LYS A 1482 23.79 22.09 -76.92
CA LYS A 1482 24.08 20.82 -77.58
C LYS A 1482 24.93 19.90 -76.72
N ALA A 1483 25.99 20.41 -76.13
CA ALA A 1483 26.83 19.64 -75.23
C ALA A 1483 27.60 20.60 -74.33
N VAL A 1484 27.66 20.27 -73.04
CA VAL A 1484 28.28 21.12 -72.04
C VAL A 1484 29.43 20.35 -71.39
N SER A 1485 30.53 21.05 -71.14
CA SER A 1485 31.70 20.45 -70.53
C SER A 1485 31.84 20.90 -69.08
N VAL A 1486 32.74 20.23 -68.35
CA VAL A 1486 32.85 20.42 -66.92
C VAL A 1486 33.25 21.84 -66.55
N GLU A 1487 33.88 22.58 -67.45
CA GLU A 1487 34.42 23.88 -67.10
C GLU A 1487 33.32 24.84 -66.66
N SER A 1488 32.30 25.01 -67.49
CA SER A 1488 31.18 25.86 -67.11
C SER A 1488 30.39 25.26 -65.95
N LEU A 1489 30.34 23.93 -65.86
CA LEU A 1489 29.72 23.27 -64.71
C LEU A 1489 30.29 23.80 -63.40
N LEU A 1490 31.60 23.63 -63.22
CA LEU A 1490 32.23 24.11 -61.99
C LEU A 1490 32.18 25.63 -61.88
N ALA A 1491 32.40 26.34 -62.98
CA ALA A 1491 32.44 27.81 -62.90
C ALA A 1491 31.11 28.38 -62.44
N PHE A 1492 30.00 27.80 -62.88
CA PHE A 1492 28.67 28.29 -62.52
C PHE A 1492 28.18 27.72 -61.20
N SER A 1493 28.54 26.49 -60.86
CA SER A 1493 28.03 25.86 -59.64
C SER A 1493 28.93 26.10 -58.45
N GLY A 1494 30.19 25.67 -58.54
CA GLY A 1494 31.09 25.68 -57.41
C GLY A 1494 31.22 24.36 -56.70
N LEU A 1495 30.38 23.38 -57.05
CA LEU A 1495 30.43 22.06 -56.42
C LEU A 1495 31.79 21.42 -56.62
N SER A 1496 32.23 20.68 -55.61
CA SER A 1496 33.54 20.03 -55.64
C SER A 1496 33.42 18.58 -56.11
N MET A 1499 32.09 15.48 -55.59
CA MET A 1499 30.65 15.59 -55.47
C MET A 1499 29.97 15.50 -56.84
N LEU A 1500 30.36 16.38 -57.75
CA LEU A 1500 29.75 16.38 -59.08
C LEU A 1500 30.04 15.10 -59.85
N ASN A 1501 31.22 14.50 -59.63
CA ASN A 1501 31.54 13.24 -60.28
C ASN A 1501 30.53 12.17 -59.89
N GLN A 1502 30.29 12.00 -58.59
CA GLN A 1502 29.27 11.07 -58.13
C GLN A 1502 27.88 11.48 -58.57
N ALA A 1503 27.68 12.78 -58.87
CA ALA A 1503 26.37 13.23 -59.33
C ALA A 1503 26.10 12.76 -60.75
N ILE A 1504 27.07 12.92 -61.65
CA ILE A 1504 26.90 12.48 -63.03
C ILE A 1504 27.24 11.02 -63.23
N GLY A 1505 27.72 10.34 -62.19
CA GLY A 1505 27.92 8.91 -62.24
C GLY A 1505 26.72 8.11 -62.73
N PRO A 1506 25.62 8.14 -61.97
CA PRO A 1506 24.50 7.22 -62.27
C PRO A 1506 23.90 7.40 -63.67
N LEU A 1507 24.20 8.50 -64.36
CA LEU A 1507 23.70 8.65 -65.72
C LEU A 1507 24.36 7.72 -66.72
N THR A 1508 25.49 7.11 -66.35
CA THR A 1508 26.18 6.20 -67.27
C THR A 1508 25.44 4.89 -67.48
N SER A 1509 24.54 4.52 -66.56
CA SER A 1509 23.85 3.26 -66.68
C SER A 1509 22.89 3.28 -67.86
N SER A 1510 22.31 2.12 -68.15
CA SER A 1510 21.41 2.00 -69.29
C SER A 1510 20.15 2.84 -69.09
N ARG A 1511 19.71 3.00 -67.85
CA ARG A 1511 18.56 3.87 -67.59
C ARG A 1511 18.92 5.34 -67.75
N GLY A 1512 20.18 5.70 -67.50
CA GLY A 1512 20.62 7.06 -67.64
C GLY A 1512 20.60 7.51 -69.08
N PRO A 1513 20.16 8.75 -69.32
CA PRO A 1513 20.05 9.24 -70.71
C PRO A 1513 21.35 9.78 -71.27
N LEU A 1514 22.33 10.10 -70.42
CA LEU A 1514 23.52 10.79 -70.87
C LEU A 1514 24.70 9.84 -71.04
N ASP A 1515 25.64 10.26 -71.87
CA ASP A 1515 26.91 9.57 -72.08
C ASP A 1515 28.02 10.59 -71.94
N LEU A 1516 28.93 10.34 -71.00
CA LEU A 1516 30.03 11.26 -70.70
C LEU A 1516 31.21 10.95 -71.60
N HIS A 1517 31.13 11.42 -72.84
CA HIS A 1517 32.21 11.19 -73.80
C HIS A 1517 33.40 12.07 -73.47
N GLU A 1518 34.36 11.52 -72.72
CA GLU A 1518 35.45 12.30 -72.17
C GLU A 1518 36.32 12.87 -73.28
N GLN A 1519 36.60 14.17 -73.20
CA GLN A 1519 37.44 14.82 -74.19
C GLN A 1519 38.87 14.30 -74.10
N LYS A 1520 39.53 14.20 -75.26
CA LYS A 1520 40.88 13.69 -75.33
C LYS A 1520 41.87 14.60 -74.59
N PRO A 1523 39.16 19.80 -72.97
CA PRO A 1523 39.75 18.65 -72.30
C PRO A 1523 39.34 18.55 -70.83
N GLY A 1524 39.10 17.33 -70.35
CA GLY A 1524 38.62 17.12 -69.01
C GLY A 1524 37.40 16.23 -68.99
N GLY A 1525 36.56 16.37 -70.01
CA GLY A 1525 35.37 15.58 -70.17
C GLY A 1525 34.20 16.42 -70.66
N VAL A 1526 33.24 15.76 -71.29
CA VAL A 1526 32.03 16.40 -71.80
C VAL A 1526 31.01 15.31 -72.05
N LEU A 1527 29.75 15.62 -71.82
CA LEU A 1527 28.69 14.64 -71.96
C LEU A 1527 27.64 15.11 -72.97
N LYS A 1528 26.87 14.16 -73.47
CA LYS A 1528 25.80 14.44 -74.40
C LYS A 1528 24.81 13.29 -74.37
N ILE A 1529 23.60 13.56 -74.84
CA ILE A 1529 22.53 12.57 -74.80
C ILE A 1529 22.71 11.65 -76.01
N ARG A 1530 23.34 10.50 -75.79
CA ARG A 1530 23.53 9.51 -76.85
C ARG A 1530 23.04 8.13 -76.43
N ASP A 1531 22.44 8.01 -75.25
CA ASP A 1531 21.82 6.77 -74.81
C ASP A 1531 20.32 6.75 -75.10
N GLY A 1532 19.83 7.66 -75.94
CA GLY A 1532 18.43 7.70 -76.28
C GLY A 1532 18.16 7.19 -77.68
N SER A 1533 19.22 6.76 -78.37
CA SER A 1533 19.05 6.21 -79.71
C SER A 1533 18.41 4.83 -79.68
N LYS A 1534 18.91 3.96 -78.80
CA LYS A 1534 18.43 2.58 -78.72
C LYS A 1534 17.10 2.58 -77.98
N GLU A 1535 16.01 2.64 -78.76
CA GLU A 1535 14.67 2.61 -78.19
C GLU A 1535 14.06 1.23 -78.31
N TRP A 1540 7.39 4.09 -70.12
CA TRP A 1540 7.63 3.10 -69.09
C TRP A 1540 7.09 3.56 -67.74
N ASP A 1541 7.92 3.44 -66.70
CA ASP A 1541 7.52 3.78 -65.34
C ASP A 1541 8.70 4.47 -64.65
N ILE A 1542 8.59 4.63 -63.33
CA ILE A 1542 9.52 5.44 -62.57
C ILE A 1542 10.96 5.04 -62.86
N VAL A 1543 11.83 6.04 -62.99
CA VAL A 1543 13.27 5.83 -63.14
C VAL A 1543 13.92 6.62 -62.00
N ARG A 1544 14.23 5.94 -60.90
CA ARG A 1544 14.82 6.58 -59.73
C ARG A 1544 16.33 6.66 -59.92
N LEU A 1545 16.76 7.67 -60.69
CA LEU A 1545 18.19 7.88 -60.93
C LEU A 1545 18.75 8.89 -59.94
N ILE A 1546 18.65 8.52 -58.66
CA ILE A 1546 19.13 9.34 -57.55
C ILE A 1546 20.28 8.60 -56.89
N PRO A 1547 21.40 9.26 -56.60
CA PRO A 1547 22.53 8.56 -55.98
C PRO A 1547 22.16 8.01 -54.62
N PRO A 1548 22.29 6.71 -54.40
CA PRO A 1548 21.87 6.11 -53.13
C PRO A 1548 22.68 6.62 -51.97
N GLN A 1549 22.20 6.30 -50.76
CA GLN A 1549 22.83 6.79 -49.55
C GLN A 1549 23.99 5.90 -49.14
N THR A 1550 25.05 6.52 -48.65
CA THR A 1550 26.19 5.82 -48.07
C THR A 1550 26.17 6.02 -46.56
N TYR A 1551 26.70 5.04 -45.84
CA TYR A 1551 26.67 5.04 -44.38
C TYR A 1551 28.05 5.40 -43.83
N LEU A 1552 28.06 6.15 -42.74
CA LEU A 1552 29.31 6.54 -42.11
C LEU A 1552 30.02 5.33 -41.51
N GLN A 1553 31.26 5.55 -41.10
CA GLN A 1553 32.08 4.52 -40.49
C GLN A 1553 32.73 5.11 -39.23
N ALA A 1554 32.31 4.63 -38.06
CA ALA A 1554 32.82 5.18 -36.81
C ALA A 1554 34.32 4.98 -36.67
N GLU A 1555 34.90 4.02 -37.38
CA GLU A 1555 36.35 3.81 -37.29
C GLU A 1555 37.10 4.91 -38.05
N GLY A 1556 36.56 5.36 -39.17
CA GLY A 1556 37.27 6.29 -40.03
C GLY A 1556 37.46 7.67 -39.44
N GLU A 1557 37.80 8.65 -40.29
CA GLU A 1557 38.10 9.99 -39.83
C GLU A 1557 36.90 10.69 -39.19
N ASP A 1558 35.71 10.11 -39.27
CA ASP A 1558 34.55 10.70 -38.61
C ASP A 1558 34.66 10.53 -37.10
N GLY A 1559 34.71 9.28 -36.64
CA GLY A 1559 34.72 9.03 -35.21
C GLY A 1559 35.96 9.51 -34.50
N GLN A 1560 37.11 9.51 -35.19
CA GLN A 1560 38.35 9.90 -34.55
C GLN A 1560 38.34 11.38 -34.18
N ASN A 1561 37.70 12.22 -35.00
CA ASN A 1561 37.60 13.63 -34.66
C ASN A 1561 36.71 13.82 -33.44
N LEU A 1562 35.62 13.05 -33.34
CA LEU A 1562 34.76 13.12 -32.16
C LEU A 1562 35.52 12.69 -30.91
N GLU A 1563 36.33 11.64 -31.02
CA GLU A 1563 37.11 11.19 -29.87
C GLU A 1563 38.13 12.23 -29.46
N LYS A 1564 38.78 12.88 -30.44
CA LYS A 1564 39.73 13.93 -30.12
C LYS A 1564 39.03 15.11 -29.43
N ARG A 1565 37.84 15.46 -29.89
CA ARG A 1565 37.09 16.52 -29.24
C ARG A 1565 36.75 16.16 -27.80
N ARG A 1566 36.36 14.91 -27.56
CA ARG A 1566 36.04 14.50 -26.20
C ARG A 1566 37.28 14.55 -25.31
N ASN A 1567 38.41 14.07 -25.83
CA ASN A 1567 39.63 14.08 -25.03
C ASN A 1567 40.13 15.51 -24.77
N LEU A 1568 39.80 16.45 -25.65
CA LEU A 1568 40.12 17.85 -25.38
C LEU A 1568 39.20 18.42 -24.30
N LEU A 1569 37.90 18.16 -24.42
CA LEU A 1569 36.95 18.68 -23.45
C LEU A 1569 37.22 18.14 -22.05
N ASN A 1570 37.70 16.90 -21.95
CA ASN A 1570 38.00 16.35 -20.64
C ASN A 1570 39.06 17.16 -19.92
N CYS A 1571 40.17 17.44 -20.61
CA CYS A 1571 41.23 18.21 -19.98
C CYS A 1571 40.78 19.63 -19.69
N LEU A 1572 39.99 20.21 -20.59
CA LEU A 1572 39.44 21.55 -20.32
C LEU A 1572 38.64 21.56 -19.02
N ILE A 1573 37.74 20.59 -18.86
CA ILE A 1573 36.88 20.54 -17.69
C ILE A 1573 37.71 20.36 -16.43
N VAL A 1574 38.69 19.45 -16.46
CA VAL A 1574 39.44 19.22 -15.23
C VAL A 1574 40.34 20.40 -14.89
N ARG A 1575 40.84 21.12 -15.90
CA ARG A 1575 41.56 22.36 -15.63
C ARG A 1575 40.67 23.36 -14.90
N ILE A 1576 39.50 23.64 -15.49
CA ILE A 1576 38.63 24.66 -14.92
C ILE A 1576 38.13 24.25 -13.54
N LEU A 1577 37.99 22.95 -13.28
CA LEU A 1577 37.53 22.53 -11.97
C LEU A 1577 38.64 22.56 -10.93
N LYS A 1578 39.85 22.10 -11.28
CA LYS A 1578 40.97 22.24 -10.36
C LYS A 1578 41.24 23.69 -10.01
N ALA A 1579 40.94 24.60 -10.93
CA ALA A 1579 41.16 26.01 -10.61
C ALA A 1579 40.12 26.59 -9.64
N HIS A 1580 39.20 25.83 -9.03
CA HIS A 1580 38.20 26.42 -8.16
C HIS A 1580 38.16 25.82 -6.76
N GLY A 1581 38.94 24.79 -6.49
CA GLY A 1581 39.03 24.26 -5.14
C GLY A 1581 37.90 23.32 -4.76
N ASP A 1582 37.89 22.97 -3.48
CA ASP A 1582 36.99 21.94 -2.97
C ASP A 1582 35.56 22.43 -2.85
N GLU A 1583 35.34 23.75 -2.77
CA GLU A 1583 33.98 24.27 -2.76
C GLU A 1583 33.22 23.81 -3.99
N GLY A 1584 33.81 23.96 -5.17
CA GLY A 1584 33.26 23.39 -6.37
C GLY A 1584 32.76 24.39 -7.38
N LEU A 1585 31.77 23.99 -8.18
CA LEU A 1585 31.20 24.85 -9.19
C LEU A 1585 29.82 24.33 -9.55
N HIS A 1586 28.88 25.25 -9.79
CA HIS A 1586 27.57 24.86 -10.26
C HIS A 1586 27.66 24.40 -11.70
N ILE A 1587 26.90 23.35 -12.04
CA ILE A 1587 27.05 22.70 -13.33
C ILE A 1587 26.70 23.66 -14.47
N ASP A 1588 25.64 24.44 -14.30
CA ASP A 1588 25.22 25.36 -15.36
C ASP A 1588 26.19 26.50 -15.55
N GLN A 1589 27.06 26.77 -14.58
CA GLN A 1589 28.13 27.74 -14.78
C GLN A 1589 29.42 27.08 -15.27
N LEU A 1590 29.66 25.84 -14.87
CA LEU A 1590 30.77 25.09 -15.44
C LEU A 1590 30.62 24.97 -16.95
N VAL A 1591 29.40 24.69 -17.42
CA VAL A 1591 29.17 24.57 -18.86
C VAL A 1591 29.45 25.88 -19.56
N CYS A 1592 29.00 27.00 -18.99
CA CYS A 1592 29.24 28.30 -19.61
C CYS A 1592 30.72 28.62 -19.67
N LEU A 1593 31.45 28.32 -18.59
CA LEU A 1593 32.89 28.57 -18.58
C LEU A 1593 33.61 27.71 -19.61
N VAL A 1594 33.25 26.43 -19.70
CA VAL A 1594 33.88 25.54 -20.67
C VAL A 1594 33.61 26.02 -22.08
N LEU A 1595 32.38 26.43 -22.37
CA LEU A 1595 32.05 26.90 -23.72
C LEU A 1595 32.82 28.18 -24.06
N GLU A 1596 32.82 29.15 -23.15
CA GLU A 1596 33.49 30.41 -23.43
C GLU A 1596 35.01 30.25 -23.47
N ALA A 1597 35.56 29.22 -22.85
CA ALA A 1597 36.97 28.91 -23.00
C ALA A 1597 37.26 28.06 -24.24
N TRP A 1598 36.26 27.39 -24.78
CA TRP A 1598 36.45 26.62 -26.00
C TRP A 1598 36.39 27.50 -27.23
N GLN A 1599 35.49 28.49 -27.23
CA GLN A 1599 35.37 29.35 -28.42
C GLN A 1599 36.57 30.27 -28.57
N LYS A 1600 36.80 31.14 -27.59
CA LYS A 1600 37.98 32.00 -27.55
C LYS A 1600 38.99 31.38 -26.59
N GLY A 1601 39.67 30.34 -27.06
CA GLY A 1601 40.51 29.54 -26.20
C GLY A 1601 41.99 29.88 -26.27
N PRO A 1602 42.49 30.57 -25.23
CA PRO A 1602 43.94 30.82 -25.19
C PRO A 1602 44.74 29.59 -24.85
N CYS A 1603 44.30 28.78 -23.88
CA CYS A 1603 45.03 27.57 -23.52
C CYS A 1603 44.78 26.44 -24.51
N PRO A 1604 43.54 26.18 -24.92
CA PRO A 1604 43.31 25.27 -26.07
C PRO A 1604 43.46 26.00 -27.38
N PRO A 1605 44.68 26.15 -27.90
CA PRO A 1605 44.90 27.04 -29.04
C PRO A 1605 44.06 26.64 -30.24
N ARG A 1606 43.72 27.63 -31.06
CA ARG A 1606 42.82 27.42 -32.18
C ARG A 1606 43.39 26.50 -33.24
N GLY A 1607 44.67 26.13 -33.14
CA GLY A 1607 45.26 25.19 -34.07
C GLY A 1607 44.49 23.87 -34.14
N LEU A 1608 44.40 23.17 -33.00
CA LEU A 1608 43.66 21.91 -32.97
C LEU A 1608 42.17 22.13 -33.19
N VAL A 1609 41.62 23.19 -32.59
CA VAL A 1609 40.19 23.48 -32.73
C VAL A 1609 39.82 23.64 -34.21
N SER A 1610 40.75 24.13 -35.02
CA SER A 1610 40.51 24.18 -36.46
C SER A 1610 40.82 22.85 -37.12
N SER A 1611 41.86 22.17 -36.65
CA SER A 1611 42.28 20.90 -37.25
C SER A 1611 41.22 19.81 -37.12
N LEU A 1612 40.34 19.91 -36.14
CA LEU A 1612 39.31 18.88 -35.98
C LEU A 1612 38.37 18.85 -37.17
N GLY A 1613 38.06 20.01 -37.75
CA GLY A 1613 37.19 20.05 -38.91
C GLY A 1613 35.75 19.73 -38.58
N LYS A 1614 35.21 18.70 -39.23
CA LYS A 1614 33.83 18.27 -38.99
C LYS A 1614 33.80 17.56 -37.64
N GLY A 1615 33.44 18.30 -36.60
CA GLY A 1615 33.60 17.83 -35.24
C GLY A 1615 34.28 18.87 -34.36
N SER A 1616 34.40 20.08 -34.89
CA SER A 1616 34.99 21.20 -34.15
C SER A 1616 33.94 22.09 -33.52
N ALA A 1617 32.67 21.71 -33.57
CA ALA A 1617 31.59 22.45 -32.95
C ALA A 1617 31.24 21.83 -31.60
N CYS A 1618 30.90 22.68 -30.63
CA CYS A 1618 30.67 22.23 -29.26
C CYS A 1618 29.33 22.75 -28.78
N SER A 1619 28.43 21.83 -28.44
CA SER A 1619 27.16 22.17 -27.83
C SER A 1619 27.29 22.07 -26.31
N SER A 1620 26.19 22.32 -25.61
CA SER A 1620 26.20 22.12 -24.17
C SER A 1620 26.03 20.65 -23.82
N THR A 1621 25.31 19.89 -24.65
CA THR A 1621 25.13 18.47 -24.38
C THR A 1621 26.44 17.70 -24.51
N ASP A 1622 27.36 18.19 -25.36
CA ASP A 1622 28.67 17.55 -25.44
C ASP A 1622 29.43 17.70 -24.13
N VAL A 1623 29.41 18.90 -23.55
CA VAL A 1623 30.07 19.12 -22.26
C VAL A 1623 29.39 18.30 -21.18
N LEU A 1624 28.06 18.21 -21.22
CA LEU A 1624 27.36 17.41 -20.22
C LEU A 1624 27.70 15.93 -20.35
N SER A 1625 27.91 15.44 -21.58
CA SER A 1625 28.30 14.05 -21.77
C SER A 1625 29.71 13.80 -21.24
N CYS A 1626 30.64 14.72 -21.52
CA CYS A 1626 31.98 14.59 -20.97
C CYS A 1626 31.94 14.62 -19.44
N ILE A 1627 31.07 15.45 -18.87
CA ILE A 1627 30.92 15.49 -17.42
C ILE A 1627 30.43 14.16 -16.88
N LEU A 1628 29.44 13.56 -17.56
CA LEU A 1628 28.96 12.24 -17.15
C LEU A 1628 30.07 11.20 -17.24
N HIS A 1629 30.89 11.28 -18.27
CA HIS A 1629 32.02 10.36 -18.42
C HIS A 1629 32.98 10.49 -17.25
N LEU A 1630 33.34 11.73 -16.90
CA LEU A 1630 34.27 11.95 -15.80
C LEU A 1630 33.68 11.47 -14.48
N LEU A 1631 32.40 11.78 -14.23
CA LEU A 1631 31.74 11.30 -13.02
C LEU A 1631 31.75 9.78 -12.96
N GLY A 1632 31.63 9.12 -14.10
CA GLY A 1632 31.69 7.67 -14.11
C GLY A 1632 33.08 7.16 -13.81
N LYS A 1633 34.11 7.80 -14.36
CA LYS A 1633 35.48 7.37 -14.09
C LYS A 1633 35.89 7.64 -12.65
N GLY A 1634 35.32 8.66 -12.02
CA GLY A 1634 35.67 9.06 -10.68
C GLY A 1634 36.50 10.33 -10.59
N THR A 1635 36.96 10.86 -11.72
CA THR A 1635 37.77 12.06 -11.72
C THR A 1635 37.03 13.26 -11.12
N LEU A 1636 35.70 13.25 -11.16
CA LEU A 1636 34.89 14.32 -10.62
C LEU A 1636 34.05 13.79 -9.46
N ARG A 1637 33.43 14.70 -8.73
CA ARG A 1637 32.68 14.33 -7.55
C ARG A 1637 31.52 15.29 -7.36
N ARG A 1638 30.37 14.73 -6.98
CA ARG A 1638 29.15 15.49 -6.74
C ARG A 1638 29.03 15.78 -5.26
N HIS A 1639 28.73 17.04 -4.92
CA HIS A 1639 28.50 17.40 -3.53
C HIS A 1639 27.23 16.74 -3.01
N ASP A 1640 27.23 16.43 -1.71
CA ASP A 1640 26.10 15.75 -1.11
C ASP A 1640 25.01 16.72 -0.67
N ASP A 1641 25.39 17.82 -0.01
CA ASP A 1641 24.41 18.82 0.38
C ASP A 1641 23.73 19.43 -0.84
N ARG A 1642 24.52 20.07 -1.70
CA ARG A 1642 24.01 20.61 -2.96
C ARG A 1642 24.26 19.58 -4.06
N PRO A 1643 23.23 18.92 -4.58
CA PRO A 1643 23.48 17.70 -5.36
C PRO A 1643 24.05 17.93 -6.75
N GLN A 1644 23.93 19.13 -7.31
CA GLN A 1644 24.44 19.38 -8.65
C GLN A 1644 25.55 20.44 -8.64
N VAL A 1645 26.42 20.35 -7.64
CA VAL A 1645 27.66 21.12 -7.61
C VAL A 1645 28.81 20.13 -7.68
N LEU A 1646 29.74 20.37 -8.60
CA LEU A 1646 30.80 19.42 -8.90
C LEU A 1646 32.14 19.94 -8.39
N SER A 1647 33.05 19.00 -8.17
CA SER A 1647 34.38 19.35 -7.68
C SER A 1647 35.36 18.25 -8.06
N TYR A 1648 36.61 18.66 -8.27
CA TYR A 1648 37.65 17.70 -8.60
C TYR A 1648 37.94 16.80 -7.42
N ALA A 1649 38.21 15.52 -7.72
CA ALA A 1649 38.52 14.53 -6.69
C ALA A 1649 40.02 14.24 -6.68
N VAL A 1650 40.49 13.74 -5.54
CA VAL A 1650 41.90 13.40 -5.33
C VAL A 1650 42.80 14.59 -5.62
N TYR B 123 -30.05 46.06 3.11
CA TYR B 123 -29.18 44.91 3.33
C TYR B 123 -29.23 43.95 2.16
N GLU B 124 -30.42 43.78 1.57
CA GLU B 124 -30.55 42.89 0.42
C GLU B 124 -29.74 43.38 -0.76
N LEU B 125 -29.47 44.68 -0.85
CA LEU B 125 -28.57 45.18 -1.88
C LEU B 125 -27.16 44.62 -1.68
N ALA B 126 -26.73 44.48 -0.43
CA ALA B 126 -25.40 43.93 -0.16
C ALA B 126 -25.29 42.51 -0.68
N ILE B 127 -26.28 41.66 -0.38
CA ILE B 127 -26.22 40.29 -0.85
C ILE B 127 -26.44 40.22 -2.35
N ASN B 128 -27.17 41.18 -2.93
CA ASN B 128 -27.28 41.24 -4.39
C ASN B 128 -25.94 41.56 -5.03
N ILE B 129 -25.12 42.37 -4.37
CA ILE B 129 -23.80 42.67 -4.90
C ILE B 129 -22.86 41.49 -4.70
N PHE B 130 -22.93 40.83 -3.55
CA PHE B 130 -21.99 39.77 -3.21
C PHE B 130 -22.37 38.42 -3.81
N GLN B 131 -23.61 38.24 -4.29
CA GLN B 131 -24.01 36.95 -4.83
C GLN B 131 -23.16 36.56 -6.02
N TYR B 132 -22.98 37.47 -6.97
CA TYR B 132 -22.16 37.19 -8.13
C TYR B 132 -20.69 37.07 -7.79
N LEU B 133 -20.28 37.56 -6.62
CA LEU B 133 -18.89 37.49 -6.22
C LEU B 133 -18.47 36.04 -6.02
N ASP B 134 -17.36 35.65 -6.64
CA ASP B 134 -16.88 34.29 -6.59
C ASP B 134 -16.32 33.97 -5.20
N ARG B 135 -15.91 32.72 -5.02
CA ARG B 135 -15.35 32.29 -3.75
C ARG B 135 -13.98 32.92 -3.49
N LYS B 136 -13.15 33.03 -4.52
CA LYS B 136 -11.77 33.48 -4.35
C LYS B 136 -11.73 34.86 -3.72
N GLU B 137 -12.29 35.86 -4.39
CA GLU B 137 -12.28 37.21 -3.84
C GLU B 137 -13.17 37.34 -2.61
N LEU B 138 -14.15 36.45 -2.45
CA LEU B 138 -14.88 36.39 -1.19
C LEU B 138 -13.94 36.06 -0.04
N GLY B 139 -12.91 35.26 -0.31
CA GLY B 139 -11.90 35.00 0.71
C GLY B 139 -11.07 36.21 1.08
N ARG B 140 -11.13 37.28 0.28
CA ARG B 140 -10.42 38.51 0.58
C ARG B 140 -11.31 39.58 1.18
N CYS B 141 -12.55 39.71 0.70
CA CYS B 141 -13.43 40.76 1.20
C CYS B 141 -13.76 40.60 2.69
N ALA B 142 -13.35 39.50 3.32
CA ALA B 142 -13.53 39.34 4.75
C ALA B 142 -12.39 39.94 5.57
N GLN B 143 -11.57 40.77 4.95
CA GLN B 143 -10.42 41.38 5.63
C GLN B 143 -10.42 42.90 5.57
N VAL B 144 -11.48 43.52 5.07
CA VAL B 144 -11.52 44.97 4.92
C VAL B 144 -12.39 45.67 5.96
N SER B 145 -13.26 44.95 6.66
CA SER B 145 -14.15 45.56 7.64
C SER B 145 -14.73 44.46 8.51
N LYS B 146 -15.38 44.87 9.60
CA LYS B 146 -16.12 43.92 10.42
C LYS B 146 -17.50 43.65 9.84
N THR B 147 -18.20 44.71 9.40
CA THR B 147 -19.47 44.51 8.71
C THR B 147 -19.25 43.79 7.39
N TRP B 148 -18.17 44.12 6.68
CA TRP B 148 -17.87 43.37 5.46
C TRP B 148 -17.48 41.93 5.78
N LYS B 149 -16.90 41.70 6.97
CA LYS B 149 -16.67 40.32 7.39
C LYS B 149 -17.98 39.58 7.57
N VAL B 150 -18.91 40.16 8.32
CA VAL B 150 -20.17 39.46 8.59
C VAL B 150 -21.05 39.37 7.35
N ILE B 151 -20.83 40.21 6.34
CA ILE B 151 -21.54 40.03 5.09
C ILE B 151 -20.82 39.03 4.18
N ALA B 152 -19.53 38.81 4.38
CA ALA B 152 -18.79 37.81 3.62
C ALA B 152 -18.91 36.42 4.21
N GLU B 153 -19.49 36.28 5.39
CA GLU B 153 -19.72 34.99 6.03
C GLU B 153 -21.20 34.64 6.05
N ASP B 154 -21.93 35.02 5.01
CA ASP B 154 -23.36 34.77 4.95
C ASP B 154 -23.63 33.28 4.76
N GLU B 155 -24.70 32.80 5.39
CA GLU B 155 -25.03 31.39 5.33
C GLU B 155 -25.57 31.01 3.96
N VAL B 156 -26.40 31.86 3.36
CA VAL B 156 -27.00 31.52 2.08
C VAL B 156 -25.95 31.50 0.97
N LEU B 157 -25.01 32.44 1.01
CA LEU B 157 -23.97 32.48 -0.02
C LEU B 157 -23.11 31.23 0.02
N TRP B 158 -22.68 30.84 1.23
CA TRP B 158 -21.82 29.67 1.34
C TRP B 158 -22.60 28.38 1.10
N TYR B 159 -23.86 28.33 1.51
CA TYR B 159 -24.71 27.19 1.18
C TYR B 159 -24.80 27.01 -0.34
N ARG B 160 -25.00 28.11 -1.06
CA ARG B 160 -25.07 28.05 -2.51
C ARG B 160 -23.73 27.63 -3.11
N LEU B 161 -22.64 28.20 -2.62
CA LEU B 161 -21.32 27.83 -3.13
C LEU B 161 -21.03 26.36 -2.91
N CYS B 162 -21.45 25.82 -1.76
CA CYS B 162 -21.19 24.43 -1.44
C CYS B 162 -22.02 23.50 -2.31
N GLN B 163 -23.34 23.71 -2.33
CA GLN B 163 -24.21 22.80 -3.08
C GLN B 163 -23.95 22.89 -4.58
N GLN B 164 -23.72 24.10 -5.08
CA GLN B 164 -23.47 24.26 -6.51
C GLN B 164 -22.11 23.70 -6.93
N GLU B 165 -21.21 23.47 -5.97
CA GLU B 165 -19.92 22.87 -6.28
C GLU B 165 -19.93 21.35 -6.16
N GLY B 166 -21.01 20.77 -5.64
CA GLY B 166 -21.19 19.33 -5.57
C GLY B 166 -21.26 18.78 -4.16
N HIS B 167 -20.64 19.47 -3.21
CA HIS B 167 -20.59 18.97 -1.83
C HIS B 167 -21.98 18.97 -1.21
N LEU B 168 -22.34 17.86 -0.57
CA LEU B 168 -23.56 17.72 0.22
C LEU B 168 -24.79 18.08 -0.61
N PRO B 169 -25.12 17.30 -1.64
CA PRO B 169 -26.27 17.68 -2.49
C PRO B 169 -27.60 17.71 -1.77
N ASP B 170 -27.97 16.62 -1.11
CA ASP B 170 -29.32 16.47 -0.56
C ASP B 170 -29.37 16.92 0.90
N SER B 171 -29.02 18.17 1.13
CA SER B 171 -29.01 18.74 2.47
C SER B 171 -29.99 19.91 2.53
N SER B 172 -30.01 20.58 3.68
CA SER B 172 -30.81 21.77 3.91
C SER B 172 -29.98 22.76 4.70
N ILE B 173 -30.14 24.05 4.39
CA ILE B 173 -29.35 25.08 5.04
C ILE B 173 -29.57 25.13 6.54
N SER B 174 -30.59 24.43 7.05
CA SER B 174 -30.90 24.49 8.46
C SER B 174 -30.01 23.56 9.29
N ASP B 175 -29.81 22.33 8.82
CA ASP B 175 -29.29 21.28 9.71
C ASP B 175 -27.85 21.49 10.12
N TYR B 176 -27.09 22.32 9.41
CA TYR B 176 -25.73 22.63 9.83
C TYR B 176 -25.63 24.12 10.16
N SER B 177 -24.45 24.52 10.62
CA SER B 177 -24.17 25.91 10.96
C SER B 177 -22.78 26.27 10.46
N CYS B 178 -22.59 27.55 10.18
CA CYS B 178 -21.31 28.08 9.70
C CYS B 178 -20.87 27.35 8.43
N TRP B 179 -21.68 27.48 7.39
CA TRP B 179 -21.47 26.72 6.16
C TRP B 179 -20.09 26.95 5.54
N LYS B 180 -19.42 28.04 5.90
CA LYS B 180 -18.05 28.23 5.41
C LYS B 180 -17.13 27.17 5.97
N LEU B 181 -17.26 26.83 7.25
CA LEU B 181 -16.40 25.80 7.82
C LEU B 181 -16.74 24.42 7.27
N ILE B 182 -18.01 24.17 6.97
CA ILE B 182 -18.37 22.93 6.28
C ILE B 182 -17.70 22.88 4.92
N PHE B 183 -17.76 23.98 4.17
CA PHE B 183 -17.10 24.05 2.88
C PHE B 183 -15.61 23.80 2.99
N GLN B 184 -15.01 24.23 4.10
CA GLN B 184 -13.59 23.95 4.33
C GLN B 184 -13.36 22.47 4.62
N GLU B 185 -14.20 21.88 5.47
CA GLU B 185 -13.98 20.52 5.92
C GLU B 185 -14.16 19.50 4.79
N CYS B 186 -15.14 19.74 3.90
CA CYS B 186 -15.30 18.81 2.79
C CYS B 186 -14.06 18.78 1.90
N ARG B 187 -13.47 19.94 1.62
CA ARG B 187 -12.28 19.96 0.77
C ARG B 187 -11.09 19.38 1.50
N ALA B 188 -10.96 19.62 2.80
CA ALA B 188 -9.92 18.96 3.57
C ALA B 188 -10.07 17.44 3.49
N LYS B 189 -11.30 16.94 3.56
CA LYS B 189 -11.54 15.51 3.47
C LYS B 189 -11.15 14.97 2.10
N GLU B 190 -11.47 15.71 1.04
CA GLU B 190 -11.07 15.27 -0.30
C GLU B 190 -9.55 15.22 -0.44
N HIS B 191 -8.85 16.21 0.11
CA HIS B 191 -7.40 16.18 0.07
C HIS B 191 -6.84 15.00 0.84
N MET B 192 -7.44 14.69 1.99
CA MET B 192 -7.00 13.53 2.74
C MET B 192 -7.22 12.24 1.96
N LEU B 193 -8.35 12.16 1.24
CA LEU B 193 -8.59 11.00 0.39
C LEU B 193 -7.53 10.87 -0.69
N ARG B 194 -7.16 11.99 -1.30
CA ARG B 194 -6.12 11.95 -2.34
C ARG B 194 -4.78 11.47 -1.76
N THR B 195 -4.42 11.95 -0.57
CA THR B 195 -3.18 11.48 0.01
C THR B 195 -3.26 10.02 0.42
N ASN B 196 -4.44 9.54 0.83
CA ASN B 196 -4.60 8.11 1.08
C ASN B 196 -4.42 7.31 -0.20
N TRP B 197 -4.81 7.87 -1.35
CA TRP B 197 -4.54 7.20 -2.62
C TRP B 197 -3.05 7.20 -2.94
N LYS B 198 -2.37 8.32 -2.69
CA LYS B 198 -0.95 8.41 -3.04
C LYS B 198 -0.10 7.42 -2.25
N ASN B 199 -0.29 7.38 -0.94
CA ASN B 199 0.23 6.30 -0.14
C ASN B 199 -0.74 5.12 -0.25
N ARG B 200 -0.57 4.10 0.57
CA ARG B 200 -1.55 3.02 0.63
C ARG B 200 -2.07 2.98 2.06
N LYS B 201 -3.09 3.77 2.33
CA LYS B 201 -3.72 3.82 3.65
C LYS B 201 -5.18 3.47 3.50
N GLY B 202 -5.64 2.51 4.26
CA GLY B 202 -7.02 2.09 4.19
C GLY B 202 -7.12 0.64 4.61
N ALA B 203 -8.09 -0.05 4.02
CA ALA B 203 -8.31 -1.46 4.28
C ALA B 203 -8.29 -2.22 2.97
N VAL B 204 -8.15 -3.54 3.09
CA VAL B 204 -8.11 -4.42 1.93
C VAL B 204 -8.72 -5.75 2.33
N SER B 205 -9.41 -6.37 1.37
CA SER B 205 -10.08 -7.64 1.60
C SER B 205 -10.10 -8.43 0.30
N GLU B 206 -10.40 -9.72 0.41
CA GLU B 206 -10.37 -10.62 -0.74
C GLU B 206 -11.49 -11.64 -0.62
N LEU B 207 -12.21 -11.87 -1.70
CA LEU B 207 -13.22 -12.92 -1.72
C LEU B 207 -12.53 -14.28 -1.64
N GLU B 208 -13.02 -15.13 -0.74
CA GLU B 208 -12.31 -16.37 -0.44
C GLU B 208 -12.48 -17.39 -1.57
N HIS B 209 -11.52 -18.32 -1.61
CA HIS B 209 -11.49 -19.31 -2.68
C HIS B 209 -12.61 -20.32 -2.50
N VAL B 210 -13.22 -20.69 -3.63
CA VAL B 210 -14.24 -21.75 -3.64
C VAL B 210 -13.52 -23.06 -3.91
N PRO B 211 -13.70 -24.08 -3.06
CA PRO B 211 -12.85 -25.27 -3.14
C PRO B 211 -13.00 -26.00 -4.46
N ASP B 212 -11.85 -26.44 -5.00
CA ASP B 212 -11.76 -27.31 -6.19
C ASP B 212 -12.50 -26.75 -7.39
N THR B 213 -12.55 -25.42 -7.50
CA THR B 213 -13.15 -24.77 -8.67
C THR B 213 -12.23 -23.65 -9.14
N VAL B 214 -12.49 -23.19 -10.36
CA VAL B 214 -11.71 -22.14 -10.99
C VAL B 214 -12.63 -20.96 -11.28
N LEU B 215 -12.13 -19.76 -11.06
CA LEU B 215 -12.86 -18.56 -11.43
C LEU B 215 -12.97 -18.47 -12.95
N CYS B 216 -14.14 -18.08 -13.43
CA CYS B 216 -14.37 -18.03 -14.86
C CYS B 216 -14.74 -16.65 -15.38
N ASP B 217 -15.55 -15.89 -14.64
CA ASP B 217 -15.90 -14.56 -15.10
C ASP B 217 -16.22 -13.65 -13.91
N VAL B 218 -15.94 -12.36 -14.07
CA VAL B 218 -16.11 -11.37 -13.01
C VAL B 218 -16.70 -10.10 -13.60
N HIS B 219 -17.57 -9.44 -12.84
CA HIS B 219 -18.08 -8.13 -13.21
C HIS B 219 -18.47 -7.39 -11.95
N SER B 220 -18.53 -6.05 -12.04
CA SER B 220 -18.92 -5.25 -10.89
C SER B 220 -19.49 -3.92 -11.36
N HIS B 221 -20.60 -3.49 -10.76
CA HIS B 221 -21.21 -2.23 -11.12
C HIS B 221 -20.89 -1.09 -10.15
N ASP B 222 -21.24 -1.26 -8.88
CA ASP B 222 -21.20 -0.14 -7.94
C ASP B 222 -20.60 -0.57 -6.62
N GLY B 223 -19.51 -1.32 -6.65
CA GLY B 223 -19.02 -1.94 -5.45
C GLY B 223 -19.62 -3.28 -5.15
N VAL B 224 -20.60 -3.72 -5.94
CA VAL B 224 -21.18 -5.05 -5.82
C VAL B 224 -20.59 -5.90 -6.93
N VAL B 225 -19.97 -7.00 -6.55
CA VAL B 225 -19.25 -7.87 -7.48
C VAL B 225 -20.10 -9.10 -7.76
N ILE B 226 -20.03 -9.59 -8.99
CA ILE B 226 -20.62 -10.86 -9.36
C ILE B 226 -19.53 -11.71 -10.00
N ALA B 227 -19.53 -12.99 -9.70
CA ALA B 227 -18.47 -13.89 -10.12
C ALA B 227 -19.08 -15.24 -10.48
N GLY B 228 -18.52 -15.86 -11.50
CA GLY B 228 -19.00 -17.16 -11.96
C GLY B 228 -17.84 -18.11 -12.12
N TYR B 229 -18.08 -19.36 -11.73
CA TYR B 229 -17.06 -20.40 -11.60
C TYR B 229 -17.37 -21.54 -12.55
N THR B 230 -16.37 -22.36 -12.83
CA THR B 230 -16.58 -23.49 -13.73
C THR B 230 -17.20 -24.67 -12.99
N SER B 231 -18.28 -24.42 -12.26
CA SER B 231 -19.13 -25.48 -11.75
C SER B 231 -20.61 -25.14 -11.83
N GLY B 232 -20.95 -23.99 -12.41
CA GLY B 232 -22.31 -23.50 -12.40
C GLY B 232 -22.63 -22.53 -11.28
N ASP B 233 -21.67 -22.24 -10.41
CA ASP B 233 -21.93 -21.40 -9.26
C ASP B 233 -21.84 -19.93 -9.62
N VAL B 234 -22.72 -19.12 -9.02
CA VAL B 234 -22.73 -17.68 -9.18
C VAL B 234 -22.85 -17.05 -7.81
N ARG B 235 -21.95 -16.14 -7.48
CA ARG B 235 -21.99 -15.42 -6.21
C ARG B 235 -22.00 -13.93 -6.44
N VAL B 236 -22.57 -13.21 -5.48
CA VAL B 236 -22.45 -11.76 -5.40
C VAL B 236 -21.87 -11.43 -4.02
N TRP B 237 -21.15 -10.32 -3.94
CA TRP B 237 -20.73 -9.85 -2.62
C TRP B 237 -20.53 -8.34 -2.64
N ASP B 238 -21.13 -7.68 -1.66
CA ASP B 238 -21.06 -6.23 -1.54
C ASP B 238 -19.77 -5.85 -0.82
N THR B 239 -18.97 -5.00 -1.46
CA THR B 239 -17.69 -4.59 -0.89
C THR B 239 -17.78 -3.28 -0.14
N ARG B 240 -18.98 -2.85 0.23
CA ARG B 240 -19.18 -1.57 0.89
C ARG B 240 -19.52 -1.69 2.36
N THR B 241 -19.51 -2.88 2.92
CA THR B 241 -19.99 -3.11 4.28
C THR B 241 -18.88 -3.65 5.17
N TRP B 242 -19.05 -3.44 6.48
CA TRP B 242 -18.22 -4.14 7.45
C TRP B 242 -18.60 -5.60 7.57
N ASP B 243 -19.83 -5.95 7.21
CA ASP B 243 -20.30 -7.32 7.30
C ASP B 243 -19.66 -8.17 6.20
N TYR B 244 -20.05 -9.45 6.16
CA TYR B 244 -19.54 -10.33 5.11
C TYR B 244 -20.63 -11.36 4.80
N VAL B 245 -21.37 -11.11 3.73
CA VAL B 245 -22.24 -12.12 3.15
C VAL B 245 -21.96 -12.14 1.65
N ALA B 246 -21.57 -13.31 1.15
CA ALA B 246 -21.38 -13.55 -0.28
C ALA B 246 -22.30 -14.68 -0.70
N PRO B 247 -23.58 -14.39 -0.85
CA PRO B 247 -24.55 -15.47 -1.09
C PRO B 247 -24.38 -16.09 -2.47
N PHE B 248 -24.80 -17.34 -2.58
CA PHE B 248 -24.90 -17.99 -3.86
C PHE B 248 -26.29 -17.78 -4.43
N LEU B 249 -26.37 -17.57 -5.74
CA LEU B 249 -27.64 -17.34 -6.40
C LEU B 249 -28.17 -18.67 -6.91
N GLU B 250 -29.35 -19.05 -6.45
CA GLU B 250 -29.93 -20.34 -6.82
C GLU B 250 -30.40 -20.29 -8.26
N SER B 251 -30.69 -21.48 -8.81
CA SER B 251 -31.02 -21.59 -10.22
C SER B 251 -32.32 -22.31 -10.50
N GLU B 252 -33.05 -22.75 -9.48
CA GLU B 252 -34.29 -23.46 -9.70
C GLU B 252 -35.31 -23.16 -8.61
N GLN B 261 -24.84 -27.20 -13.06
CA GLN B 261 -23.94 -28.24 -13.58
C GLN B 261 -23.06 -27.78 -14.75
N PRO B 262 -23.60 -27.05 -15.74
CA PRO B 262 -22.75 -26.54 -16.81
C PRO B 262 -21.86 -25.41 -16.31
N ASN B 263 -20.89 -25.06 -17.14
CA ASN B 263 -19.99 -23.97 -16.79
C ASN B 263 -20.64 -22.63 -17.08
N VAL B 264 -20.23 -21.62 -16.32
CA VAL B 264 -20.71 -20.26 -16.55
C VAL B 264 -19.88 -19.64 -17.66
N SER B 265 -20.55 -18.99 -18.61
CA SER B 265 -19.88 -18.30 -19.70
C SER B 265 -19.71 -16.82 -19.41
N PHE B 266 -20.79 -16.13 -19.05
CA PHE B 266 -20.71 -14.69 -18.79
C PHE B 266 -21.57 -14.32 -17.60
N VAL B 267 -21.16 -13.26 -16.90
CA VAL B 267 -21.94 -12.69 -15.81
C VAL B 267 -21.95 -11.18 -15.95
N ARG B 268 -23.08 -10.56 -15.61
CA ARG B 268 -23.21 -9.11 -15.60
C ARG B 268 -24.05 -8.70 -14.40
N ILE B 269 -23.78 -7.51 -13.87
CA ILE B 269 -24.51 -7.00 -12.73
C ILE B 269 -24.90 -5.55 -12.98
N ASN B 270 -26.02 -5.16 -12.37
CA ASN B 270 -26.61 -3.84 -12.52
C ASN B 270 -26.82 -3.21 -11.16
N SER B 271 -27.51 -2.07 -11.12
CA SER B 271 -27.92 -1.52 -9.83
C SER B 271 -29.04 -2.33 -9.21
N SER B 272 -29.80 -3.08 -10.02
CA SER B 272 -30.89 -3.90 -9.50
C SER B 272 -30.91 -5.33 -10.00
N LEU B 273 -30.28 -5.64 -11.13
CA LEU B 273 -30.41 -6.95 -11.75
C LEU B 273 -29.08 -7.69 -11.75
N ALA B 274 -29.16 -9.00 -12.00
CA ALA B 274 -27.99 -9.84 -12.21
C ALA B 274 -28.30 -10.83 -13.31
N VAL B 275 -27.36 -11.03 -14.22
CA VAL B 275 -27.58 -11.86 -15.39
C VAL B 275 -26.43 -12.85 -15.52
N ALA B 276 -26.75 -14.10 -15.83
CA ALA B 276 -25.73 -15.12 -16.03
C ALA B 276 -26.06 -15.95 -17.25
N ALA B 277 -25.06 -16.21 -18.08
CA ALA B 277 -25.19 -17.00 -19.29
C ALA B 277 -24.30 -18.22 -19.19
N TYR B 278 -24.88 -19.40 -19.41
CA TYR B 278 -24.22 -20.68 -19.19
C TYR B 278 -23.77 -21.29 -20.51
N GLU B 279 -23.11 -22.44 -20.40
CA GLU B 279 -22.52 -23.09 -21.57
C GLU B 279 -23.56 -23.78 -22.46
N ASP B 280 -24.64 -24.29 -21.87
CA ASP B 280 -25.63 -25.01 -22.66
C ASP B 280 -26.63 -24.09 -23.35
N GLY B 281 -26.40 -22.79 -23.33
CA GLY B 281 -27.29 -21.86 -23.98
C GLY B 281 -28.40 -21.31 -23.12
N PHE B 282 -28.30 -21.44 -21.80
CA PHE B 282 -29.31 -20.92 -20.90
C PHE B 282 -28.88 -19.58 -20.32
N LEU B 283 -29.87 -18.82 -19.86
CA LEU B 283 -29.67 -17.47 -19.36
C LEU B 283 -30.59 -17.25 -18.17
N ASN B 284 -30.00 -16.95 -17.02
CA ASN B 284 -30.76 -16.67 -15.80
C ASN B 284 -30.70 -15.19 -15.48
N ILE B 285 -31.82 -14.67 -14.98
CA ILE B 285 -31.94 -13.27 -14.60
C ILE B 285 -32.49 -13.21 -13.18
N TRP B 286 -31.75 -12.61 -12.28
CA TRP B 286 -32.15 -12.41 -10.89
C TRP B 286 -32.45 -10.95 -10.64
N ASP B 287 -33.42 -10.69 -9.77
CA ASP B 287 -33.70 -9.35 -9.28
C ASP B 287 -33.11 -9.24 -7.89
N LEU B 288 -32.08 -8.42 -7.74
CA LEU B 288 -31.35 -8.31 -6.49
C LEU B 288 -32.18 -7.71 -5.35
N ARG B 289 -33.42 -7.34 -5.60
CA ARG B 289 -34.25 -6.71 -4.57
C ARG B 289 -35.40 -7.60 -4.10
N THR B 290 -35.59 -8.77 -4.68
CA THR B 290 -36.67 -9.66 -4.27
C THR B 290 -36.17 -10.95 -3.64
N GLY B 291 -35.30 -11.69 -4.31
CA GLY B 291 -34.86 -12.96 -3.76
C GLY B 291 -33.67 -13.51 -4.49
N LYS B 292 -33.36 -14.76 -4.18
CA LYS B 292 -32.23 -15.48 -4.78
C LYS B 292 -32.68 -16.53 -5.78
N TYR B 293 -33.85 -16.32 -6.38
CA TYR B 293 -34.33 -17.21 -7.42
C TYR B 293 -34.61 -16.44 -8.70
N PRO B 294 -34.37 -17.03 -9.86
CA PRO B 294 -34.47 -16.28 -11.11
C PRO B 294 -35.90 -15.79 -11.36
N VAL B 295 -35.99 -14.57 -11.92
CA VAL B 295 -37.28 -14.05 -12.35
C VAL B 295 -37.56 -14.33 -13.81
N HIS B 296 -36.57 -14.77 -14.57
CA HIS B 296 -36.76 -15.14 -15.96
C HIS B 296 -35.67 -16.12 -16.36
N ARG B 297 -36.06 -17.17 -17.07
CA ARG B 297 -35.13 -18.21 -17.52
C ARG B 297 -35.29 -18.38 -19.03
N PHE B 298 -34.32 -17.88 -19.79
CA PHE B 298 -34.36 -17.93 -21.24
C PHE B 298 -33.45 -19.04 -21.75
N GLU B 299 -33.79 -19.59 -22.90
CA GLU B 299 -33.08 -20.72 -23.47
C GLU B 299 -32.79 -20.48 -24.94
N HIS B 300 -31.52 -20.57 -25.33
CA HIS B 300 -31.11 -20.44 -26.71
C HIS B 300 -31.03 -21.83 -27.36
N ASP B 301 -30.57 -21.88 -28.60
CA ASP B 301 -30.38 -23.13 -29.31
C ASP B 301 -28.92 -23.52 -29.49
N ALA B 302 -28.03 -22.55 -29.56
CA ALA B 302 -26.60 -22.75 -29.65
C ALA B 302 -25.94 -22.10 -28.43
N ARG B 303 -24.62 -22.07 -28.43
CA ARG B 303 -23.90 -21.37 -27.38
C ARG B 303 -24.19 -19.87 -27.45
N ILE B 304 -23.67 -19.13 -26.48
CA ILE B 304 -23.83 -17.69 -26.39
C ILE B 304 -22.46 -17.06 -26.57
N GLN B 305 -22.36 -16.12 -27.51
CA GLN B 305 -21.07 -15.52 -27.83
C GLN B 305 -20.87 -14.15 -27.22
N ALA B 306 -21.95 -13.47 -26.81
CA ALA B 306 -21.80 -12.17 -26.17
C ALA B 306 -23.05 -11.86 -25.38
N LEU B 307 -22.87 -11.10 -24.31
CA LEU B 307 -23.93 -10.75 -23.38
C LEU B 307 -23.71 -9.32 -22.91
N ALA B 308 -24.78 -8.54 -22.84
CA ALA B 308 -24.70 -7.15 -22.42
C ALA B 308 -25.91 -6.81 -21.56
N LEU B 309 -25.71 -5.90 -20.61
CA LEU B 309 -26.73 -5.47 -19.69
C LEU B 309 -26.73 -3.95 -19.61
N SER B 310 -27.92 -3.36 -19.62
CA SER B 310 -28.02 -1.91 -19.61
C SER B 310 -27.53 -1.36 -18.28
N GLN B 311 -26.66 -0.35 -18.35
CA GLN B 311 -26.07 0.20 -17.14
C GLN B 311 -27.10 0.90 -16.26
N ASP B 312 -28.14 1.46 -16.86
CA ASP B 312 -29.17 2.20 -16.14
C ASP B 312 -30.53 1.52 -16.21
N ASP B 313 -30.99 1.19 -17.41
CA ASP B 313 -32.31 0.64 -17.64
C ASP B 313 -32.30 -0.85 -17.29
N ALA B 314 -33.35 -1.57 -17.69
CA ALA B 314 -33.52 -2.96 -17.31
C ALA B 314 -33.69 -3.85 -18.53
N THR B 315 -32.84 -3.66 -19.54
CA THR B 315 -32.87 -4.46 -20.76
C THR B 315 -31.60 -5.29 -20.87
N VAL B 316 -31.74 -6.49 -21.43
CA VAL B 316 -30.64 -7.42 -21.59
C VAL B 316 -30.49 -7.72 -23.07
N ALA B 317 -29.26 -7.96 -23.52
CA ALA B 317 -29.01 -8.26 -24.93
C ALA B 317 -28.07 -9.45 -25.02
N THR B 318 -28.40 -10.42 -25.87
CA THR B 318 -27.57 -11.59 -26.06
C THR B 318 -27.33 -11.83 -27.54
N ALA B 319 -26.23 -12.53 -27.84
CA ALA B 319 -25.84 -12.85 -29.20
C ALA B 319 -25.60 -14.36 -29.33
N SER B 320 -26.60 -15.07 -29.82
CA SER B 320 -26.45 -16.48 -30.15
C SER B 320 -25.78 -16.59 -31.53
N ALA B 321 -25.81 -17.78 -32.12
CA ALA B 321 -25.08 -18.05 -33.35
C ALA B 321 -25.23 -16.95 -34.41
N PHE B 322 -26.45 -16.69 -34.85
CA PHE B 322 -26.67 -15.63 -35.82
C PHE B 322 -27.78 -14.66 -35.43
N ASP B 323 -28.37 -14.82 -34.25
CA ASP B 323 -29.44 -13.95 -33.78
C ASP B 323 -28.95 -13.10 -32.61
N VAL B 324 -29.25 -11.82 -32.65
CA VAL B 324 -29.08 -10.92 -31.51
C VAL B 324 -30.46 -10.57 -31.00
N VAL B 325 -30.69 -10.71 -29.70
CA VAL B 325 -32.01 -10.48 -29.14
C VAL B 325 -31.91 -9.59 -27.92
N MET B 326 -32.97 -8.82 -27.69
CA MET B 326 -33.12 -7.94 -26.54
C MET B 326 -34.32 -8.39 -25.72
N LEU B 327 -34.12 -8.52 -24.42
CA LEU B 327 -35.18 -8.89 -23.49
C LEU B 327 -35.47 -7.70 -22.58
N SER B 328 -36.75 -7.52 -22.25
CA SER B 328 -37.16 -6.37 -21.46
C SER B 328 -38.55 -6.62 -20.91
N PRO B 329 -38.87 -6.10 -19.72
CA PRO B 329 -40.22 -6.28 -19.18
C PRO B 329 -41.21 -5.32 -19.80
N ASN B 330 -42.43 -5.79 -19.99
CA ASN B 330 -43.52 -4.93 -20.43
C ASN B 330 -44.06 -4.16 -19.22
N GLU B 331 -45.19 -3.49 -19.40
CA GLU B 331 -45.71 -2.63 -18.33
C GLU B 331 -46.03 -3.44 -17.08
N GLU B 332 -46.55 -4.66 -17.25
CA GLU B 332 -46.83 -5.51 -16.10
C GLU B 332 -45.61 -6.29 -15.64
N GLY B 333 -44.44 -6.05 -16.23
CA GLY B 333 -43.23 -6.72 -15.80
C GLY B 333 -43.21 -8.19 -16.11
N TYR B 334 -43.22 -8.57 -17.39
CA TYR B 334 -43.29 -9.96 -17.77
C TYR B 334 -42.11 -10.46 -18.60
N TRP B 335 -41.11 -9.61 -18.85
CA TRP B 335 -39.84 -10.04 -19.43
C TRP B 335 -40.04 -10.73 -20.77
N GLN B 336 -40.53 -9.96 -21.74
CA GLN B 336 -40.73 -10.45 -23.08
C GLN B 336 -39.57 -10.04 -23.98
N ILE B 337 -39.69 -10.37 -25.27
CA ILE B 337 -38.68 -10.07 -26.27
C ILE B 337 -39.00 -8.72 -26.89
N ALA B 338 -38.10 -7.75 -26.75
CA ALA B 338 -38.32 -6.43 -27.30
C ALA B 338 -38.07 -6.40 -28.80
N ALA B 339 -36.97 -6.99 -29.26
CA ALA B 339 -36.62 -6.94 -30.67
C ALA B 339 -35.71 -8.10 -31.00
N GLU B 340 -35.63 -8.41 -32.30
CA GLU B 340 -34.76 -9.46 -32.81
C GLU B 340 -34.07 -8.97 -34.06
N PHE B 341 -32.84 -9.43 -34.26
CA PHE B 341 -32.05 -9.04 -35.43
C PHE B 341 -31.32 -10.26 -35.95
N GLU B 342 -30.63 -10.07 -37.07
CA GLU B 342 -29.82 -11.12 -37.69
C GLU B 342 -28.51 -10.51 -38.17
N VAL B 343 -27.43 -11.28 -38.03
CA VAL B 343 -26.12 -10.85 -38.49
C VAL B 343 -25.53 -11.92 -39.40
N PRO B 344 -24.67 -11.55 -40.35
CA PRO B 344 -24.10 -12.57 -41.24
C PRO B 344 -22.90 -13.31 -40.68
N LYS B 345 -22.29 -12.84 -39.59
CA LYS B 345 -21.13 -13.48 -39.01
C LYS B 345 -21.37 -13.68 -37.52
N LEU B 346 -20.40 -14.32 -36.85
CA LEU B 346 -20.47 -14.48 -35.42
C LEU B 346 -20.14 -13.16 -34.73
N VAL B 347 -20.85 -12.86 -33.65
CA VAL B 347 -20.63 -11.63 -32.91
C VAL B 347 -19.47 -11.83 -31.95
N GLN B 348 -18.67 -10.79 -31.76
CA GLN B 348 -17.56 -10.82 -30.83
C GLN B 348 -17.65 -9.77 -29.74
N TYR B 349 -18.31 -8.66 -29.99
CA TYR B 349 -18.52 -7.62 -29.00
C TYR B 349 -19.93 -7.09 -29.13
N LEU B 350 -20.54 -6.76 -27.99
CA LEU B 350 -21.93 -6.33 -27.96
C LEU B 350 -22.12 -5.43 -26.76
N GLU B 351 -22.55 -4.19 -27.01
CA GLU B 351 -22.77 -3.22 -25.94
C GLU B 351 -24.12 -2.55 -26.13
N ILE B 352 -24.57 -1.88 -25.08
CA ILE B 352 -25.84 -1.16 -25.07
C ILE B 352 -25.55 0.29 -24.75
N VAL B 353 -26.07 1.19 -25.59
CA VAL B 353 -25.80 2.62 -25.42
C VAL B 353 -26.50 3.12 -24.15
N PRO B 354 -25.80 3.81 -23.26
CA PRO B 354 -26.45 4.31 -22.04
C PRO B 354 -27.32 5.52 -22.32
N GLU B 355 -28.28 5.73 -21.41
CA GLU B 355 -29.14 6.91 -21.41
C GLU B 355 -29.92 7.03 -22.72
N THR B 356 -30.75 6.03 -22.99
CA THR B 356 -31.69 6.08 -24.10
C THR B 356 -33.10 6.35 -23.56
N ARG B 357 -33.87 7.15 -24.31
CA ARG B 357 -35.12 7.67 -23.77
C ARG B 357 -36.22 6.61 -23.74
N ARG B 358 -36.58 6.07 -24.90
CA ARG B 358 -37.68 5.13 -25.00
C ARG B 358 -37.23 3.74 -25.43
N TYR B 359 -36.51 3.63 -26.54
CA TYR B 359 -36.11 2.34 -27.06
C TYR B 359 -34.61 2.16 -26.94
N PRO B 360 -34.15 0.99 -26.52
CA PRO B 360 -32.71 0.77 -26.36
C PRO B 360 -32.01 0.66 -27.70
N VAL B 361 -30.72 0.99 -27.70
CA VAL B 361 -29.87 0.90 -28.87
C VAL B 361 -28.65 0.07 -28.51
N ALA B 362 -28.27 -0.84 -29.39
CA ALA B 362 -27.11 -1.69 -29.16
C ALA B 362 -26.11 -1.56 -30.30
N VAL B 363 -24.88 -1.95 -30.01
CA VAL B 363 -23.80 -1.93 -30.98
C VAL B 363 -23.14 -3.31 -30.98
N ALA B 364 -23.11 -3.95 -32.15
CA ALA B 364 -22.53 -5.27 -32.30
C ALA B 364 -21.35 -5.21 -33.26
N ALA B 365 -20.38 -6.09 -33.03
CA ALA B 365 -19.16 -6.15 -33.83
C ALA B 365 -18.99 -7.57 -34.32
N ALA B 366 -19.43 -7.82 -35.55
CA ALA B 366 -19.40 -9.15 -36.15
C ALA B 366 -18.17 -9.24 -37.05
N GLY B 367 -17.06 -9.69 -36.49
CA GLY B 367 -15.86 -9.87 -37.28
C GLY B 367 -15.28 -8.56 -37.72
N ASP B 368 -15.39 -8.27 -39.02
CA ASP B 368 -14.94 -7.01 -39.58
C ASP B 368 -16.09 -6.07 -39.91
N LEU B 369 -17.28 -6.36 -39.42
CA LEU B 369 -18.43 -5.48 -39.62
C LEU B 369 -18.89 -4.93 -38.27
N MET B 370 -19.49 -3.75 -38.30
CA MET B 370 -19.98 -3.10 -37.10
C MET B 370 -21.39 -2.57 -37.37
N TYR B 371 -22.35 -3.10 -36.64
CA TYR B 371 -23.74 -2.75 -36.85
C TYR B 371 -24.21 -1.74 -35.81
N LEU B 372 -25.45 -1.30 -35.97
CA LEU B 372 -26.11 -0.39 -35.05
C LEU B 372 -27.57 -0.86 -34.97
N LEU B 373 -27.89 -1.58 -33.90
CA LEU B 373 -29.21 -2.18 -33.76
C LEU B 373 -30.12 -1.23 -32.99
N LYS B 374 -31.25 -0.86 -33.58
CA LYS B 374 -32.23 0.01 -32.95
C LYS B 374 -33.51 -0.78 -32.75
N ALA B 375 -33.99 -0.82 -31.50
CA ALA B 375 -35.18 -1.61 -31.17
C ALA B 375 -36.48 -0.87 -31.47
N GLU B 376 -36.41 0.32 -32.05
CA GLU B 376 -37.63 1.07 -32.35
C GLU B 376 -38.45 0.34 -33.41
N ASP B 377 -37.86 0.09 -34.57
CA ASP B 377 -38.50 -0.66 -35.63
C ASP B 377 -37.64 -1.84 -36.05
N SER B 378 -36.82 -2.35 -35.14
CA SER B 378 -35.88 -3.43 -35.42
C SER B 378 -34.93 -3.05 -36.56
N ALA B 379 -34.48 -1.80 -36.56
CA ALA B 379 -33.59 -1.32 -37.60
C ALA B 379 -32.17 -1.82 -37.37
N ARG B 380 -31.46 -2.08 -38.47
CA ARG B 380 -30.09 -2.57 -38.43
C ARG B 380 -29.25 -1.69 -39.36
N THR B 381 -28.70 -0.60 -38.83
CA THR B 381 -27.79 0.22 -39.61
C THR B 381 -26.40 -0.40 -39.61
N LEU B 382 -25.56 0.05 -40.53
CA LEU B 382 -24.20 -0.47 -40.67
C LEU B 382 -23.23 0.71 -40.58
N LEU B 383 -22.46 0.78 -39.50
CA LEU B 383 -21.58 1.91 -39.29
C LEU B 383 -20.31 1.80 -40.13
N TYR B 384 -19.67 0.64 -40.12
CA TYR B 384 -18.33 0.50 -40.65
C TYR B 384 -18.18 -0.88 -41.26
N ALA B 385 -17.70 -0.94 -42.51
CA ALA B 385 -17.56 -2.19 -43.23
C ALA B 385 -16.32 -2.13 -44.11
N HIS B 386 -15.91 -3.31 -44.59
CA HIS B 386 -14.77 -3.45 -45.49
C HIS B 386 -13.50 -2.89 -44.85
N GLY B 387 -13.11 -3.49 -43.73
CA GLY B 387 -11.92 -3.11 -43.04
C GLY B 387 -11.30 -4.28 -42.28
N PRO B 388 -10.22 -4.02 -41.56
CA PRO B 388 -9.59 -5.06 -40.76
C PRO B 388 -10.45 -5.41 -39.57
N PRO B 389 -10.24 -6.58 -38.96
CA PRO B 389 -11.08 -7.00 -37.84
C PRO B 389 -10.98 -6.05 -36.65
N VAL B 390 -12.00 -6.09 -35.81
CA VAL B 390 -12.10 -5.24 -34.63
C VAL B 390 -11.43 -5.93 -33.45
N THR B 391 -10.82 -5.13 -32.57
CA THR B 391 -10.09 -5.66 -31.43
C THR B 391 -10.61 -5.21 -30.07
N CYS B 392 -11.41 -4.16 -30.02
CA CYS B 392 -11.98 -3.68 -28.75
C CYS B 392 -13.19 -2.82 -29.08
N LEU B 393 -13.91 -2.42 -28.04
CA LEU B 393 -15.14 -1.66 -28.25
C LEU B 393 -15.53 -0.97 -26.96
N ASP B 394 -15.96 0.29 -27.07
CA ASP B 394 -16.45 1.04 -25.93
C ASP B 394 -17.51 2.02 -26.44
N VAL B 395 -18.59 2.15 -25.67
CA VAL B 395 -19.75 2.95 -26.08
C VAL B 395 -20.06 3.95 -24.98
N SER B 396 -20.07 5.22 -25.33
CA SER B 396 -20.56 6.28 -24.46
C SER B 396 -21.97 6.65 -24.91
N ALA B 397 -22.54 7.69 -24.31
CA ALA B 397 -23.90 8.08 -24.64
C ALA B 397 -24.00 8.63 -26.06
N ASN B 398 -22.95 9.30 -26.56
CA ASN B 398 -23.02 9.95 -27.85
C ASN B 398 -22.12 9.34 -28.92
N GLN B 399 -21.00 8.74 -28.55
CA GLN B 399 -20.05 8.25 -29.54
C GLN B 399 -19.57 6.85 -29.16
N VAL B 400 -19.04 6.16 -30.15
CA VAL B 400 -18.52 4.80 -29.99
C VAL B 400 -17.07 4.78 -30.46
N ALA B 401 -16.20 4.15 -29.69
CA ALA B 401 -14.79 4.04 -30.01
C ALA B 401 -14.40 2.57 -30.11
N PHE B 402 -13.64 2.23 -31.14
CA PHE B 402 -13.24 0.83 -31.31
C PHE B 402 -11.93 0.77 -32.07
N GLY B 403 -11.17 -0.29 -31.82
CA GLY B 403 -9.85 -0.45 -32.39
C GLY B 403 -9.85 -1.53 -33.46
N VAL B 404 -9.07 -1.30 -34.52
CA VAL B 404 -8.97 -2.23 -35.63
C VAL B 404 -7.49 -2.53 -35.87
N GLN B 405 -7.22 -3.73 -36.37
CA GLN B 405 -5.88 -4.20 -36.60
C GLN B 405 -5.22 -3.43 -37.74
N GLY B 406 -3.96 -3.75 -37.98
CA GLY B 406 -3.25 -3.28 -39.15
C GLY B 406 -3.00 -4.46 -40.07
N LEU B 407 -3.01 -4.20 -41.36
CA LEU B 407 -2.91 -5.29 -42.33
C LEU B 407 -2.53 -4.72 -43.69
N GLY B 408 -2.12 -5.63 -44.57
CA GLY B 408 -1.82 -5.28 -45.95
C GLY B 408 -0.50 -5.84 -46.42
N TRP B 409 -0.33 -5.95 -47.73
CA TRP B 409 1.00 -6.21 -48.27
C TRP B 409 1.94 -5.06 -47.91
N VAL B 410 1.57 -3.84 -48.28
CA VAL B 410 2.13 -2.64 -47.68
C VAL B 410 1.33 -2.37 -46.41
N TYR B 411 1.97 -2.54 -45.26
CA TYR B 411 1.25 -2.64 -44.00
C TYR B 411 0.56 -1.32 -43.66
N GLU B 412 -0.65 -1.44 -43.12
CA GLU B 412 -1.38 -0.33 -42.54
C GLU B 412 -1.47 -0.56 -41.04
N GLY B 413 -1.04 0.44 -40.26
CA GLY B 413 -0.95 0.28 -38.83
C GLY B 413 -2.30 0.10 -38.17
N SER B 414 -2.25 -0.37 -36.92
CA SER B 414 -3.46 -0.51 -36.12
C SER B 414 -3.98 0.87 -35.75
N LYS B 415 -5.30 0.97 -35.64
CA LYS B 415 -5.93 2.28 -35.46
C LYS B 415 -7.06 2.20 -34.45
N ILE B 416 -7.46 3.37 -33.96
CA ILE B 416 -8.65 3.52 -33.13
C ILE B 416 -9.57 4.51 -33.83
N LEU B 417 -10.78 4.07 -34.15
CA LEU B 417 -11.78 4.89 -34.82
C LEU B 417 -12.86 5.29 -33.83
N VAL B 418 -13.35 6.52 -33.97
CA VAL B 418 -14.36 7.09 -33.09
C VAL B 418 -15.50 7.58 -33.96
N TYR B 419 -16.59 6.83 -34.00
CA TYR B 419 -17.78 7.25 -34.72
C TYR B 419 -18.76 7.92 -33.77
N SER B 420 -19.72 8.63 -34.35
CA SER B 420 -20.77 9.30 -33.59
C SER B 420 -22.09 8.57 -33.81
N LEU B 421 -22.90 8.53 -32.76
CA LEU B 421 -24.18 7.83 -32.84
C LEU B 421 -25.30 8.67 -33.39
N GLU B 422 -25.16 10.00 -33.38
CA GLU B 422 -26.17 10.88 -33.94
C GLU B 422 -26.43 10.55 -35.40
N ALA B 423 -25.40 10.63 -36.24
CA ALA B 423 -25.54 10.41 -37.67
C ALA B 423 -24.75 9.23 -38.19
N GLY B 424 -23.80 8.69 -37.43
CA GLY B 424 -22.92 7.65 -37.92
C GLY B 424 -21.71 8.16 -38.67
N ARG B 425 -21.31 9.39 -38.43
CA ARG B 425 -20.17 10.00 -39.11
C ARG B 425 -18.91 9.85 -38.29
N ARG B 426 -17.85 9.34 -38.91
CA ARG B 426 -16.57 9.19 -38.23
C ARG B 426 -16.00 10.56 -37.87
N LEU B 427 -15.51 10.70 -36.64
CA LEU B 427 -14.94 11.94 -36.16
C LEU B 427 -13.42 11.92 -36.11
N LEU B 428 -12.83 10.78 -35.74
CA LEU B 428 -11.39 10.71 -35.53
C LEU B 428 -10.86 9.40 -36.07
N LYS B 429 -9.54 9.37 -36.26
CA LYS B 429 -8.84 8.15 -36.66
C LYS B 429 -7.43 8.27 -36.10
N LEU B 430 -7.17 7.60 -34.99
CA LEU B 430 -5.93 7.75 -34.25
C LEU B 430 -5.06 6.51 -34.37
N GLY B 431 -3.78 6.68 -34.08
CA GLY B 431 -2.86 5.58 -33.98
C GLY B 431 -1.51 5.83 -34.63
N ASN B 432 -0.45 5.62 -33.85
CA ASN B 432 0.93 5.76 -34.29
C ASN B 432 1.76 4.60 -33.75
N VAL B 433 1.22 3.40 -33.84
CA VAL B 433 1.75 2.26 -33.09
C VAL B 433 2.19 1.16 -34.05
N LEU B 434 3.15 0.37 -33.58
CA LEU B 434 3.66 -0.75 -34.35
C LEU B 434 2.94 -2.05 -34.05
N ARG B 435 2.10 -2.09 -33.01
CA ARG B 435 1.39 -3.30 -32.63
C ARG B 435 -0.06 -2.95 -32.30
N ASP B 436 -0.90 -3.97 -32.28
CA ASP B 436 -2.34 -3.76 -32.22
C ASP B 436 -2.77 -3.14 -30.89
N PHE B 437 -3.90 -2.46 -30.93
CA PHE B 437 -4.54 -1.97 -29.71
C PHE B 437 -5.36 -3.08 -29.08
N THR B 438 -5.43 -3.08 -27.75
CA THR B 438 -6.11 -4.16 -27.04
C THR B 438 -7.19 -3.68 -26.08
N CYS B 439 -7.20 -2.43 -25.66
CA CYS B 439 -8.32 -1.98 -24.84
C CYS B 439 -8.46 -0.48 -24.96
N VAL B 440 -9.68 0.00 -24.76
CA VAL B 440 -9.97 1.43 -24.84
C VAL B 440 -11.07 1.75 -23.84
N ASN B 441 -10.96 2.91 -23.20
CA ASN B 441 -11.98 3.39 -22.27
C ASN B 441 -12.32 4.83 -22.63
N LEU B 442 -13.59 5.05 -22.92
CA LEU B 442 -14.15 6.34 -23.29
C LEU B 442 -15.30 6.78 -22.40
N SER B 443 -16.10 5.85 -21.89
CA SER B 443 -17.29 6.19 -21.11
C SER B 443 -16.97 6.63 -19.69
N ASP B 444 -15.81 6.28 -19.17
CA ASP B 444 -15.41 6.69 -17.84
C ASP B 444 -14.44 7.86 -17.84
N SER B 445 -13.84 8.18 -18.99
CA SER B 445 -12.85 9.22 -19.05
C SER B 445 -13.47 10.59 -18.87
N PRO B 446 -12.69 11.58 -18.44
CA PRO B 446 -13.19 12.95 -18.37
C PRO B 446 -13.58 13.45 -19.75
N PRO B 447 -14.28 14.57 -19.85
CA PRO B 447 -14.68 15.08 -21.16
C PRO B 447 -13.47 15.44 -22.01
N ASN B 448 -13.53 15.03 -23.29
CA ASN B 448 -12.53 15.34 -24.30
C ASN B 448 -11.22 14.59 -24.07
N LEU B 449 -11.28 13.43 -23.43
CA LEU B 449 -10.11 12.59 -23.24
C LEU B 449 -10.53 11.14 -23.41
N MET B 450 -9.55 10.29 -23.74
CA MET B 450 -9.80 8.86 -23.89
C MET B 450 -8.53 8.12 -23.54
N VAL B 451 -8.66 6.91 -23.01
CA VAL B 451 -7.47 6.17 -22.60
C VAL B 451 -7.44 4.84 -23.34
N SER B 452 -6.23 4.37 -23.64
CA SER B 452 -6.12 3.13 -24.42
C SER B 452 -4.89 2.35 -23.97
N GLY B 453 -4.93 1.05 -24.22
CA GLY B 453 -3.81 0.18 -23.91
C GLY B 453 -3.51 -0.73 -25.09
N ASN B 454 -2.22 -0.96 -25.31
CA ASN B 454 -1.72 -1.58 -26.54
C ASN B 454 -1.02 -2.90 -26.24
N MET B 455 -0.69 -3.63 -27.32
CA MET B 455 -0.02 -4.93 -27.18
C MET B 455 1.42 -4.81 -26.73
N ASP B 456 2.07 -3.67 -26.96
CA ASP B 456 3.44 -3.52 -26.51
C ASP B 456 3.54 -3.21 -25.03
N GLY B 457 2.42 -3.10 -24.33
CA GLY B 457 2.41 -2.85 -22.92
C GLY B 457 2.33 -1.39 -22.53
N ARG B 458 2.01 -0.51 -23.45
CA ARG B 458 1.93 0.92 -23.17
C ARG B 458 0.47 1.36 -23.07
N VAL B 459 0.23 2.29 -22.16
CA VAL B 459 -1.05 2.99 -22.06
C VAL B 459 -0.86 4.40 -22.57
N ARG B 460 -1.88 4.91 -23.25
CA ARG B 460 -1.82 6.22 -23.88
C ARG B 460 -3.08 7.00 -23.57
N ILE B 461 -2.92 8.33 -23.57
CA ILE B 461 -4.02 9.26 -23.37
C ILE B 461 -4.19 10.06 -24.64
N HIS B 462 -5.36 9.95 -25.26
CA HIS B 462 -5.66 10.63 -26.51
C HIS B 462 -6.59 11.80 -26.24
N ASP B 463 -6.27 12.94 -26.84
CA ASP B 463 -7.10 14.14 -26.80
C ASP B 463 -8.11 14.06 -27.94
N LEU B 464 -9.39 14.16 -27.61
CA LEU B 464 -10.42 13.97 -28.62
C LEU B 464 -10.66 15.22 -29.47
N ARG B 465 -10.24 16.39 -29.00
CA ARG B 465 -10.39 17.59 -29.81
C ARG B 465 -9.36 17.62 -30.94
N SER B 466 -8.09 17.62 -30.59
CA SER B 466 -7.01 17.74 -31.56
C SER B 466 -6.58 16.41 -32.15
N GLY B 467 -6.87 15.30 -31.49
CA GLY B 467 -6.46 14.00 -31.97
C GLY B 467 -5.04 13.60 -31.62
N ASN B 468 -4.29 14.47 -30.95
CA ASN B 468 -2.90 14.17 -30.64
C ASN B 468 -2.80 13.31 -29.39
N ILE B 469 -1.59 12.82 -29.14
CA ILE B 469 -1.30 12.10 -27.92
C ILE B 469 -1.04 13.10 -26.80
N ALA B 470 -1.42 12.72 -25.58
CA ALA B 470 -1.13 13.53 -24.41
C ALA B 470 -0.19 12.84 -23.44
N LEU B 471 -0.09 11.53 -23.48
CA LEU B 471 0.80 10.78 -22.60
C LEU B 471 0.96 9.36 -23.13
N SER B 472 2.21 8.90 -23.24
CA SER B 472 2.53 7.53 -23.61
C SER B 472 3.40 6.95 -22.52
N LEU B 473 2.94 5.88 -21.88
CA LEU B 473 3.56 5.38 -20.67
C LEU B 473 3.74 3.87 -20.78
N SER B 474 4.98 3.41 -20.64
CA SER B 474 5.28 1.98 -20.68
C SER B 474 5.05 1.39 -19.30
N ALA B 475 3.96 0.64 -19.14
CA ALA B 475 3.51 0.21 -17.83
C ALA B 475 3.63 -1.29 -17.60
N HIS B 476 3.57 -2.10 -18.65
CA HIS B 476 3.54 -3.55 -18.49
C HIS B 476 4.53 -4.20 -19.44
N GLN B 477 4.69 -5.51 -19.27
CA GLN B 477 5.58 -6.32 -20.09
C GLN B 477 4.82 -7.02 -21.21
N LEU B 478 3.73 -7.69 -20.89
CA LEU B 478 2.85 -8.28 -21.87
C LEU B 478 1.77 -7.26 -22.25
N ARG B 479 0.75 -7.69 -22.98
CA ARG B 479 -0.30 -6.79 -23.43
C ARG B 479 -1.04 -6.17 -22.25
N VAL B 480 -1.67 -5.04 -22.51
CA VAL B 480 -2.51 -4.37 -21.52
C VAL B 480 -3.93 -4.88 -21.67
N SER B 481 -4.54 -5.27 -20.55
CA SER B 481 -5.86 -5.89 -20.60
C SER B 481 -6.96 -5.10 -19.90
N ALA B 482 -6.63 -4.07 -19.13
CA ALA B 482 -7.68 -3.24 -18.56
C ALA B 482 -7.10 -1.87 -18.23
N VAL B 483 -7.86 -0.82 -18.50
CA VAL B 483 -7.43 0.55 -18.20
C VAL B 483 -8.62 1.36 -17.69
N GLN B 484 -8.31 2.35 -16.87
CA GLN B 484 -9.31 3.35 -16.51
C GLN B 484 -8.58 4.61 -16.07
N MET B 485 -9.19 5.77 -16.34
CA MET B 485 -8.59 7.04 -16.01
C MET B 485 -9.63 7.96 -15.40
N ASP B 486 -9.16 8.95 -14.65
CA ASP B 486 -9.99 10.00 -14.09
C ASP B 486 -9.20 11.30 -14.20
N ASP B 487 -9.64 12.35 -13.51
CA ASP B 487 -9.06 13.66 -13.73
C ASP B 487 -7.61 13.77 -13.26
N TRP B 488 -7.11 12.85 -12.44
CA TRP B 488 -5.71 12.95 -12.02
C TRP B 488 -4.93 11.65 -12.02
N LYS B 489 -5.51 10.50 -12.33
CA LYS B 489 -4.75 9.26 -12.22
C LYS B 489 -5.24 8.22 -13.22
N ILE B 490 -4.40 7.22 -13.43
CA ILE B 490 -4.68 6.08 -14.30
C ILE B 490 -4.44 4.80 -13.51
N VAL B 491 -5.31 3.82 -13.69
CA VAL B 491 -5.14 2.49 -13.11
C VAL B 491 -5.24 1.49 -14.24
N SER B 492 -4.21 0.65 -14.39
CA SER B 492 -4.19 -0.28 -15.50
C SER B 492 -3.67 -1.64 -15.06
N GLY B 493 -4.24 -2.69 -15.64
CA GLY B 493 -3.86 -4.05 -15.33
C GLY B 493 -3.48 -4.80 -16.59
N GLY B 494 -2.40 -5.59 -16.48
CA GLY B 494 -1.80 -6.26 -17.60
C GLY B 494 -2.07 -7.75 -17.62
N GLU B 495 -1.58 -8.39 -18.69
CA GLU B 495 -1.77 -9.81 -18.88
C GLU B 495 -0.80 -10.66 -18.07
N GLU B 496 0.30 -10.08 -17.60
CA GLU B 496 1.23 -10.81 -16.75
C GLU B 496 0.78 -10.87 -15.31
N GLY B 497 -0.21 -10.06 -14.92
CA GLY B 497 -0.76 -10.11 -13.58
C GLY B 497 -0.54 -8.86 -12.76
N LEU B 498 0.06 -7.83 -13.32
CA LEU B 498 0.38 -6.64 -12.55
C LEU B 498 -0.72 -5.59 -12.66
N VAL B 499 -0.99 -4.93 -11.54
CA VAL B 499 -1.88 -3.77 -11.47
C VAL B 499 -1.02 -2.58 -11.09
N SER B 500 -1.08 -1.52 -11.89
CA SER B 500 -0.21 -0.37 -11.70
C SER B 500 -1.03 0.91 -11.67
N VAL B 501 -0.62 1.83 -10.79
CA VAL B 501 -1.32 3.09 -10.59
C VAL B 501 -0.35 4.24 -10.88
N TRP B 502 -0.77 5.15 -11.75
CA TRP B 502 0.07 6.26 -12.18
C TRP B 502 -0.67 7.57 -11.96
N ASP B 503 0.08 8.61 -11.64
CA ASP B 503 -0.46 9.95 -11.42
C ASP B 503 0.04 10.83 -12.56
N TYR B 504 -0.83 11.06 -13.55
CA TYR B 504 -0.39 11.77 -14.74
C TYR B 504 -0.44 13.29 -14.60
N ARG B 505 -0.92 13.80 -13.47
CA ARG B 505 -0.85 15.24 -13.23
C ARG B 505 0.58 15.66 -12.88
N MET B 506 1.21 14.96 -11.96
CA MET B 506 2.60 15.21 -11.60
C MET B 506 3.57 14.30 -12.34
N ASN B 507 3.06 13.38 -13.16
CA ASN B 507 3.88 12.46 -13.94
C ASN B 507 4.78 11.62 -13.03
N GLN B 508 4.15 10.87 -12.13
CA GLN B 508 4.86 10.04 -11.18
C GLN B 508 4.06 8.78 -10.91
N LYS B 509 4.77 7.66 -10.75
CA LYS B 509 4.12 6.43 -10.34
C LYS B 509 3.68 6.53 -8.89
N LEU B 510 2.66 5.76 -8.54
CA LEU B 510 2.19 5.70 -7.16
C LEU B 510 2.48 4.36 -6.50
N TRP B 511 2.06 3.25 -7.10
CA TRP B 511 2.37 1.93 -6.59
C TRP B 511 1.91 0.89 -7.60
N GLU B 512 2.15 -0.38 -7.25
CA GLU B 512 1.80 -1.50 -8.09
C GLU B 512 1.67 -2.73 -7.21
N VAL B 513 0.91 -3.71 -7.70
CA VAL B 513 0.65 -4.95 -6.97
C VAL B 513 0.67 -6.09 -7.97
N TYR B 514 1.38 -7.16 -7.64
CA TYR B 514 1.52 -8.31 -8.52
C TYR B 514 0.81 -9.52 -7.93
N SER B 515 0.01 -10.18 -8.75
CA SER B 515 -0.58 -11.47 -8.38
C SER B 515 -0.45 -12.44 -9.55
N GLY B 516 -1.04 -13.62 -9.42
CA GLY B 516 -0.71 -14.70 -10.33
C GLY B 516 -1.10 -14.55 -11.79
N HIS B 517 -2.40 -14.53 -12.04
CA HIS B 517 -2.92 -14.74 -13.40
C HIS B 517 -3.22 -13.42 -14.10
N PRO B 518 -3.63 -13.42 -15.37
CA PRO B 518 -3.91 -12.16 -16.06
C PRO B 518 -5.00 -11.35 -15.36
N VAL B 519 -4.84 -10.04 -15.38
CA VAL B 519 -5.82 -9.12 -14.81
C VAL B 519 -6.96 -8.98 -15.81
N GLN B 520 -8.17 -9.32 -15.36
CA GLN B 520 -9.32 -9.40 -16.25
C GLN B 520 -10.38 -8.35 -15.98
N HIS B 521 -10.41 -7.77 -14.79
CA HIS B 521 -11.41 -6.77 -14.46
C HIS B 521 -10.82 -5.76 -13.49
N ILE B 522 -11.13 -4.49 -13.72
CA ILE B 522 -10.62 -3.37 -12.94
C ILE B 522 -11.70 -2.31 -12.89
N SER B 523 -12.01 -1.80 -11.70
CA SER B 523 -13.03 -0.76 -11.60
C SER B 523 -12.84 -0.01 -10.30
N PHE B 524 -12.65 1.31 -10.39
CA PHE B 524 -12.48 2.11 -9.19
C PHE B 524 -13.46 3.27 -9.17
N SER B 525 -13.62 3.83 -7.98
CA SER B 525 -14.38 5.05 -7.74
C SER B 525 -13.48 6.01 -6.99
N SER B 526 -14.04 7.12 -6.49
CA SER B 526 -13.19 8.11 -5.84
C SER B 526 -12.59 7.59 -4.54
N HIS B 527 -13.14 6.51 -3.97
CA HIS B 527 -12.63 6.04 -2.69
C HIS B 527 -12.50 4.53 -2.59
N SER B 528 -12.47 3.80 -3.71
CA SER B 528 -12.39 2.35 -3.63
C SER B 528 -11.92 1.79 -4.96
N LEU B 529 -11.45 0.54 -4.92
CA LEU B 529 -10.92 -0.11 -6.11
C LEU B 529 -11.22 -1.60 -6.05
N ILE B 530 -11.60 -2.18 -7.18
CA ILE B 530 -11.90 -3.61 -7.28
C ILE B 530 -11.08 -4.18 -8.43
N THR B 531 -10.50 -5.36 -8.20
CA THR B 531 -9.55 -5.96 -9.15
C THR B 531 -9.77 -7.47 -9.18
N ALA B 532 -9.61 -8.07 -10.36
CA ALA B 532 -9.77 -9.51 -10.51
C ALA B 532 -8.63 -10.09 -11.34
N ASN B 533 -8.04 -11.17 -10.82
CA ASN B 533 -7.06 -11.98 -11.55
C ASN B 533 -7.68 -13.33 -11.85
N VAL B 534 -7.84 -13.64 -13.13
CA VAL B 534 -8.58 -14.82 -13.58
C VAL B 534 -7.63 -15.65 -14.45
N PRO B 535 -7.56 -16.97 -14.23
CA PRO B 535 -6.73 -17.81 -15.11
C PRO B 535 -7.25 -17.89 -16.53
N TYR B 536 -6.53 -18.59 -17.40
CA TYR B 536 -6.95 -18.78 -18.78
C TYR B 536 -7.68 -20.10 -18.94
N PHE B 548 3.09 -23.79 -12.46
CA PHE B 548 3.68 -22.94 -11.44
C PHE B 548 3.86 -21.51 -11.94
N THR B 549 2.99 -20.60 -11.50
CA THR B 549 3.08 -19.20 -11.87
C THR B 549 3.79 -18.35 -10.83
N THR B 550 3.55 -18.62 -9.55
CA THR B 550 4.21 -17.88 -8.47
C THR B 550 4.17 -18.75 -7.22
N HIS B 551 4.68 -18.21 -6.12
CA HIS B 551 4.69 -18.96 -4.87
C HIS B 551 3.29 -19.05 -4.28
N ARG B 552 2.62 -17.92 -4.12
CA ARG B 552 1.25 -17.89 -3.62
C ARG B 552 0.33 -18.33 -4.75
N ARG B 553 -0.11 -19.59 -4.70
CA ARG B 553 -0.97 -20.14 -5.74
C ARG B 553 -2.44 -19.84 -5.45
N HIS B 554 -3.20 -19.69 -6.52
CA HIS B 554 -4.65 -19.53 -6.42
C HIS B 554 -5.25 -19.90 -7.76
N ARG B 555 -6.57 -19.86 -7.83
CA ARG B 555 -7.32 -20.19 -9.04
C ARG B 555 -8.38 -19.13 -9.30
N GLY B 556 -7.98 -17.87 -9.18
CA GLY B 556 -8.92 -16.75 -9.33
C GLY B 556 -8.91 -15.98 -8.02
N LEU B 557 -8.68 -14.68 -8.13
CA LEU B 557 -8.56 -13.83 -6.95
C LEU B 557 -9.25 -12.50 -7.22
N ILE B 558 -10.25 -12.18 -6.39
CA ILE B 558 -10.95 -10.90 -6.46
C ILE B 558 -10.62 -10.12 -5.20
N ARG B 559 -10.12 -8.90 -5.36
CA ARG B 559 -9.63 -8.11 -4.25
C ARG B 559 -10.25 -6.73 -4.27
N ALA B 560 -10.59 -6.23 -3.08
CA ALA B 560 -11.14 -4.90 -2.90
C ALA B 560 -10.24 -4.07 -2.00
N TYR B 561 -10.02 -2.82 -2.39
CA TYR B 561 -9.28 -1.83 -1.62
C TYR B 561 -10.23 -0.71 -1.25
N GLU B 562 -10.16 -0.27 0.00
CA GLU B 562 -10.99 0.83 0.50
C GLU B 562 -10.08 1.91 1.06
N PHE B 563 -10.12 3.09 0.46
CA PHE B 563 -9.22 4.17 0.82
C PHE B 563 -9.86 5.19 1.76
N ALA B 564 -11.09 4.93 2.22
CA ALA B 564 -11.70 5.75 3.25
C ALA B 564 -12.59 4.81 4.08
N VAL B 565 -12.05 4.30 5.19
CA VAL B 565 -12.77 3.33 5.99
C VAL B 565 -13.89 3.94 6.81
N ASP B 566 -13.97 5.26 6.87
CA ASP B 566 -15.06 5.93 7.58
C ASP B 566 -16.35 5.98 6.78
N GLN B 567 -16.43 5.24 5.68
CA GLN B 567 -17.63 5.18 4.87
C GLN B 567 -18.19 3.77 4.74
N LEU B 568 -17.56 2.79 5.36
CA LEU B 568 -18.07 1.43 5.29
C LEU B 568 -19.32 1.31 6.16
N ALA B 569 -20.37 0.73 5.58
CA ALA B 569 -21.62 0.58 6.31
C ALA B 569 -21.58 -0.68 7.18
N PHE B 570 -22.61 -0.84 8.00
CA PHE B 570 -22.69 -2.00 8.88
C PHE B 570 -23.48 -3.15 8.27
N GLN B 571 -24.27 -2.89 7.23
CA GLN B 571 -24.95 -3.94 6.51
C GLN B 571 -25.25 -3.46 5.10
N SER B 572 -25.58 -4.40 4.24
CA SER B 572 -25.72 -4.09 2.82
C SER B 572 -27.09 -3.52 2.53
N PRO B 573 -27.18 -2.53 1.64
CA PRO B 573 -28.50 -2.04 1.21
C PRO B 573 -29.33 -3.06 0.46
N LEU B 574 -28.70 -4.06 -0.12
CA LEU B 574 -29.45 -5.05 -0.89
C LEU B 574 -30.04 -6.10 0.03
N PRO B 575 -31.31 -6.44 -0.11
CA PRO B 575 -31.92 -7.45 0.78
C PRO B 575 -31.28 -8.83 0.64
N VAL B 576 -30.86 -9.22 -0.56
CA VAL B 576 -30.29 -10.54 -0.74
C VAL B 576 -28.90 -10.63 -0.14
N CYS B 577 -28.15 -9.52 -0.11
CA CYS B 577 -26.82 -9.50 0.49
C CYS B 577 -26.92 -9.31 2.00
N ARG B 578 -27.62 -10.24 2.64
CA ARG B 578 -27.85 -10.20 4.07
C ARG B 578 -27.90 -11.64 4.57
N SER B 579 -27.83 -11.78 5.90
CA SER B 579 -27.87 -13.09 6.53
C SER B 579 -28.79 -13.05 7.73
N SER B 580 -28.84 -14.15 8.47
CA SER B 580 -29.66 -14.26 9.67
C SER B 580 -28.94 -14.86 10.86
N CYS B 581 -27.72 -15.36 10.69
CA CYS B 581 -26.94 -15.91 11.80
C CYS B 581 -26.35 -14.74 12.59
N ASP B 582 -27.07 -14.33 13.64
CA ASP B 582 -26.65 -13.17 14.43
C ASP B 582 -25.28 -13.36 15.06
N ALA B 583 -24.82 -14.61 15.21
CA ALA B 583 -23.46 -14.84 15.69
C ALA B 583 -22.44 -14.16 14.79
N MET B 584 -22.53 -14.40 13.48
CA MET B 584 -21.62 -13.75 12.55
C MET B 584 -21.81 -12.25 12.53
N ALA B 585 -23.06 -11.79 12.66
CA ALA B 585 -23.31 -10.36 12.73
C ALA B 585 -22.54 -9.72 13.87
N THR B 586 -22.63 -10.30 15.07
CA THR B 586 -21.92 -9.75 16.22
C THR B 586 -20.41 -9.88 16.05
N HIS B 587 -19.95 -10.99 15.46
CA HIS B 587 -18.53 -11.17 15.23
C HIS B 587 -17.97 -10.05 14.36
N TYR B 588 -18.60 -9.83 13.21
CA TYR B 588 -18.12 -8.78 12.31
C TYR B 588 -18.35 -7.39 12.87
N TYR B 589 -19.37 -7.23 13.73
CA TYR B 589 -19.58 -5.96 14.40
C TYR B 589 -18.43 -5.63 15.35
N ASP B 590 -18.00 -6.63 16.14
CA ASP B 590 -16.83 -6.44 17.00
C ASP B 590 -15.59 -6.16 16.17
N LEU B 591 -15.39 -6.92 15.09
CA LEU B 591 -14.24 -6.67 14.22
C LEU B 591 -14.25 -5.24 13.68
N ALA B 592 -15.41 -4.76 13.23
CA ALA B 592 -15.53 -3.40 12.76
C ALA B 592 -15.17 -2.40 13.85
N LEU B 593 -15.61 -2.66 15.07
CA LEU B 593 -15.30 -1.74 16.16
C LEU B 593 -13.82 -1.78 16.55
N ALA B 594 -13.12 -2.86 16.23
CA ALA B 594 -11.71 -2.98 16.59
C ALA B 594 -10.77 -2.34 15.59
N PHE B 595 -11.22 -2.05 14.38
CA PHE B 595 -10.33 -1.56 13.34
C PHE B 595 -9.79 -0.18 13.71
N PRO B 596 -8.54 0.12 13.36
CA PRO B 596 -7.96 1.43 13.71
C PRO B 596 -8.66 2.56 12.98
N TYR B 597 -8.27 3.78 13.36
CA TYR B 597 -8.77 5.01 12.77
C TYR B 597 -7.65 5.71 12.01
N ASN B 598 -8.03 6.61 11.11
CA ASN B 598 -7.06 7.36 10.34
C ASN B 598 -6.36 8.41 11.20
N GLU C 23 10.75 19.90 -69.61
CA GLU C 23 10.74 18.51 -69.18
C GLU C 23 10.56 18.41 -67.67
N VAL C 24 10.67 19.54 -66.98
CA VAL C 24 10.53 19.56 -65.53
C VAL C 24 9.06 19.65 -65.16
N LYS C 25 8.62 18.78 -64.27
CA LYS C 25 7.24 18.77 -63.81
C LYS C 25 7.08 18.98 -62.32
N LYS C 26 8.07 18.60 -61.50
CA LYS C 26 7.98 18.82 -60.07
C LYS C 26 9.39 18.97 -59.50
N TRP C 27 9.53 19.86 -58.52
CA TRP C 27 10.81 20.06 -57.87
C TRP C 27 10.58 20.43 -56.41
N ASN C 28 11.41 19.87 -55.52
CA ASN C 28 11.34 20.14 -54.09
C ASN C 28 12.60 20.90 -53.68
N ALA C 29 12.54 22.21 -53.76
CA ALA C 29 13.68 23.04 -53.41
C ALA C 29 13.77 23.22 -51.91
N VAL C 30 15.00 23.21 -51.40
CA VAL C 30 15.26 23.38 -49.97
C VAL C 30 16.01 24.69 -49.76
N ALA C 31 15.61 25.43 -48.75
CA ALA C 31 16.20 26.71 -48.40
C ALA C 31 17.14 26.53 -47.21
N LEU C 32 17.68 27.65 -46.72
CA LEU C 32 18.51 27.63 -45.52
C LEU C 32 18.49 29.04 -44.94
N TRP C 33 17.89 29.18 -43.76
CA TRP C 33 17.76 30.48 -43.11
C TRP C 33 18.84 30.60 -42.03
N ALA C 34 19.79 31.49 -42.24
CA ALA C 34 20.84 31.74 -41.27
C ALA C 34 20.42 32.80 -40.27
N TRP C 35 20.73 32.57 -39.00
CA TRP C 35 20.39 33.46 -37.91
C TRP C 35 21.60 33.66 -37.01
N ASP C 36 22.76 33.91 -37.61
CA ASP C 36 24.03 33.91 -36.90
C ASP C 36 24.11 35.13 -36.00
N ILE C 37 23.83 34.94 -34.71
CA ILE C 37 23.98 35.97 -33.71
C ILE C 37 24.61 35.37 -32.46
N VAL C 38 25.91 35.61 -32.26
CA VAL C 38 26.61 35.08 -31.10
C VAL C 38 26.25 35.98 -29.92
N VAL C 39 25.35 35.51 -29.06
CA VAL C 39 24.86 36.33 -27.96
C VAL C 39 25.95 36.52 -26.91
N ASP C 40 26.41 35.42 -26.32
CA ASP C 40 27.34 35.43 -25.19
C ASP C 40 26.80 36.25 -24.02
N ASN C 41 25.50 36.51 -24.01
CA ASN C 41 24.86 37.34 -23.00
C ASN C 41 23.41 36.88 -22.85
N CYS C 42 22.82 37.17 -21.70
CA CYS C 42 21.42 36.86 -21.48
C CYS C 42 20.59 37.83 -22.32
N ALA C 43 20.09 37.35 -23.46
CA ALA C 43 19.40 38.21 -24.40
C ALA C 43 18.06 38.72 -23.90
N ILE C 44 17.68 38.36 -22.67
CA ILE C 44 16.49 38.95 -22.07
C ILE C 44 16.79 40.34 -21.54
N CYS C 45 17.83 40.46 -20.71
CA CYS C 45 18.22 41.73 -20.12
C CYS C 45 19.49 42.30 -20.72
N ARG C 46 20.12 41.59 -21.66
CA ARG C 46 21.22 42.05 -22.51
C ARG C 46 22.55 42.24 -21.77
N ASN C 47 22.61 42.03 -20.46
CA ASN C 47 23.87 42.13 -19.75
C ASN C 47 24.60 40.79 -19.79
N HIS C 48 25.68 40.66 -19.03
CA HIS C 48 26.50 39.47 -19.10
C HIS C 48 25.77 38.27 -18.51
N ILE C 49 26.22 37.08 -18.90
CA ILE C 49 25.56 35.85 -18.48
C ILE C 49 26.12 35.33 -17.16
N MET C 50 27.40 35.57 -16.88
CA MET C 50 27.96 35.21 -15.58
C MET C 50 27.74 36.29 -14.54
N ASP C 51 27.30 37.48 -14.95
CA ASP C 51 26.98 38.56 -14.02
C ASP C 51 25.56 38.37 -13.50
N LEU C 52 25.04 39.38 -12.80
CA LEU C 52 23.70 39.35 -12.27
C LEU C 52 22.74 40.10 -13.18
N CYS C 53 21.47 39.70 -13.14
CA CYS C 53 20.46 40.32 -13.97
C CYS C 53 20.10 41.70 -13.41
N ILE C 54 19.28 42.43 -14.18
CA ILE C 54 18.94 43.81 -13.82
C ILE C 54 18.28 43.86 -12.45
N GLU C 55 17.36 42.93 -12.17
CA GLU C 55 16.70 42.89 -10.89
C GLU C 55 17.70 42.78 -9.75
N CYS C 56 18.54 41.75 -9.79
CA CYS C 56 19.55 41.57 -8.74
C CYS C 56 20.69 42.58 -8.85
N GLN C 57 20.78 43.33 -9.95
CA GLN C 57 21.77 44.38 -10.06
C GLN C 57 21.30 45.71 -9.47
N ALA C 58 19.98 45.90 -9.33
CA ALA C 58 19.48 47.14 -8.77
C ALA C 58 19.58 47.14 -7.25
N ASN C 59 18.92 46.20 -6.60
CA ASN C 59 18.98 46.07 -5.14
C ASN C 59 20.08 45.07 -4.75
N GLN C 60 21.30 45.41 -5.12
CA GLN C 60 22.43 44.52 -4.93
C GLN C 60 22.70 44.28 -3.45
N ALA C 61 22.84 43.00 -3.10
CA ALA C 61 23.29 42.57 -1.77
C ALA C 61 22.38 43.08 -0.66
N SER C 62 21.08 43.18 -0.93
CA SER C 62 20.15 43.68 0.08
C SER C 62 19.87 42.62 1.14
N ALA C 63 19.29 41.49 0.73
CA ALA C 63 19.10 40.35 1.62
C ALA C 63 19.92 39.14 1.19
N THR C 64 19.76 38.69 -0.05
CA THR C 64 20.44 37.51 -0.57
C THR C 64 20.59 37.65 -2.08
N SER C 65 21.77 37.28 -2.58
CA SER C 65 22.02 37.35 -4.02
C SER C 65 22.75 36.13 -4.55
N GLU C 66 22.97 35.09 -3.74
CA GLU C 66 23.77 33.94 -4.12
C GLU C 66 22.97 32.90 -4.90
N GLU C 67 21.80 33.24 -5.43
CA GLU C 67 21.00 32.28 -6.17
C GLU C 67 20.60 32.78 -7.56
N CYS C 68 21.18 33.89 -8.02
CA CYS C 68 20.99 34.32 -9.41
C CYS C 68 21.86 33.43 -10.29
N THR C 69 21.30 32.28 -10.64
CA THR C 69 22.01 31.24 -11.36
C THR C 69 21.60 31.21 -12.83
N VAL C 70 22.22 30.31 -13.58
CA VAL C 70 21.98 30.18 -15.01
C VAL C 70 21.08 28.97 -15.26
N ALA C 71 20.32 29.05 -16.34
CA ALA C 71 19.42 27.98 -16.74
C ALA C 71 19.64 27.68 -18.21
N TRP C 72 19.85 26.40 -18.52
CA TRP C 72 20.06 25.91 -19.87
C TRP C 72 18.79 25.24 -20.36
N GLY C 73 18.42 25.52 -21.60
CA GLY C 73 17.25 24.93 -22.21
C GLY C 73 17.64 23.87 -23.22
N VAL C 74 16.73 22.90 -23.42
CA VAL C 74 16.93 21.85 -24.41
C VAL C 74 17.30 22.44 -25.77
N CYS C 75 16.77 23.62 -26.08
CA CYS C 75 17.05 24.33 -27.33
C CYS C 75 18.43 24.95 -27.36
N ASN C 76 19.28 24.65 -26.38
CA ASN C 76 20.68 25.08 -26.36
C ASN C 76 20.82 26.59 -26.19
N HIS C 77 20.03 27.18 -25.30
CA HIS C 77 20.19 28.58 -24.93
C HIS C 77 20.30 28.68 -23.41
N ALA C 78 20.95 29.75 -22.96
CA ALA C 78 21.22 29.96 -21.54
C ALA C 78 20.72 31.33 -21.14
N PHE C 79 19.96 31.38 -20.04
CA PHE C 79 19.46 32.64 -19.51
C PHE C 79 19.71 32.70 -18.01
N HIS C 80 19.61 33.89 -17.44
CA HIS C 80 19.48 33.98 -15.99
C HIS C 80 18.23 33.25 -15.57
N PHE C 81 18.26 32.67 -14.37
CA PHE C 81 17.09 31.95 -13.89
C PHE C 81 15.91 32.89 -13.70
N HIS C 82 16.15 34.07 -13.12
CA HIS C 82 15.09 35.03 -12.88
C HIS C 82 14.47 35.51 -14.18
N CYS C 83 15.32 35.90 -15.14
CA CYS C 83 14.85 36.38 -16.43
C CYS C 83 13.92 35.38 -17.10
N ILE C 84 14.41 34.16 -17.33
CA ILE C 84 13.62 33.19 -18.07
C ILE C 84 12.42 32.74 -17.25
N SER C 85 12.51 32.74 -15.92
CA SER C 85 11.36 32.35 -15.11
C SER C 85 10.22 33.35 -15.29
N ARG C 86 10.53 34.65 -15.20
CA ARG C 86 9.46 35.63 -15.36
C ARG C 86 8.96 35.68 -16.80
N TRP C 87 9.86 35.50 -17.78
CA TRP C 87 9.42 35.43 -19.17
C TRP C 87 8.47 34.26 -19.38
N LEU C 88 8.74 33.12 -18.75
CA LEU C 88 7.84 31.98 -18.83
C LEU C 88 6.53 32.28 -18.12
N LYS C 89 6.57 33.05 -17.03
CA LYS C 89 5.34 33.54 -16.44
C LYS C 89 4.53 34.34 -17.44
N THR C 90 5.21 35.08 -18.33
CA THR C 90 4.51 35.85 -19.36
C THR C 90 4.10 34.95 -20.54
N ARG C 91 5.06 34.33 -21.20
CA ARG C 91 4.81 33.53 -22.40
C ARG C 91 5.60 32.23 -22.29
N GLN C 92 5.06 31.17 -22.89
CA GLN C 92 5.48 29.81 -22.60
C GLN C 92 6.25 29.16 -23.75
N VAL C 93 7.10 29.93 -24.43
CA VAL C 93 8.02 29.41 -25.42
C VAL C 93 9.40 30.03 -25.18
N CYS C 94 10.35 29.66 -26.03
CA CYS C 94 11.65 30.32 -25.90
C CYS C 94 11.68 31.57 -26.78
N PRO C 95 12.22 32.68 -26.27
CA PRO C 95 12.19 33.92 -27.05
C PRO C 95 13.00 33.88 -28.32
N LEU C 96 14.14 33.18 -28.33
CA LEU C 96 15.06 33.29 -29.45
C LEU C 96 14.69 32.40 -30.62
N ASP C 97 14.15 31.21 -30.37
CA ASP C 97 13.88 30.25 -31.43
C ASP C 97 12.40 29.89 -31.58
N ASN C 98 11.54 30.30 -30.64
CA ASN C 98 10.12 29.99 -30.68
C ASN C 98 9.87 28.48 -30.64
N ARG C 99 10.62 27.80 -29.78
CA ARG C 99 10.40 26.39 -29.50
C ARG C 99 9.79 26.25 -28.12
N GLU C 100 9.00 25.19 -27.92
CA GLU C 100 8.42 24.92 -26.62
C GLU C 100 9.53 24.76 -25.59
N TRP C 101 9.59 25.66 -24.61
CA TRP C 101 10.69 25.67 -23.67
C TRP C 101 10.69 24.41 -22.82
N GLU C 102 11.88 23.92 -22.49
CA GLU C 102 12.04 22.78 -21.61
C GLU C 102 13.41 22.86 -20.96
N PHE C 103 13.45 22.79 -19.63
CA PHE C 103 14.71 22.85 -18.92
C PHE C 103 15.56 21.64 -19.25
N GLN C 104 16.87 21.85 -19.40
CA GLN C 104 17.78 20.78 -19.72
C GLN C 104 18.11 19.99 -18.46
N LYS C 105 17.74 18.72 -18.45
CA LYS C 105 18.00 17.84 -17.31
C LYS C 105 18.92 16.68 -17.68
N TYR C 106 19.64 16.79 -18.78
CA TYR C 106 20.56 15.74 -19.22
C TYR C 106 21.87 15.92 -18.46
N GLY C 107 22.20 14.95 -17.61
CA GLY C 107 23.42 15.03 -16.83
C GLY C 107 23.29 15.78 -15.52
N HIS C 108 22.15 16.39 -15.26
CA HIS C 108 21.95 17.16 -14.03
C HIS C 108 21.61 16.23 -12.87
N PRO D 2 -51.85 53.21 -24.01
CA PRO D 2 -51.76 53.50 -22.57
C PRO D 2 -50.84 54.68 -22.28
N SER D 3 -51.24 55.53 -21.33
CA SER D 3 -50.40 56.64 -20.88
C SER D 3 -50.73 56.93 -19.42
N ILE D 4 -49.71 56.92 -18.56
CA ILE D 4 -49.90 57.28 -17.16
C ILE D 4 -48.80 58.25 -16.75
N LYS D 5 -49.15 59.15 -15.84
CA LYS D 5 -48.24 60.16 -15.33
C LYS D 5 -47.72 59.78 -13.95
N LEU D 6 -46.47 60.18 -13.68
CA LEU D 6 -45.83 59.98 -12.39
C LEU D 6 -45.47 61.35 -11.82
N GLN D 7 -45.78 61.54 -10.53
CA GLN D 7 -45.46 62.76 -9.81
C GLN D 7 -44.16 62.53 -9.04
N SER D 8 -43.07 63.12 -9.52
CA SER D 8 -41.76 62.84 -8.97
C SER D 8 -41.49 63.72 -7.75
N SER D 9 -40.34 63.49 -7.12
CA SER D 9 -39.92 64.32 -5.99
C SER D 9 -39.73 65.77 -6.41
N ASP D 10 -39.18 65.99 -7.60
CA ASP D 10 -38.78 67.31 -8.05
C ASP D 10 -39.96 68.20 -8.41
N GLY D 11 -41.18 67.67 -8.35
CA GLY D 11 -42.36 68.39 -8.76
C GLY D 11 -42.73 68.23 -10.21
N GLU D 12 -41.86 67.63 -11.01
CA GLU D 12 -42.13 67.44 -12.43
C GLU D 12 -42.99 66.20 -12.66
N ILE D 13 -43.84 66.27 -13.67
CA ILE D 13 -44.72 65.17 -14.06
C ILE D 13 -44.11 64.45 -15.25
N PHE D 14 -44.09 63.12 -15.20
CA PHE D 14 -43.50 62.31 -16.27
C PHE D 14 -44.54 61.32 -16.76
N GLU D 15 -45.06 61.54 -17.96
CA GLU D 15 -46.05 60.64 -18.54
C GLU D 15 -45.37 59.66 -19.50
N VAL D 16 -45.74 58.39 -19.39
CA VAL D 16 -45.11 57.32 -20.16
C VAL D 16 -46.16 56.25 -20.44
N ASP D 17 -45.98 55.54 -21.54
CA ASP D 17 -46.85 54.41 -21.86
C ASP D 17 -46.79 53.37 -20.76
N VAL D 18 -47.98 52.98 -20.27
CA VAL D 18 -48.06 52.24 -19.02
C VAL D 18 -47.56 50.81 -19.18
N GLU D 19 -47.88 50.17 -20.31
CA GLU D 19 -47.75 48.72 -20.40
C GLU D 19 -46.30 48.27 -20.20
N ILE D 20 -45.37 48.79 -21.00
CA ILE D 20 -43.98 48.37 -20.89
C ILE D 20 -43.35 48.88 -19.60
N ALA D 21 -43.90 49.92 -19.00
CA ALA D 21 -43.40 50.44 -17.74
C ALA D 21 -43.96 49.70 -16.53
N LYS D 22 -44.93 48.82 -16.74
CA LYS D 22 -45.51 48.03 -15.65
C LYS D 22 -44.54 47.03 -15.05
N GLN D 23 -43.29 46.96 -15.54
CA GLN D 23 -42.32 46.04 -14.96
C GLN D 23 -42.04 46.35 -13.50
N SER D 24 -42.36 47.56 -13.04
CA SER D 24 -42.36 47.89 -11.62
C SER D 24 -43.68 47.45 -11.02
N VAL D 25 -43.63 46.51 -10.07
CA VAL D 25 -44.86 45.91 -9.57
C VAL D 25 -45.65 46.89 -8.72
N THR D 26 -44.98 47.85 -8.08
CA THR D 26 -45.70 48.78 -7.21
C THR D 26 -46.55 49.76 -8.00
N ILE D 27 -46.03 50.30 -9.10
CA ILE D 27 -46.78 51.29 -9.86
C ILE D 27 -47.99 50.64 -10.52
N LYS D 28 -47.80 49.48 -11.15
CA LYS D 28 -48.95 48.75 -11.70
C LYS D 28 -49.90 48.31 -10.61
N THR D 29 -49.38 48.01 -9.40
CA THR D 29 -50.23 47.65 -8.29
C THR D 29 -51.20 48.78 -7.97
N MET D 30 -50.67 49.98 -7.72
CA MET D 30 -51.56 51.12 -7.47
C MET D 30 -52.37 51.51 -8.72
N LEU D 31 -51.90 51.12 -9.91
CA LEU D 31 -52.62 51.43 -11.14
C LEU D 31 -53.92 50.63 -11.22
N GLU D 32 -53.83 49.31 -11.13
CA GLU D 32 -55.05 48.49 -11.22
C GLU D 32 -55.84 48.52 -9.93
N ASP D 33 -55.19 48.69 -8.78
CA ASP D 33 -55.90 48.90 -7.52
C ASP D 33 -56.71 50.19 -7.56
N ASP D 43 -54.95 62.45 -11.94
CA ASP D 43 -53.76 62.88 -11.23
C ASP D 43 -52.76 61.73 -11.06
N PRO D 44 -51.47 62.03 -11.16
CA PRO D 44 -50.45 60.98 -11.16
C PRO D 44 -50.33 60.29 -9.80
N VAL D 45 -49.48 59.27 -9.79
CA VAL D 45 -49.09 58.57 -8.57
C VAL D 45 -47.86 59.27 -8.00
N PRO D 46 -47.82 59.55 -6.70
CA PRO D 46 -46.65 60.24 -6.13
C PRO D 46 -45.43 59.33 -6.11
N LEU D 47 -44.30 59.87 -6.57
CA LEU D 47 -43.00 59.21 -6.53
C LEU D 47 -42.08 60.08 -5.69
N PRO D 48 -42.05 59.88 -4.38
CA PRO D 48 -41.37 60.83 -3.48
C PRO D 48 -39.93 60.50 -3.09
N ASN D 49 -39.31 59.46 -3.66
CA ASN D 49 -38.01 59.02 -3.16
C ASN D 49 -36.83 59.34 -4.07
N VAL D 50 -37.04 59.60 -5.35
CA VAL D 50 -35.92 59.76 -6.28
C VAL D 50 -36.25 60.84 -7.30
N ASN D 51 -35.20 61.46 -7.83
CA ASN D 51 -35.31 62.60 -8.73
C ASN D 51 -35.54 62.16 -10.17
N ALA D 52 -35.70 63.14 -11.05
CA ALA D 52 -36.16 62.88 -12.42
C ALA D 52 -35.12 62.14 -13.25
N ALA D 53 -33.84 62.44 -13.04
CA ALA D 53 -32.80 61.86 -13.90
C ALA D 53 -32.83 60.34 -13.87
N ILE D 54 -32.95 59.77 -12.67
CA ILE D 54 -33.11 58.32 -12.55
C ILE D 54 -34.35 57.84 -13.29
N LEU D 55 -35.42 58.63 -13.23
CA LEU D 55 -36.66 58.25 -13.89
C LEU D 55 -36.47 58.14 -15.40
N LYS D 56 -35.90 59.16 -16.02
CA LYS D 56 -35.73 59.09 -17.48
C LYS D 56 -34.66 58.07 -17.87
N LYS D 57 -33.64 57.90 -17.03
CA LYS D 57 -32.70 56.78 -17.21
C LYS D 57 -33.46 55.47 -17.34
N VAL D 58 -34.29 55.15 -16.35
CA VAL D 58 -34.98 53.86 -16.35
C VAL D 58 -36.03 53.80 -17.45
N ILE D 59 -36.61 54.94 -17.83
CA ILE D 59 -37.59 54.95 -18.91
C ILE D 59 -36.93 54.56 -20.23
N GLN D 60 -35.87 55.29 -20.61
CA GLN D 60 -35.16 54.95 -21.83
C GLN D 60 -34.50 53.59 -21.75
N TRP D 61 -34.22 53.09 -20.54
CA TRP D 61 -33.70 51.74 -20.39
C TRP D 61 -34.76 50.69 -20.69
N CYS D 62 -35.95 50.85 -20.10
CA CYS D 62 -37.01 49.86 -20.29
C CYS D 62 -37.53 49.88 -21.71
N THR D 63 -37.63 51.06 -22.33
CA THR D 63 -37.99 51.11 -23.73
C THR D 63 -36.91 50.51 -24.61
N HIS D 64 -35.65 50.62 -24.20
CA HIS D 64 -34.55 49.99 -24.95
C HIS D 64 -34.57 48.48 -24.79
N HIS D 65 -35.06 47.97 -23.66
CA HIS D 65 -34.94 46.56 -23.31
C HIS D 65 -36.33 45.92 -23.32
N LYS D 66 -36.64 45.24 -24.43
CA LYS D 66 -37.90 44.55 -24.59
C LYS D 66 -37.74 43.03 -24.56
N ASP D 67 -36.83 42.50 -25.38
CA ASP D 67 -36.52 41.07 -25.39
C ASP D 67 -37.76 40.21 -25.61
N ASP D 89 -26.52 47.74 -21.32
CA ASP D 89 -26.39 49.12 -20.88
C ASP D 89 -25.04 49.35 -20.21
N GLN D 90 -23.98 48.82 -20.83
CA GLN D 90 -22.64 48.98 -20.30
C GLN D 90 -22.28 50.45 -20.11
N GLU D 91 -22.32 51.22 -21.19
CA GLU D 91 -21.97 52.64 -21.13
C GLU D 91 -22.94 53.44 -20.27
N PHE D 92 -24.20 52.99 -20.19
CA PHE D 92 -25.22 53.74 -19.48
C PHE D 92 -24.83 54.07 -18.05
N LEU D 93 -24.00 53.23 -17.43
CA LEU D 93 -23.69 53.36 -16.01
C LEU D 93 -22.33 53.99 -15.75
N LYS D 94 -21.65 54.51 -16.77
CA LYS D 94 -20.34 55.13 -16.59
C LYS D 94 -20.53 56.51 -15.97
N VAL D 95 -21.04 56.51 -14.74
CA VAL D 95 -21.34 57.70 -13.98
C VAL D 95 -20.71 57.56 -12.60
N ASP D 96 -20.92 58.57 -11.76
CA ASP D 96 -20.39 58.54 -10.39
C ASP D 96 -20.97 57.37 -9.61
N GLN D 97 -20.32 57.06 -8.48
CA GLN D 97 -20.80 55.99 -7.62
C GLN D 97 -22.11 56.37 -6.94
N GLY D 98 -22.22 57.62 -6.48
CA GLY D 98 -23.42 58.04 -5.74
C GLY D 98 -24.70 57.82 -6.51
N THR D 99 -24.72 58.22 -7.78
CA THR D 99 -25.94 58.07 -8.58
C THR D 99 -26.24 56.60 -8.86
N LEU D 100 -25.22 55.76 -8.95
CA LEU D 100 -25.48 54.34 -9.11
C LEU D 100 -26.10 53.76 -7.85
N PHE D 101 -25.62 54.18 -6.68
CA PHE D 101 -26.27 53.78 -5.43
C PHE D 101 -27.72 54.26 -5.40
N GLU D 102 -27.97 55.48 -5.85
CA GLU D 102 -29.34 55.99 -5.86
C GLU D 102 -30.22 55.19 -6.81
N LEU D 103 -29.68 54.76 -7.93
CA LEU D 103 -30.49 53.98 -8.86
C LEU D 103 -30.73 52.56 -8.36
N ILE D 104 -29.75 51.95 -7.68
CA ILE D 104 -30.01 50.64 -7.10
C ILE D 104 -31.06 50.74 -6.01
N LEU D 105 -31.03 51.80 -5.20
CA LEU D 105 -32.06 51.96 -4.19
C LEU D 105 -33.42 52.27 -4.81
N ALA D 106 -33.43 52.97 -5.95
CA ALA D 106 -34.67 53.23 -6.66
C ALA D 106 -35.27 51.92 -7.17
N ALA D 107 -34.47 51.14 -7.91
CA ALA D 107 -34.93 49.84 -8.37
C ALA D 107 -35.31 48.93 -7.21
N ASN D 108 -34.73 49.17 -6.03
CA ASN D 108 -35.21 48.52 -4.81
C ASN D 108 -36.65 48.94 -4.52
N TYR D 109 -36.91 50.24 -4.60
CA TYR D 109 -38.29 50.69 -4.47
C TYR D 109 -39.09 50.39 -5.73
N LEU D 110 -38.47 50.54 -6.91
CA LEU D 110 -39.19 50.30 -8.15
C LEU D 110 -39.53 48.83 -8.35
N ASP D 111 -38.75 47.93 -7.75
CA ASP D 111 -38.92 46.49 -7.94
C ASP D 111 -38.85 46.12 -9.42
N ILE D 112 -37.79 46.59 -10.08
CA ILE D 112 -37.53 46.33 -11.49
C ILE D 112 -36.33 45.40 -11.57
N LYS D 113 -36.57 44.17 -12.04
CA LYS D 113 -35.53 43.14 -12.04
C LYS D 113 -34.31 43.58 -12.84
N GLY D 114 -34.53 44.19 -14.00
CA GLY D 114 -33.43 44.44 -14.92
C GLY D 114 -32.42 45.44 -14.38
N LEU D 115 -32.90 46.57 -13.89
CA LEU D 115 -32.00 47.59 -13.33
C LEU D 115 -31.12 47.00 -12.24
N LEU D 116 -31.74 46.32 -11.28
CA LEU D 116 -31.00 45.67 -10.20
C LEU D 116 -29.97 44.69 -10.76
N ASP D 117 -30.41 43.78 -11.63
CA ASP D 117 -29.51 42.75 -12.15
C ASP D 117 -28.30 43.38 -12.81
N VAL D 118 -28.51 44.36 -13.69
CA VAL D 118 -27.40 44.92 -14.45
C VAL D 118 -26.48 45.74 -13.56
N THR D 119 -27.03 46.53 -12.64
CA THR D 119 -26.16 47.33 -11.78
C THR D 119 -25.36 46.44 -10.83
N CYS D 120 -25.98 45.40 -10.27
CA CYS D 120 -25.23 44.50 -9.41
C CYS D 120 -24.19 43.72 -10.21
N LYS D 121 -24.52 43.37 -11.46
CA LYS D 121 -23.55 42.68 -12.30
C LYS D 121 -22.34 43.56 -12.58
N THR D 122 -22.56 44.84 -12.86
CA THR D 122 -21.44 45.71 -13.17
C THR D 122 -20.61 46.02 -11.92
N VAL D 123 -21.25 46.17 -10.76
CA VAL D 123 -20.49 46.35 -9.53
C VAL D 123 -19.69 45.10 -9.20
N ALA D 124 -20.28 43.92 -9.45
CA ALA D 124 -19.56 42.67 -9.21
C ALA D 124 -18.33 42.57 -10.11
N ASN D 125 -18.52 42.77 -11.41
CA ASN D 125 -17.38 42.73 -12.33
C ASN D 125 -16.37 43.83 -12.01
N MET D 126 -16.82 44.91 -11.38
CA MET D 126 -15.92 45.94 -10.90
C MET D 126 -15.04 45.41 -9.78
N ILE D 127 -15.64 44.73 -8.80
CA ILE D 127 -14.87 44.30 -7.63
C ILE D 127 -14.05 43.05 -7.89
N LYS D 128 -14.41 42.24 -8.90
CA LYS D 128 -13.71 41.00 -9.15
C LYS D 128 -12.22 41.24 -9.44
N GLY D 129 -11.40 40.30 -9.02
CA GLY D 129 -9.98 40.31 -9.33
C GLY D 129 -9.18 41.41 -8.66
N LYS D 130 -9.41 41.63 -7.36
CA LYS D 130 -8.72 42.68 -6.64
C LYS D 130 -8.25 42.17 -5.28
N THR D 131 -7.33 42.92 -4.70
CA THR D 131 -6.73 42.87 -3.38
C THR D 131 -7.59 43.68 -2.40
N PRO D 132 -7.66 43.26 -1.13
CA PRO D 132 -8.45 44.04 -0.15
C PRO D 132 -8.18 45.54 -0.18
N GLU D 133 -6.93 45.95 -0.38
CA GLU D 133 -6.65 47.37 -0.51
C GLU D 133 -7.19 47.93 -1.82
N GLU D 134 -7.21 47.11 -2.88
CA GLU D 134 -7.84 47.56 -4.11
C GLU D 134 -9.35 47.72 -3.93
N ILE D 135 -9.96 46.90 -3.07
CA ILE D 135 -11.35 47.14 -2.69
C ILE D 135 -11.47 48.46 -1.94
N ARG D 136 -10.57 48.70 -0.98
CA ARG D 136 -10.58 49.95 -0.24
C ARG D 136 -10.47 51.16 -1.16
N LYS D 137 -9.73 51.03 -2.27
CA LYS D 137 -9.73 52.08 -3.28
C LYS D 137 -11.04 52.10 -4.04
N THR D 138 -11.63 50.92 -4.28
CA THR D 138 -12.79 50.81 -5.16
C THR D 138 -14.02 51.49 -4.57
N PHE D 139 -14.29 51.26 -3.27
CA PHE D 139 -15.55 51.68 -2.68
C PHE D 139 -15.37 52.69 -1.55
N ASN D 140 -14.26 53.43 -1.55
CA ASN D 140 -14.03 54.53 -0.62
C ASN D 140 -14.13 54.10 0.84
N ILE D 141 -13.81 52.83 1.12
CA ILE D 141 -13.87 52.30 2.48
C ILE D 141 -12.46 52.26 3.05
N LYS D 142 -12.28 52.87 4.22
CA LYS D 142 -10.97 52.90 4.86
C LYS D 142 -10.69 51.58 5.59
N ASN D 143 -9.42 51.19 5.58
CA ASN D 143 -8.98 50.00 6.31
C ASN D 143 -8.99 50.30 7.80
N ASP D 144 -10.00 49.81 8.50
CA ASP D 144 -10.13 50.01 9.94
C ASP D 144 -9.84 48.73 10.72
N PHE D 145 -8.90 47.94 10.21
CA PHE D 145 -8.47 46.70 10.84
C PHE D 145 -7.08 46.85 11.41
N THR D 146 -6.92 46.52 12.69
CA THR D 146 -5.61 46.54 13.31
C THR D 146 -4.69 45.50 12.66
N GLU D 147 -3.40 45.59 12.95
CA GLU D 147 -2.42 44.78 12.23
C GLU D 147 -2.47 43.32 12.66
N GLU D 148 -2.62 43.05 13.95
CA GLU D 148 -2.77 41.66 14.39
C GLU D 148 -4.01 41.03 13.76
N GLU D 149 -5.12 41.78 13.72
CA GLU D 149 -6.31 41.29 13.06
C GLU D 149 -6.08 41.10 11.56
N GLU D 150 -5.34 42.02 10.94
CA GLU D 150 -5.08 41.91 9.51
C GLU D 150 -4.26 40.68 9.19
N ALA D 151 -3.29 40.36 10.04
CA ALA D 151 -2.50 39.14 9.82
C ALA D 151 -3.33 37.89 10.05
N GLN D 152 -3.96 37.80 11.22
CA GLN D 152 -4.64 36.56 11.59
C GLN D 152 -5.89 36.32 10.75
N VAL D 153 -6.48 37.36 10.16
CA VAL D 153 -7.58 37.14 9.23
C VAL D 153 -7.07 36.47 7.95
N ARG D 154 -5.95 36.95 7.41
CA ARG D 154 -5.36 36.30 6.25
C ARG D 154 -4.30 35.28 6.65
N LYS D 155 -4.66 34.38 7.57
CA LYS D 155 -3.95 33.11 7.73
C LYS D 155 -4.89 31.93 7.60
N GLU D 156 -6.10 32.04 8.15
CA GLU D 156 -7.11 31.01 7.96
C GLU D 156 -7.83 31.17 6.62
N ASN D 157 -8.16 32.41 6.26
CA ASN D 157 -8.90 32.69 5.04
C ASN D 157 -8.08 32.46 3.77
N GLN D 158 -6.83 32.00 3.88
CA GLN D 158 -5.98 31.83 2.70
C GLN D 158 -6.59 30.84 1.71
N TRP D 159 -7.28 29.81 2.21
CA TRP D 159 -7.83 28.80 1.32
C TRP D 159 -8.90 29.39 0.43
N CYS D 160 -8.62 29.46 -0.88
CA CYS D 160 -9.53 29.99 -1.88
C CYS D 160 -8.95 29.78 -3.28
#